data_9GA1
#
_entry.id   9GA1
#
_cell.length_a   175.430
_cell.length_b   191.346
_cell.length_c   184.313
_cell.angle_alpha   90.00
_cell.angle_beta   90.00
_cell.angle_gamma   90.00
#
_symmetry.space_group_name_H-M   'C 2 2 21'
#
loop_
_entity.id
_entity.type
_entity.pdbx_description
1 polymer 'Major outer membrane protein'
2 non-polymer 'PALMITIC ACID'
3 non-polymer N-OCTANE
4 non-polymer beta-D-glucopyranose
5 non-polymer OCTAN-1-OL
6 water water
#
_entity_poly.entity_id   1
_entity_poly.type   'polypeptide(L)'
_entity_poly.pdbx_seq_one_letter_code
;SKARVEALANSRHVLDFQTAFDRPYQF(MSE)ALSEQATIEWGNTGDANPHAEGGFVKRHGDDSAFGAYFGRRSADFSEA
VQTVRDANPAFADL(MSE)FEQNGLNLFYASK(MSE)GEWTWGVTAKYSNGKNEDPTVGTKATSAGVAVAASNGTWDFEL
VQGFTGKSELDNGTVTAEVESKGLTNVTVGYH(MSE)SPE(MSE)EVYGNVK(MSE)SKVEADLNGTPIEVETTSYKVG
(MSE)VNTLAKSEEGNFFYGVEVASTKVKDDSESLLLPVY(MSE)GVEHNAASWLVLRASVAQNVILNETKDDATGNKTD
EDSTR(MSE)AAGAGIKFGKSVIDASFAGSTTGVINANNLFSQVAYTYTF
;
_entity_poly.pdbx_strand_id   A,B,C,D,E
#
# COMPACT_ATOMS: atom_id res chain seq x y z
N SER A 1 -23.86 -2.47 -11.71
CA SER A 1 -22.94 -3.39 -11.04
C SER A 1 -23.46 -3.77 -9.65
N LYS A 2 -23.01 -4.94 -9.16
CA LYS A 2 -23.38 -5.37 -7.81
C LYS A 2 -22.97 -4.37 -6.75
N ALA A 3 -21.71 -3.89 -6.80
CA ALA A 3 -21.22 -2.94 -5.81
C ALA A 3 -22.07 -1.67 -5.79
N ARG A 4 -22.46 -1.20 -6.97
CA ARG A 4 -23.33 -0.02 -7.06
C ARG A 4 -24.67 -0.28 -6.38
N VAL A 5 -25.35 -1.37 -6.75
CA VAL A 5 -26.67 -1.66 -6.20
C VAL A 5 -26.57 -1.85 -4.70
N GLU A 6 -25.49 -2.48 -4.23
CA GLU A 6 -25.36 -2.74 -2.80
C GLU A 6 -25.12 -1.43 -2.02
N ALA A 7 -24.22 -0.57 -2.51
CA ALA A 7 -24.03 0.71 -1.86
C ALA A 7 -25.31 1.55 -1.91
N LEU A 8 -26.19 1.31 -2.89
CA LEU A 8 -27.47 2.02 -2.93
C LEU A 8 -28.59 1.27 -2.21
N ALA A 9 -28.25 0.29 -1.38
CA ALA A 9 -29.19 -0.39 -0.47
C ALA A 9 -30.16 -1.29 -1.18
N ASN A 10 -29.89 -1.66 -2.44
CA ASN A 10 -30.81 -2.48 -3.22
C ASN A 10 -32.19 -1.83 -3.35
N SER A 11 -32.26 -0.54 -3.10
CA SER A 11 -33.52 0.20 -3.16
C SER A 11 -34.16 0.06 -4.52
N ARG A 12 -35.50 0.15 -4.54
CA ARG A 12 -36.26 -0.08 -5.77
C ARG A 12 -36.14 1.06 -6.78
N HIS A 13 -35.78 2.26 -6.34
CA HIS A 13 -35.59 3.35 -7.31
C HIS A 13 -34.37 3.15 -8.20
N VAL A 14 -33.47 2.22 -7.89
CA VAL A 14 -32.23 2.08 -8.64
C VAL A 14 -32.51 1.42 -9.98
N LEU A 15 -31.92 1.98 -11.04
CA LEU A 15 -31.93 1.37 -12.36
C LEU A 15 -30.50 0.91 -12.66
N ASP A 16 -30.35 -0.37 -13.01
CA ASP A 16 -29.03 -0.97 -13.16
C ASP A 16 -29.16 -2.24 -13.97
N PHE A 17 -28.07 -2.64 -14.62
CA PHE A 17 -28.04 -3.93 -15.27
C PHE A 17 -28.40 -5.05 -14.29
N GLN A 18 -28.01 -4.92 -13.03
CA GLN A 18 -28.17 -5.98 -12.05
C GLN A 18 -29.57 -6.02 -11.43
N THR A 19 -30.31 -4.93 -11.52
CA THR A 19 -31.69 -4.98 -11.07
C THR A 19 -32.65 -5.37 -12.18
N ALA A 20 -32.18 -5.33 -13.44
CA ALA A 20 -33.06 -5.59 -14.57
C ALA A 20 -33.39 -7.07 -14.72
N PHE A 21 -32.50 -7.97 -14.30
CA PHE A 21 -32.77 -9.40 -14.43
C PHE A 21 -34.16 -9.75 -13.92
N ASP A 22 -34.54 -9.22 -12.74
CA ASP A 22 -35.82 -9.52 -12.12
C ASP A 22 -36.85 -8.39 -12.28
N ARG A 23 -36.63 -7.48 -13.24
CA ARG A 23 -37.46 -6.35 -13.61
C ARG A 23 -37.18 -6.06 -15.07
N PRO A 24 -37.40 -7.04 -15.95
CA PRO A 24 -36.81 -6.99 -17.30
C PRO A 24 -37.30 -5.86 -18.20
N TYR A 25 -38.41 -5.19 -17.88
CA TYR A 25 -38.72 -3.99 -18.62
C TYR A 25 -37.60 -2.96 -18.47
N GLN A 26 -36.85 -3.05 -17.36
CA GLN A 26 -35.70 -2.15 -17.16
C GLN A 26 -34.68 -2.30 -18.27
N PHE A 27 -34.53 -3.50 -18.86
CA PHE A 27 -33.57 -3.63 -19.97
C PHE A 27 -33.87 -2.67 -21.09
N ALA A 29 -34.90 0.58 -20.61
CA ALA A 29 -34.45 1.89 -20.14
C ALA A 29 -32.94 2.00 -20.02
N LEU A 30 -32.22 0.89 -19.92
CA LEU A 30 -30.78 0.92 -19.80
C LEU A 30 -30.15 1.33 -21.12
N SER A 31 -29.00 2.00 -21.04
CA SER A 31 -28.24 2.29 -22.25
C SER A 31 -27.60 1.01 -22.78
N GLU A 32 -27.47 0.92 -24.10
CA GLU A 32 -26.69 -0.18 -24.65
C GLU A 32 -25.34 -0.24 -23.93
N GLN A 33 -24.98 -1.42 -23.44
CA GLN A 33 -23.80 -1.47 -22.59
C GLN A 33 -23.32 -2.91 -22.42
N ALA A 34 -22.03 -3.07 -22.13
CA ALA A 34 -21.43 -4.33 -21.74
C ALA A 34 -20.84 -4.20 -20.34
N THR A 35 -21.08 -5.20 -19.48
CA THR A 35 -20.65 -5.16 -18.10
C THR A 35 -20.01 -6.49 -17.75
N ILE A 36 -18.97 -6.44 -16.90
CA ILE A 36 -18.21 -7.60 -16.43
C ILE A 36 -17.99 -7.46 -14.94
N GLU A 37 -18.50 -8.41 -14.15
CA GLU A 37 -18.20 -8.49 -12.73
C GLU A 37 -16.90 -9.27 -12.55
N TRP A 38 -15.89 -8.61 -11.95
CA TRP A 38 -14.59 -9.25 -11.74
C TRP A 38 -14.72 -10.40 -10.75
N GLY A 39 -14.05 -11.51 -11.07
CA GLY A 39 -13.96 -12.61 -10.12
C GLY A 39 -13.37 -13.84 -10.77
N ASN A 40 -13.65 -14.99 -10.18
CA ASN A 40 -12.98 -16.22 -10.57
C ASN A 40 -13.99 -17.28 -10.98
N THR A 41 -13.47 -18.26 -11.73
CA THR A 41 -14.26 -19.42 -12.12
C THR A 41 -14.50 -20.34 -10.94
N GLY A 42 -15.52 -21.18 -11.07
CA GLY A 42 -15.77 -22.19 -10.07
C GLY A 42 -16.41 -21.68 -8.80
N ASP A 43 -15.98 -22.24 -7.66
CA ASP A 43 -16.53 -21.92 -6.35
C ASP A 43 -15.73 -20.75 -5.79
N ALA A 44 -16.14 -19.56 -6.20
CA ALA A 44 -15.35 -18.38 -5.93
C ALA A 44 -16.30 -17.24 -5.64
N ASN A 45 -15.92 -16.39 -4.69
CA ASN A 45 -16.70 -15.21 -4.34
C ASN A 45 -15.75 -14.00 -4.29
N PRO A 46 -15.80 -13.09 -5.25
CA PRO A 46 -16.78 -13.01 -6.36
C PRO A 46 -16.52 -14.03 -7.45
N HIS A 47 -17.61 -14.45 -8.08
CA HIS A 47 -17.60 -15.34 -9.23
C HIS A 47 -17.61 -14.49 -10.50
N ALA A 48 -16.82 -14.87 -11.49
CA ALA A 48 -16.77 -14.10 -12.72
C ALA A 48 -18.14 -14.05 -13.37
N GLU A 49 -18.58 -12.85 -13.80
CA GLU A 49 -19.80 -12.78 -14.61
C GLU A 49 -19.68 -11.67 -15.64
N GLY A 50 -20.64 -11.62 -16.54
CA GLY A 50 -20.65 -10.56 -17.54
C GLY A 50 -21.61 -10.78 -18.70
N GLY A 51 -21.95 -9.70 -19.38
CA GLY A 51 -22.85 -9.76 -20.51
C GLY A 51 -23.16 -8.39 -21.05
N PHE A 52 -24.21 -8.30 -21.85
CA PHE A 52 -24.49 -7.09 -22.61
C PHE A 52 -25.99 -6.88 -22.78
N VAL A 53 -26.38 -5.64 -22.99
CA VAL A 53 -27.72 -5.31 -23.45
C VAL A 53 -27.59 -4.40 -24.67
N LYS A 54 -28.35 -4.73 -25.71
CA LYS A 54 -28.32 -4.06 -27.00
C LYS A 54 -29.72 -3.57 -27.33
N ARG A 55 -29.80 -2.48 -28.08
CA ARG A 55 -31.09 -2.04 -28.62
C ARG A 55 -31.32 -2.72 -29.96
N HIS A 56 -32.58 -3.11 -30.20
CA HIS A 56 -33.00 -3.67 -31.48
C HIS A 56 -34.08 -2.77 -32.05
N GLY A 57 -33.69 -1.81 -32.87
CA GLY A 57 -34.64 -0.82 -33.29
C GLY A 57 -35.05 0.06 -32.11
N ASP A 58 -36.13 0.81 -32.33
CA ASP A 58 -36.50 1.87 -31.41
C ASP A 58 -37.20 1.35 -30.18
N ASP A 59 -37.90 0.22 -30.29
CA ASP A 59 -38.87 -0.16 -29.27
C ASP A 59 -38.56 -1.50 -28.60
N SER A 60 -37.34 -2.03 -28.75
CA SER A 60 -37.03 -3.25 -28.02
C SER A 60 -35.53 -3.36 -27.76
N ALA A 61 -35.20 -4.23 -26.79
CA ALA A 61 -33.85 -4.49 -26.35
C ALA A 61 -33.70 -5.97 -26.08
N PHE A 62 -32.49 -6.48 -26.18
CA PHE A 62 -32.26 -7.87 -25.82
C PHE A 62 -30.81 -8.04 -25.41
N GLY A 63 -30.51 -9.18 -24.80
CA GLY A 63 -29.13 -9.45 -24.44
C GLY A 63 -28.97 -10.77 -23.73
N ALA A 64 -27.70 -11.11 -23.47
CA ALA A 64 -27.35 -12.34 -22.75
C ALA A 64 -26.38 -12.02 -21.63
N TYR A 65 -26.27 -12.95 -20.69
CA TYR A 65 -25.41 -12.76 -19.53
C TYR A 65 -24.86 -14.12 -19.06
N PHE A 66 -23.59 -14.14 -18.70
CA PHE A 66 -22.89 -15.35 -18.29
C PHE A 66 -22.59 -15.34 -16.79
N GLY A 67 -22.84 -16.48 -16.13
CA GLY A 67 -22.30 -16.75 -14.82
C GLY A 67 -23.17 -16.39 -13.64
N ARG A 68 -24.40 -15.94 -13.86
CA ARG A 68 -25.23 -15.47 -12.75
C ARG A 68 -25.73 -16.65 -11.92
N ARG A 69 -25.64 -16.53 -10.60
CA ARG A 69 -26.06 -17.59 -9.69
C ARG A 69 -27.19 -17.10 -8.80
N SER A 70 -28.25 -17.91 -8.66
CA SER A 70 -29.39 -17.53 -7.83
C SER A 70 -29.02 -17.49 -6.35
N ALA A 71 -29.51 -16.45 -5.67
CA ALA A 71 -29.23 -16.33 -4.24
C ALA A 71 -29.78 -17.54 -3.48
N ASP A 72 -31.00 -17.94 -3.82
CA ASP A 72 -31.66 -19.03 -3.12
C ASP A 72 -30.93 -20.35 -3.34
N PHE A 73 -30.59 -20.64 -4.61
CA PHE A 73 -29.85 -21.85 -4.94
C PHE A 73 -28.55 -21.94 -4.15
N SER A 74 -27.75 -20.87 -4.20
CA SER A 74 -26.45 -20.91 -3.54
C SER A 74 -26.60 -21.00 -2.04
N GLU A 75 -27.59 -20.32 -1.47
CA GLU A 75 -27.84 -20.48 -0.04
C GLU A 75 -28.14 -21.93 0.31
N ALA A 76 -29.07 -22.56 -0.42
CA ALA A 76 -29.43 -23.94 -0.11
C ALA A 76 -28.21 -24.84 -0.19
N VAL A 77 -27.49 -24.78 -1.31
CA VAL A 77 -26.33 -25.63 -1.47
C VAL A 77 -25.32 -25.40 -0.34
N GLN A 78 -25.10 -24.14 0.04
CA GLN A 78 -24.12 -23.84 1.09
C GLN A 78 -24.57 -24.39 2.43
N THR A 79 -25.88 -24.33 2.71
CA THR A 79 -26.38 -24.95 3.93
C THR A 79 -26.08 -26.43 3.96
N VAL A 80 -26.38 -27.13 2.89
CA VAL A 80 -26.02 -28.55 2.84
C VAL A 80 -24.52 -28.72 3.07
N ARG A 81 -23.68 -28.01 2.32
CA ARG A 81 -22.23 -28.15 2.46
C ARG A 81 -21.78 -27.94 3.90
N ASP A 82 -22.35 -26.95 4.58
CA ASP A 82 -21.96 -26.67 5.96
C ASP A 82 -22.51 -27.72 6.94
N ALA A 83 -23.56 -28.45 6.55
CA ALA A 83 -24.06 -29.51 7.41
C ALA A 83 -22.98 -30.57 7.68
N ASN A 84 -22.39 -31.13 6.62
CA ASN A 84 -21.41 -32.20 6.81
C ASN A 84 -20.28 -32.06 5.80
N PRO A 85 -19.02 -32.16 6.24
CA PRO A 85 -17.89 -32.04 5.31
C PRO A 85 -17.86 -33.10 4.23
N ALA A 86 -18.63 -34.18 4.35
CA ALA A 86 -18.70 -35.12 3.24
C ALA A 86 -19.48 -34.55 2.05
N PHE A 87 -20.31 -33.54 2.28
CA PHE A 87 -21.07 -32.85 1.24
C PHE A 87 -20.30 -31.72 0.57
N ALA A 88 -18.97 -31.72 0.65
CA ALA A 88 -18.22 -30.56 0.20
C ALA A 88 -18.38 -30.32 -1.30
N ASP A 89 -18.64 -31.38 -2.09
CA ASP A 89 -18.68 -31.29 -3.55
C ASP A 89 -20.06 -30.94 -4.12
N LEU A 90 -21.09 -30.83 -3.28
CA LEU A 90 -22.41 -30.45 -3.77
C LEU A 90 -22.32 -29.17 -4.60
N PHE A 92 -22.80 -25.73 -6.84
CA PHE A 92 -23.57 -24.54 -7.17
C PHE A 92 -23.97 -24.64 -8.63
N GLU A 93 -24.75 -23.67 -9.12
CA GLU A 93 -25.11 -23.69 -10.53
C GLU A 93 -23.86 -23.56 -11.39
N GLN A 94 -23.83 -24.35 -12.47
CA GLN A 94 -22.70 -24.41 -13.40
C GLN A 94 -23.07 -23.71 -14.67
N ASN A 95 -22.18 -22.86 -15.16
CA ASN A 95 -22.36 -22.19 -16.46
C ASN A 95 -23.72 -21.51 -16.57
N GLY A 96 -24.06 -20.69 -15.58
CA GLY A 96 -25.33 -19.98 -15.63
C GLY A 96 -25.46 -19.14 -16.90
N LEU A 97 -26.65 -19.14 -17.47
CA LEU A 97 -26.92 -18.42 -18.71
C LEU A 97 -28.23 -17.68 -18.55
N ASN A 98 -28.21 -16.38 -18.90
CA ASN A 98 -29.41 -15.56 -18.95
C ASN A 98 -29.64 -15.05 -20.37
N LEU A 99 -30.90 -15.12 -20.81
CA LEU A 99 -31.31 -14.39 -22.00
C LEU A 99 -32.43 -13.47 -21.59
N PHE A 100 -32.51 -12.28 -22.21
CA PHE A 100 -33.54 -11.34 -21.83
C PHE A 100 -33.93 -10.51 -23.03
N TYR A 101 -35.18 -10.02 -22.98
CA TYR A 101 -35.77 -9.24 -24.05
C TYR A 101 -36.79 -8.28 -23.45
N ALA A 102 -36.87 -7.08 -24.01
CA ALA A 102 -37.84 -6.11 -23.56
C ALA A 102 -38.35 -5.34 -24.78
N SER A 103 -39.56 -4.82 -24.67
CA SER A 103 -40.20 -4.14 -25.77
C SER A 103 -41.22 -3.16 -25.23
N LYS A 104 -41.23 -1.98 -25.80
CA LYS A 104 -42.20 -0.95 -25.42
C LYS A 104 -43.24 -0.85 -26.54
N GLY A 106 -46.26 1.30 -27.23
CA GLY A 106 -47.02 2.45 -26.82
C GLY A 106 -46.69 2.89 -25.41
N GLU A 107 -47.65 2.75 -24.49
CA GLU A 107 -47.45 3.24 -23.13
C GLU A 107 -46.95 2.15 -22.17
N TRP A 108 -46.94 0.89 -22.58
CA TRP A 108 -46.47 -0.20 -21.73
C TRP A 108 -45.15 -0.77 -22.26
N THR A 109 -44.21 -0.99 -21.34
CA THR A 109 -43.00 -1.76 -21.60
C THR A 109 -43.11 -3.09 -20.87
N TRP A 110 -42.84 -4.18 -21.58
CA TRP A 110 -42.77 -5.48 -20.95
C TRP A 110 -41.43 -6.09 -21.25
N GLY A 111 -41.07 -7.07 -20.45
CA GLY A 111 -39.81 -7.77 -20.67
C GLY A 111 -39.83 -9.13 -20.01
N VAL A 112 -38.91 -9.97 -20.46
CA VAL A 112 -38.77 -11.32 -19.97
C VAL A 112 -37.30 -11.66 -19.83
N THR A 113 -36.98 -12.37 -18.76
CA THR A 113 -35.65 -12.94 -18.52
C THR A 113 -35.81 -14.44 -18.34
N ALA A 114 -34.98 -15.21 -19.03
CA ALA A 114 -34.87 -16.65 -18.87
C ALA A 114 -33.55 -16.97 -18.22
N LYS A 115 -33.59 -17.89 -17.26
CA LYS A 115 -32.40 -18.36 -16.57
C LYS A 115 -32.27 -19.86 -16.73
N TYR A 116 -31.09 -20.32 -17.16
CA TYR A 116 -30.79 -21.75 -17.24
C TYR A 116 -29.37 -22.03 -16.75
N SER A 117 -29.20 -23.18 -16.09
CA SER A 117 -27.87 -23.65 -15.72
C SER A 117 -27.89 -25.16 -15.61
N ASN A 118 -26.74 -25.78 -15.90
CA ASN A 118 -26.63 -27.23 -15.93
C ASN A 118 -25.20 -27.77 -15.95
N GLY A 119 -24.89 -28.70 -15.08
CA GLY A 119 -23.58 -29.32 -15.14
C GLY A 119 -23.49 -30.55 -14.27
N LYS A 120 -22.44 -31.33 -14.52
CA LYS A 120 -22.29 -32.62 -13.86
C LYS A 120 -20.81 -33.00 -13.81
N ASN A 121 -20.44 -33.75 -12.76
CA ASN A 121 -19.17 -34.45 -12.66
C ASN A 121 -19.45 -35.92 -12.40
N GLU A 122 -19.41 -36.75 -13.45
CA GLU A 122 -19.69 -38.19 -13.35
C GLU A 122 -18.49 -39.01 -12.89
N ASP A 123 -17.38 -38.37 -12.53
CA ASP A 123 -16.33 -39.08 -11.81
C ASP A 123 -16.97 -39.80 -10.62
N PRO A 124 -16.82 -41.12 -10.52
CA PRO A 124 -17.46 -41.84 -9.40
C PRO A 124 -17.13 -41.31 -8.01
N THR A 125 -15.91 -40.81 -7.77
CA THR A 125 -15.59 -40.31 -6.43
C THR A 125 -16.25 -38.96 -6.12
N VAL A 126 -16.85 -38.31 -7.11
CA VAL A 126 -17.47 -37.00 -6.95
C VAL A 126 -18.96 -37.17 -7.17
N GLY A 127 -19.34 -37.50 -8.39
CA GLY A 127 -20.71 -37.86 -8.71
C GLY A 127 -21.71 -36.78 -8.37
N THR A 128 -21.64 -35.66 -9.07
CA THR A 128 -22.50 -34.53 -8.76
C THR A 128 -23.27 -34.12 -10.01
N LYS A 129 -24.44 -33.51 -9.80
CA LYS A 129 -25.19 -32.97 -10.92
C LYS A 129 -26.10 -31.85 -10.42
N ALA A 130 -26.22 -30.78 -11.22
CA ALA A 130 -27.01 -29.61 -10.84
C ALA A 130 -27.68 -29.01 -12.06
N THR A 131 -28.92 -28.56 -11.87
CA THR A 131 -29.74 -27.93 -12.89
C THR A 131 -30.58 -26.83 -12.27
N SER A 132 -30.81 -25.77 -13.04
CA SER A 132 -31.74 -24.72 -12.63
C SER A 132 -32.35 -24.10 -13.87
N ALA A 133 -33.58 -23.61 -13.70
CA ALA A 133 -34.26 -22.91 -14.78
C ALA A 133 -35.38 -22.11 -14.18
N GLY A 134 -35.59 -20.93 -14.75
CA GLY A 134 -36.61 -20.05 -14.21
C GLY A 134 -36.84 -18.91 -15.17
N VAL A 135 -37.81 -18.08 -14.81
CA VAL A 135 -38.20 -16.98 -15.67
C VAL A 135 -38.64 -15.82 -14.80
N ALA A 136 -38.42 -14.62 -15.32
CA ALA A 136 -39.03 -13.41 -14.80
C ALA A 136 -39.76 -12.75 -15.96
N VAL A 137 -41.01 -12.37 -15.72
CA VAL A 137 -41.83 -11.64 -16.67
C VAL A 137 -42.28 -10.37 -15.96
N ALA A 138 -42.27 -9.23 -16.66
CA ALA A 138 -42.70 -8.02 -15.96
C ALA A 138 -43.16 -6.99 -16.97
N ALA A 139 -43.97 -6.04 -16.49
CA ALA A 139 -44.40 -4.94 -17.33
C ALA A 139 -44.66 -3.70 -16.48
N SER A 140 -44.59 -2.55 -17.14
CA SER A 140 -44.66 -1.26 -16.47
C SER A 140 -45.04 -0.20 -17.48
N ASN A 141 -45.71 0.86 -16.99
CA ASN A 141 -46.09 2.01 -17.81
C ASN A 141 -45.63 3.31 -17.18
N GLY A 142 -44.71 3.25 -16.21
CA GLY A 142 -44.28 4.41 -15.50
C GLY A 142 -45.04 4.65 -14.20
N THR A 143 -46.31 4.29 -14.16
CA THR A 143 -47.11 4.39 -12.95
C THR A 143 -47.24 3.06 -12.23
N TRP A 144 -47.47 1.98 -13.00
CA TRP A 144 -47.67 0.64 -12.47
C TRP A 144 -46.53 -0.28 -12.86
N ASP A 145 -45.93 -0.92 -11.86
CA ASP A 145 -44.97 -2.01 -12.05
C ASP A 145 -45.63 -3.33 -11.70
N PHE A 146 -45.52 -4.30 -12.60
CA PHE A 146 -45.96 -5.68 -12.36
C PHE A 146 -44.78 -6.61 -12.64
N GLU A 147 -44.33 -7.33 -11.61
CA GLU A 147 -43.17 -8.21 -11.74
C GLU A 147 -43.52 -9.59 -11.21
N LEU A 148 -43.21 -10.61 -12.01
CA LEU A 148 -43.37 -12.02 -11.63
C LEU A 148 -42.05 -12.75 -11.86
N VAL A 149 -41.53 -13.40 -10.81
CA VAL A 149 -40.34 -14.24 -10.89
C VAL A 149 -40.74 -15.64 -10.47
N GLN A 150 -40.57 -16.60 -11.37
CA GLN A 150 -41.02 -17.98 -11.16
C GLN A 150 -39.85 -18.92 -11.41
N GLY A 151 -39.47 -19.69 -10.40
CA GLY A 151 -38.53 -20.80 -10.62
C GLY A 151 -39.24 -22.01 -11.20
N PHE A 152 -38.61 -22.64 -12.19
CA PHE A 152 -39.08 -23.90 -12.75
C PHE A 152 -38.34 -25.10 -12.15
N THR A 153 -37.01 -25.04 -12.14
CA THR A 153 -36.21 -26.15 -11.69
C THR A 153 -35.08 -25.62 -10.82
N GLY A 154 -34.77 -26.36 -9.77
CA GLY A 154 -33.60 -26.12 -8.97
C GLY A 154 -33.25 -27.40 -8.23
N LYS A 155 -32.27 -28.13 -8.74
CA LYS A 155 -31.85 -29.35 -8.05
C LYS A 155 -30.33 -29.47 -8.07
N SER A 156 -29.75 -29.91 -6.96
CA SER A 156 -28.35 -30.28 -6.89
C SER A 156 -28.19 -31.55 -6.06
N GLU A 157 -27.44 -32.52 -6.57
CA GLU A 157 -27.30 -33.79 -5.87
C GLU A 157 -25.89 -34.35 -5.99
N LEU A 158 -25.54 -35.16 -4.99
CA LEU A 158 -24.23 -35.73 -4.76
C LEU A 158 -24.40 -37.20 -4.41
N ASP A 159 -23.50 -38.05 -4.95
CA ASP A 159 -23.52 -39.48 -4.66
C ASP A 159 -22.18 -40.08 -5.09
N ASN A 160 -21.30 -40.34 -4.12
CA ASN A 160 -19.91 -40.69 -4.38
C ASN A 160 -19.57 -42.11 -3.94
N GLY A 161 -20.58 -42.96 -3.74
CA GLY A 161 -20.36 -44.28 -3.19
C GLY A 161 -20.17 -44.32 -1.70
N THR A 162 -19.84 -43.20 -1.06
CA THR A 162 -19.79 -43.12 0.40
C THR A 162 -21.13 -42.56 0.89
N VAL A 163 -21.35 -41.25 0.67
CA VAL A 163 -22.59 -40.63 1.12
C VAL A 163 -23.46 -40.27 -0.07
N THR A 164 -24.62 -39.70 0.23
CA THR A 164 -25.48 -39.11 -0.77
C THR A 164 -26.12 -37.86 -0.17
N ALA A 165 -26.33 -36.87 -1.02
CA ALA A 165 -27.03 -35.66 -0.61
C ALA A 165 -27.84 -35.16 -1.79
N GLU A 166 -28.90 -34.42 -1.47
CA GLU A 166 -29.56 -33.69 -2.53
C GLU A 166 -30.36 -32.55 -1.91
N VAL A 167 -30.57 -31.53 -2.71
CA VAL A 167 -31.42 -30.41 -2.35
C VAL A 167 -32.15 -29.98 -3.61
N GLU A 168 -33.42 -29.66 -3.46
CA GLU A 168 -34.32 -29.47 -4.59
C GLU A 168 -35.38 -28.44 -4.22
N SER A 169 -35.82 -27.68 -5.22
CA SER A 169 -36.83 -26.66 -5.01
C SER A 169 -38.20 -27.22 -5.36
N LYS A 170 -39.15 -27.12 -4.43
CA LYS A 170 -40.53 -27.51 -4.62
C LYS A 170 -41.44 -26.31 -4.88
N GLY A 171 -40.90 -25.24 -5.47
CA GLY A 171 -41.66 -24.04 -5.75
C GLY A 171 -40.96 -22.76 -5.35
N LEU A 172 -40.84 -21.84 -6.30
CA LEU A 172 -40.26 -20.53 -6.08
C LEU A 172 -41.11 -19.50 -6.80
N THR A 173 -41.77 -18.62 -6.05
CA THR A 173 -42.56 -17.57 -6.67
C THR A 173 -42.37 -16.26 -5.93
N ASN A 174 -42.09 -15.21 -6.70
CA ASN A 174 -41.87 -13.86 -6.20
C ASN A 174 -42.76 -12.95 -7.05
N VAL A 175 -43.67 -12.22 -6.41
CA VAL A 175 -44.58 -11.33 -7.12
C VAL A 175 -44.44 -9.94 -6.49
N THR A 176 -44.39 -8.91 -7.35
CA THR A 176 -44.21 -7.54 -6.88
C THR A 176 -45.13 -6.63 -7.69
N VAL A 177 -45.74 -5.69 -6.98
CA VAL A 177 -46.48 -4.60 -7.63
C VAL A 177 -45.97 -3.29 -7.08
N GLY A 178 -45.83 -2.32 -7.95
CA GLY A 178 -45.41 -0.99 -7.55
C GLY A 178 -46.30 0.06 -8.16
N TYR A 179 -46.56 1.11 -7.38
CA TYR A 179 -47.33 2.26 -7.83
C TYR A 179 -46.51 3.52 -7.61
N HIS A 180 -46.26 4.28 -8.68
CA HIS A 180 -45.50 5.53 -8.62
C HIS A 180 -46.47 6.70 -8.74
N SER A 182 -45.66 9.93 -8.40
CA SER A 182 -44.89 10.94 -9.09
C SER A 182 -43.53 10.35 -9.41
N PRO A 183 -42.69 11.07 -10.16
CA PRO A 183 -41.31 10.59 -10.36
C PRO A 183 -40.49 10.57 -9.08
N GLU A 184 -41.02 11.10 -7.97
CA GLU A 184 -40.29 11.07 -6.71
C GLU A 184 -40.83 10.04 -5.72
N GLU A 186 -42.68 6.17 -4.81
CA GLU A 186 -43.14 4.85 -5.19
C GLU A 186 -43.55 4.11 -3.92
N VAL A 187 -44.62 3.32 -4.02
CA VAL A 187 -45.02 2.37 -2.99
C VAL A 187 -45.05 1.00 -3.63
N TYR A 188 -44.79 -0.04 -2.85
CA TYR A 188 -44.65 -1.35 -3.46
C TYR A 188 -45.08 -2.43 -2.48
N GLY A 189 -45.59 -3.51 -3.04
CA GLY A 189 -45.87 -4.71 -2.27
C GLY A 189 -45.22 -5.91 -2.94
N ASN A 190 -44.89 -6.88 -2.11
CA ASN A 190 -44.12 -8.01 -2.58
C ASN A 190 -44.50 -9.25 -1.77
N VAL A 191 -44.73 -10.37 -2.46
CA VAL A 191 -44.97 -11.65 -1.80
C VAL A 191 -44.03 -12.67 -2.38
N LYS A 192 -43.34 -13.41 -1.51
CA LYS A 192 -42.40 -14.44 -1.94
C LYS A 192 -42.70 -15.73 -1.20
N SER A 194 -40.92 -19.83 -1.16
CA SER A 194 -40.08 -20.91 -1.62
C SER A 194 -40.26 -22.14 -0.76
N LYS A 195 -40.25 -23.33 -1.39
CA LYS A 195 -40.19 -24.62 -0.72
C LYS A 195 -38.92 -25.33 -1.15
N VAL A 196 -38.06 -25.69 -0.19
CA VAL A 196 -36.85 -26.45 -0.46
C VAL A 196 -36.91 -27.76 0.32
N GLU A 197 -36.54 -28.85 -0.35
CA GLU A 197 -36.48 -30.19 0.24
C GLU A 197 -35.07 -30.73 0.07
N ALA A 198 -34.49 -31.22 1.15
CA ALA A 198 -33.16 -31.81 1.12
C ALA A 198 -33.19 -33.22 1.66
N ASP A 199 -32.25 -34.03 1.21
CA ASP A 199 -31.96 -35.33 1.79
C ASP A 199 -30.46 -35.38 2.04
N LEU A 200 -30.05 -35.28 3.30
CA LEU A 200 -28.64 -35.41 3.66
C LEU A 200 -28.41 -36.85 4.10
N ASN A 201 -27.87 -37.66 3.18
CA ASN A 201 -27.41 -39.01 3.48
C ASN A 201 -28.40 -39.75 4.37
N GLY A 202 -29.67 -39.73 3.95
CA GLY A 202 -30.69 -40.43 4.71
C GLY A 202 -31.71 -39.51 5.35
N THR A 203 -31.23 -38.49 6.02
CA THR A 203 -32.10 -37.62 6.81
C THR A 203 -32.78 -36.58 5.92
N PRO A 204 -34.11 -36.58 5.83
CA PRO A 204 -34.78 -35.54 5.05
C PRO A 204 -34.92 -34.26 5.86
N ILE A 205 -34.98 -33.14 5.13
CA ILE A 205 -35.16 -31.82 5.70
C ILE A 205 -36.09 -31.04 4.77
N GLU A 206 -36.88 -30.14 5.36
CA GLU A 206 -37.73 -29.26 4.58
C GLU A 206 -37.60 -27.84 5.11
N VAL A 207 -37.70 -26.87 4.20
CA VAL A 207 -37.76 -25.47 4.58
C VAL A 207 -38.80 -24.80 3.69
N GLU A 208 -39.69 -24.07 4.32
CA GLU A 208 -40.75 -23.36 3.60
C GLU A 208 -40.80 -21.97 4.19
N THR A 209 -40.63 -20.97 3.33
CA THR A 209 -40.59 -19.58 3.75
C THR A 209 -41.63 -18.81 2.97
N THR A 210 -42.35 -17.95 3.68
CA THR A 210 -43.29 -17.03 3.07
C THR A 210 -43.02 -15.64 3.61
N SER A 211 -42.94 -14.66 2.72
CA SER A 211 -42.61 -13.33 3.16
C SER A 211 -43.46 -12.31 2.41
N TYR A 212 -43.97 -11.34 3.18
CA TYR A 212 -44.77 -10.24 2.69
C TYR A 212 -44.02 -8.94 2.99
N LYS A 213 -43.95 -8.05 2.01
CA LYS A 213 -43.32 -6.75 2.24
C LYS A 213 -44.19 -5.66 1.64
N VAL A 214 -44.32 -4.58 2.39
CA VAL A 214 -44.94 -3.36 1.88
C VAL A 214 -44.02 -2.21 2.22
N GLY A 215 -43.68 -1.39 1.21
CA GLY A 215 -42.68 -0.36 1.42
C GLY A 215 -42.92 0.87 0.58
N VAL A 217 -40.42 4.20 -1.27
CA VAL A 217 -39.14 4.84 -1.55
C VAL A 217 -39.41 6.22 -2.14
N ASN A 218 -38.71 7.22 -1.63
CA ASN A 218 -38.77 8.58 -2.15
C ASN A 218 -37.40 9.04 -2.63
N THR A 219 -37.40 9.81 -3.71
CA THR A 219 -36.21 10.53 -4.16
C THR A 219 -36.51 12.02 -4.20
N LEU A 220 -35.47 12.82 -4.41
CA LEU A 220 -35.62 14.27 -4.44
C LEU A 220 -35.92 14.76 -5.86
N ALA A 221 -36.46 15.97 -5.94
CA ALA A 221 -36.69 16.62 -7.23
C ALA A 221 -35.40 16.60 -8.03
N LYS A 222 -35.40 15.84 -9.13
CA LYS A 222 -34.19 15.38 -9.82
C LYS A 222 -33.12 16.46 -9.92
N SER A 223 -31.98 16.19 -9.30
CA SER A 223 -30.76 16.97 -9.47
C SER A 223 -29.94 16.40 -10.62
N GLU A 224 -29.18 17.28 -11.29
CA GLU A 224 -28.20 16.80 -12.25
C GLU A 224 -26.96 16.22 -11.59
N GLU A 225 -26.86 16.31 -10.27
CA GLU A 225 -25.65 15.87 -9.59
C GLU A 225 -25.90 14.86 -8.47
N GLY A 226 -27.00 14.96 -7.74
CA GLY A 226 -27.19 14.11 -6.57
C GLY A 226 -28.53 13.42 -6.43
N ASN A 227 -28.54 12.08 -6.49
CA ASN A 227 -29.75 11.31 -6.23
C ASN A 227 -29.77 10.90 -4.75
N PHE A 228 -30.54 11.64 -3.93
CA PHE A 228 -30.78 11.30 -2.54
C PHE A 228 -32.12 10.60 -2.40
N PHE A 229 -32.17 9.57 -1.57
CA PHE A 229 -33.36 8.73 -1.43
C PHE A 229 -33.49 8.27 0.01
N TYR A 230 -34.72 7.90 0.38
CA TYR A 230 -35.00 7.29 1.68
C TYR A 230 -36.20 6.37 1.54
N GLY A 231 -36.29 5.40 2.43
CA GLY A 231 -37.31 4.36 2.32
C GLY A 231 -37.74 3.79 3.66
N VAL A 232 -38.94 3.21 3.65
CA VAL A 232 -39.45 2.44 4.77
C VAL A 232 -40.09 1.18 4.21
N GLU A 233 -39.83 0.06 4.85
CA GLU A 233 -40.43 -1.18 4.42
C GLU A 233 -40.84 -1.94 5.68
N VAL A 234 -42.03 -2.55 5.64
CA VAL A 234 -42.48 -3.55 6.61
C VAL A 234 -42.31 -4.91 5.97
N ALA A 235 -41.70 -5.84 6.72
CA ALA A 235 -41.34 -7.14 6.19
C ALA A 235 -41.76 -8.20 7.21
N SER A 236 -42.61 -9.13 6.77
CA SER A 236 -43.08 -10.25 7.58
C SER A 236 -42.56 -11.53 6.95
N THR A 237 -41.84 -12.34 7.73
CA THR A 237 -41.22 -13.54 7.18
C THR A 237 -41.47 -14.72 8.11
N LYS A 238 -42.11 -15.76 7.57
CA LYS A 238 -42.44 -16.97 8.32
C LYS A 238 -41.71 -18.15 7.72
N VAL A 239 -40.81 -18.74 8.51
CA VAL A 239 -40.23 -20.05 8.25
C VAL A 239 -41.04 -21.10 9.00
N LYS A 240 -41.75 -21.94 8.23
CA LYS A 240 -42.68 -22.94 8.74
C LYS A 240 -42.09 -23.74 9.89
N ASP A 241 -42.74 -23.66 11.06
CA ASP A 241 -42.36 -24.39 12.25
C ASP A 241 -40.95 -24.02 12.71
N ASP A 242 -40.48 -22.85 12.28
CA ASP A 242 -39.17 -22.35 12.67
C ASP A 242 -39.36 -21.00 13.35
N SER A 243 -39.59 -19.94 12.58
CA SER A 243 -39.60 -18.62 13.20
C SER A 243 -40.43 -17.65 12.38
N GLU A 244 -40.63 -16.48 12.97
CA GLU A 244 -41.40 -15.43 12.33
C GLU A 244 -40.79 -14.08 12.70
N SER A 245 -40.46 -13.28 11.71
CA SER A 245 -39.88 -11.96 11.93
C SER A 245 -40.84 -10.88 11.44
N LEU A 246 -40.88 -9.77 12.18
CA LEU A 246 -41.58 -8.56 11.74
C LEU A 246 -40.59 -7.39 11.85
N LEU A 247 -40.14 -6.89 10.70
CA LEU A 247 -39.04 -5.91 10.65
C LEU A 247 -39.50 -4.65 9.93
N LEU A 248 -39.09 -3.50 10.43
CA LEU A 248 -39.40 -2.21 9.81
C LEU A 248 -38.09 -1.52 9.42
N PRO A 249 -37.41 -1.99 8.37
CA PRO A 249 -36.18 -1.34 7.90
C PRO A 249 -36.44 0.07 7.40
N VAL A 250 -35.72 1.03 7.98
CA VAL A 250 -35.67 2.41 7.50
C VAL A 250 -34.29 2.61 6.87
N TYR A 251 -34.25 3.20 5.69
CA TYR A 251 -32.97 3.40 5.03
C TYR A 251 -32.94 4.73 4.30
N GLY A 253 -29.85 7.11 1.60
CA GLY A 253 -28.54 7.09 0.98
C GLY A 253 -28.42 8.11 -0.13
N VAL A 254 -27.30 8.03 -0.85
CA VAL A 254 -27.05 9.01 -1.89
C VAL A 254 -26.09 8.43 -2.93
N GLU A 255 -26.36 8.79 -4.17
CA GLU A 255 -25.43 8.65 -5.28
C GLU A 255 -25.10 10.06 -5.75
N HIS A 256 -23.84 10.46 -5.64
CA HIS A 256 -23.44 11.84 -5.94
C HIS A 256 -22.33 11.83 -6.99
N ASN A 257 -22.56 12.56 -8.08
N ASN A 257 -22.59 12.54 -8.10
CA ASN A 257 -21.50 12.72 -9.07
CA ASN A 257 -21.54 12.85 -9.07
C ASN A 257 -20.54 13.79 -8.52
C ASN A 257 -20.56 13.83 -8.45
N ALA A 258 -19.57 13.32 -7.73
CA ALA A 258 -18.68 14.20 -6.96
C ALA A 258 -17.57 14.82 -7.80
N ALA A 259 -17.19 14.21 -8.93
CA ALA A 259 -16.14 14.80 -9.75
C ALA A 259 -16.31 14.27 -11.16
N SER A 260 -15.60 14.88 -12.09
CA SER A 260 -15.74 14.40 -13.47
C SER A 260 -15.37 12.92 -13.56
N TRP A 261 -14.52 12.43 -12.67
CA TRP A 261 -14.08 11.05 -12.62
C TRP A 261 -14.66 10.27 -11.43
N LEU A 262 -15.63 10.81 -10.70
CA LEU A 262 -15.95 10.12 -9.46
C LEU A 262 -17.43 10.18 -9.11
N VAL A 263 -18.00 9.00 -8.84
CA VAL A 263 -19.32 8.84 -8.19
C VAL A 263 -19.10 8.29 -6.80
N LEU A 264 -19.72 8.91 -5.79
CA LEU A 264 -19.70 8.36 -4.44
C LEU A 264 -21.07 7.82 -4.10
N ARG A 265 -21.12 6.63 -3.48
CA ARG A 265 -22.37 6.02 -3.07
C ARG A 265 -22.29 5.61 -1.60
N ALA A 266 -23.34 5.93 -0.84
CA ALA A 266 -23.40 5.55 0.57
C ALA A 266 -24.87 5.39 0.97
N SER A 267 -25.11 4.49 1.92
CA SER A 267 -26.43 4.40 2.52
C SER A 267 -26.29 3.79 3.90
N VAL A 268 -27.30 4.04 4.74
CA VAL A 268 -27.38 3.47 6.08
C VAL A 268 -28.80 2.96 6.34
N ALA A 269 -28.92 1.88 7.10
CA ALA A 269 -30.24 1.34 7.42
C ALA A 269 -30.28 0.91 8.89
N GLN A 270 -31.50 0.89 9.44
CA GLN A 270 -31.78 0.30 10.74
C GLN A 270 -33.25 -0.11 10.78
N ASN A 271 -33.53 -1.19 11.51
CA ASN A 271 -34.89 -1.64 11.80
C ASN A 271 -35.44 -0.84 12.97
N VAL A 272 -36.43 0.01 12.70
CA VAL A 272 -36.94 0.99 13.65
C VAL A 272 -38.23 0.47 14.25
N ILE A 273 -38.25 0.33 15.59
CA ILE A 273 -39.39 -0.17 16.36
C ILE A 273 -39.57 -1.68 16.19
N LEU A 274 -39.96 -2.10 14.98
CA LEU A 274 -40.21 -3.51 14.64
C LEU A 274 -38.90 -4.19 14.23
N ASN A 275 -38.33 -4.99 15.14
CA ASN A 275 -37.12 -5.74 14.83
C ASN A 275 -37.14 -7.17 15.36
N GLU A 276 -38.29 -7.67 15.84
CA GLU A 276 -38.33 -8.96 16.53
C GLU A 276 -38.38 -10.17 15.60
N THR A 277 -37.63 -11.20 15.98
CA THR A 277 -37.74 -12.54 15.43
C THR A 277 -38.19 -13.47 16.56
N LYS A 278 -39.29 -14.20 16.34
CA LYS A 278 -39.88 -15.07 17.36
C LYS A 278 -39.73 -16.52 16.95
N ASP A 279 -39.39 -17.36 17.94
CA ASP A 279 -39.32 -18.80 17.78
C ASP A 279 -40.73 -19.41 17.79
N ASP A 280 -41.04 -20.23 16.78
CA ASP A 280 -42.37 -20.84 16.75
C ASP A 280 -42.61 -21.77 17.95
N ALA A 281 -41.58 -22.53 18.36
CA ALA A 281 -41.68 -23.40 19.53
C ALA A 281 -41.77 -22.61 20.82
N THR A 282 -40.63 -22.08 21.27
CA THR A 282 -40.56 -21.45 22.57
C THR A 282 -41.29 -20.10 22.64
N GLY A 283 -41.50 -19.44 21.51
CA GLY A 283 -41.96 -18.06 21.52
C GLY A 283 -40.94 -17.05 22.01
N ASN A 284 -39.71 -17.48 22.33
CA ASN A 284 -38.64 -16.57 22.71
C ASN A 284 -38.32 -15.61 21.56
N LYS A 285 -37.92 -14.40 21.93
CA LYS A 285 -37.75 -13.33 20.96
C LYS A 285 -36.28 -12.94 20.90
N THR A 286 -35.75 -12.83 19.68
CA THR A 286 -34.48 -12.15 19.42
C THR A 286 -34.77 -10.79 18.80
N ASP A 287 -34.19 -9.75 19.41
CA ASP A 287 -34.40 -8.34 19.00
C ASP A 287 -33.05 -7.65 19.22
N GLU A 288 -32.17 -7.78 18.24
CA GLU A 288 -30.78 -7.35 18.37
C GLU A 288 -30.44 -6.24 17.39
N ASP A 289 -29.36 -5.52 17.71
CA ASP A 289 -28.85 -4.41 16.90
C ASP A 289 -28.79 -4.75 15.41
N SER A 290 -29.30 -3.85 14.64
CA SER A 290 -29.43 -4.05 13.22
C SER A 290 -28.83 -2.93 12.37
N THR A 291 -28.19 -1.93 12.97
CA THR A 291 -27.70 -0.77 12.22
C THR A 291 -26.67 -1.21 11.21
N ARG A 292 -26.80 -0.75 9.97
CA ARG A 292 -25.83 -1.19 8.99
C ARG A 292 -25.70 -0.13 7.91
N ALA A 294 -23.38 1.10 4.04
CA ALA A 294 -22.71 0.58 2.82
C ALA A 294 -22.06 1.75 2.08
N ALA A 295 -20.95 1.51 1.42
CA ALA A 295 -20.24 2.60 0.72
C ALA A 295 -19.49 2.05 -0.48
N GLY A 296 -19.49 2.82 -1.56
CA GLY A 296 -18.77 2.42 -2.75
C GLY A 296 -18.49 3.60 -3.64
N ALA A 297 -17.87 3.29 -4.79
CA ALA A 297 -17.46 4.34 -5.71
C ALA A 297 -17.60 3.86 -7.15
N GLY A 298 -17.65 4.84 -8.03
CA GLY A 298 -17.42 4.63 -9.44
C GLY A 298 -16.33 5.54 -9.93
N ILE A 299 -15.35 4.98 -10.64
CA ILE A 299 -14.28 5.73 -11.29
C ILE A 299 -14.65 5.86 -12.76
N LYS A 300 -14.97 7.08 -13.20
CA LYS A 300 -15.52 7.34 -14.53
C LYS A 300 -14.43 7.81 -15.49
N PHE A 301 -14.36 7.16 -16.65
CA PHE A 301 -13.55 7.60 -17.79
C PHE A 301 -14.49 7.62 -19.01
N GLY A 302 -15.44 8.56 -19.02
CA GLY A 302 -16.42 8.60 -20.10
C GLY A 302 -17.17 7.29 -20.20
N LYS A 303 -17.04 6.64 -21.35
CA LYS A 303 -17.79 5.42 -21.57
C LYS A 303 -17.35 4.26 -20.65
N SER A 304 -16.16 4.34 -20.03
CA SER A 304 -15.66 3.30 -19.13
C SER A 304 -15.97 3.67 -17.69
N VAL A 305 -16.54 2.75 -16.92
CA VAL A 305 -16.73 3.01 -15.49
C VAL A 305 -16.30 1.78 -14.68
N ILE A 306 -15.46 2.01 -13.68
CA ILE A 306 -15.01 0.94 -12.76
C ILE A 306 -15.74 1.16 -11.44
N ASP A 307 -16.70 0.29 -11.13
CA ASP A 307 -17.45 0.39 -9.89
C ASP A 307 -16.81 -0.51 -8.83
N ALA A 308 -16.91 -0.10 -7.57
CA ALA A 308 -16.43 -0.99 -6.52
C ALA A 308 -17.06 -0.63 -5.19
N SER A 309 -16.84 -1.50 -4.21
CA SER A 309 -17.17 -1.20 -2.83
C SER A 309 -15.93 -0.73 -2.10
N PHE A 310 -16.13 0.13 -1.11
CA PHE A 310 -15.03 0.46 -0.21
C PHE A 310 -14.77 -0.74 0.68
N ALA A 311 -13.69 -1.48 0.39
CA ALA A 311 -13.44 -2.72 1.09
C ALA A 311 -13.36 -2.52 2.59
N GLY A 312 -12.94 -1.34 3.03
CA GLY A 312 -12.83 -1.02 4.45
C GLY A 312 -14.08 -0.47 5.11
N SER A 313 -15.22 -0.46 4.43
CA SER A 313 -16.38 0.23 4.99
C SER A 313 -16.80 -0.38 6.34
N THR A 314 -16.83 -1.71 6.47
CA THR A 314 -17.26 -2.26 7.76
C THR A 314 -16.28 -1.96 8.91
N THR A 315 -15.05 -1.52 8.63
CA THR A 315 -14.13 -1.18 9.71
C THR A 315 -13.81 0.31 9.77
N GLY A 316 -14.35 1.13 8.87
CA GLY A 316 -14.09 2.56 8.90
C GLY A 316 -12.73 2.98 8.37
N VAL A 317 -12.08 2.17 7.54
CA VAL A 317 -10.77 2.51 6.99
C VAL A 317 -10.89 2.69 5.48
N ILE A 318 -10.18 3.69 4.97
CA ILE A 318 -9.67 3.74 3.61
C ILE A 318 -8.16 3.72 3.71
N ASN A 319 -7.53 2.64 3.27
CA ASN A 319 -6.07 2.57 3.26
C ASN A 319 -5.68 1.65 2.12
N ALA A 320 -4.40 1.70 1.71
CA ALA A 320 -4.06 1.03 0.46
C ALA A 320 -4.27 -0.49 0.51
N ASN A 321 -4.40 -1.08 1.69
CA ASN A 321 -4.70 -2.55 1.68
C ASN A 321 -6.21 -2.74 1.67
N ASN A 322 -6.96 -1.71 2.04
CA ASN A 322 -8.45 -1.79 2.07
C ASN A 322 -9.02 -0.64 1.24
N LEU A 323 -8.98 -0.78 -0.09
CA LEU A 323 -9.52 0.26 -0.99
C LEU A 323 -10.77 -0.28 -1.72
N PHE A 324 -10.58 -0.88 -2.90
CA PHE A 324 -11.75 -1.32 -3.65
C PHE A 324 -11.92 -2.83 -3.56
N SER A 325 -13.18 -3.25 -3.51
CA SER A 325 -13.52 -4.66 -3.62
C SER A 325 -14.86 -4.72 -4.35
N GLN A 326 -15.25 -5.94 -4.73
CA GLN A 326 -16.44 -6.13 -5.55
C GLN A 326 -16.39 -5.30 -6.82
N VAL A 327 -15.23 -5.33 -7.48
CA VAL A 327 -15.00 -4.50 -8.66
C VAL A 327 -15.81 -5.01 -9.85
N ALA A 328 -16.38 -4.08 -10.62
CA ALA A 328 -17.03 -4.36 -11.88
C ALA A 328 -16.57 -3.33 -12.91
N TYR A 329 -16.62 -3.72 -14.18
CA TYR A 329 -16.27 -2.83 -15.29
C TYR A 329 -17.46 -2.74 -16.25
N THR A 330 -17.92 -1.52 -16.54
CA THR A 330 -19.04 -1.31 -17.46
C THR A 330 -18.63 -0.37 -18.58
N TYR A 331 -18.87 -0.78 -19.82
CA TYR A 331 -18.64 0.04 -21.01
C TYR A 331 -20.02 0.37 -21.57
N THR A 332 -20.36 1.66 -21.57
CA THR A 332 -21.59 2.13 -22.18
C THR A 332 -21.26 2.66 -23.57
N PHE A 333 -21.80 2.02 -24.58
CA PHE A 333 -21.39 2.32 -25.95
C PHE A 333 -21.72 3.76 -26.30
N SER B 1 10.29 20.99 12.35
CA SER B 1 9.94 19.66 12.84
C SER B 1 11.18 18.80 13.06
N LYS B 2 11.03 17.74 13.85
CA LYS B 2 12.16 16.83 14.05
C LYS B 2 12.64 16.25 12.73
N ALA B 3 11.71 15.79 11.89
CA ALA B 3 12.12 15.17 10.62
C ALA B 3 12.90 16.16 9.75
N ARG B 4 12.46 17.42 9.72
CA ARG B 4 13.18 18.43 8.95
C ARG B 4 14.61 18.61 9.47
N VAL B 5 14.76 18.87 10.77
CA VAL B 5 16.09 19.09 11.28
C VAL B 5 16.96 17.86 11.07
N GLU B 6 16.38 16.67 11.26
CA GLU B 6 17.15 15.44 11.11
C GLU B 6 17.62 15.25 9.67
N ALA B 7 16.76 15.52 8.68
CA ALA B 7 17.16 15.39 7.29
C ALA B 7 18.24 16.40 6.91
N LEU B 8 18.27 17.57 7.57
CA LEU B 8 19.35 18.53 7.35
C LEU B 8 20.54 18.28 8.28
N ALA B 9 20.72 17.04 8.72
CA ALA B 9 21.92 16.60 9.42
C ALA B 9 22.15 17.39 10.70
N ASN B 10 21.10 17.98 11.26
CA ASN B 10 21.25 18.75 12.48
C ASN B 10 22.21 19.91 12.33
N SER B 11 22.37 20.44 11.13
CA SER B 11 23.38 21.44 10.89
C SER B 11 23.07 22.73 11.65
N ARG B 12 24.13 23.40 12.12
CA ARG B 12 23.98 24.68 12.80
C ARG B 12 23.42 25.77 11.90
N HIS B 13 23.36 25.57 10.58
CA HIS B 13 22.84 26.62 9.72
C HIS B 13 21.33 26.67 9.70
N VAL B 14 20.66 25.62 10.19
CA VAL B 14 19.21 25.46 10.14
C VAL B 14 18.53 26.35 11.18
N LEU B 15 17.42 27.00 10.78
CA LEU B 15 16.52 27.70 11.72
C LEU B 15 15.18 26.95 11.77
N ASP B 16 14.86 26.36 12.91
CA ASP B 16 13.66 25.54 13.04
C ASP B 16 13.16 25.65 14.48
N PHE B 17 11.85 25.51 14.66
CA PHE B 17 11.30 25.44 16.01
C PHE B 17 12.13 24.49 16.88
N GLN B 18 12.51 23.33 16.34
CA GLN B 18 13.21 22.32 17.11
C GLN B 18 14.67 22.70 17.41
N THR B 19 15.28 23.58 16.63
CA THR B 19 16.61 24.04 16.99
C THR B 19 16.60 25.22 17.93
N ALA B 20 15.45 25.90 18.06
CA ALA B 20 15.39 27.15 18.81
C ALA B 20 15.44 26.90 20.32
N PHE B 21 14.96 25.76 20.79
CA PHE B 21 14.90 25.52 22.24
C PHE B 21 16.24 25.85 22.88
N ASP B 22 17.34 25.31 22.33
CA ASP B 22 18.68 25.50 22.88
C ASP B 22 19.43 26.68 22.26
N ARG B 23 18.77 27.48 21.40
CA ARG B 23 19.33 28.68 20.80
C ARG B 23 18.24 29.75 20.83
N PRO B 24 17.70 30.05 22.02
CA PRO B 24 16.44 30.82 22.11
C PRO B 24 16.41 32.12 21.32
N TYR B 25 17.55 32.75 21.00
CA TYR B 25 17.45 33.93 20.15
C TYR B 25 16.71 33.59 18.85
N GLN B 26 16.79 32.33 18.42
CA GLN B 26 16.09 31.91 17.21
C GLN B 26 14.58 32.11 17.30
N PHE B 27 13.98 32.01 18.50
CA PHE B 27 12.54 32.23 18.60
C PHE B 27 12.13 33.59 18.06
N ALA B 29 13.47 35.02 15.31
CA ALA B 29 13.53 34.91 13.86
C ALA B 29 12.46 34.02 13.25
N LEU B 30 11.82 33.16 14.04
CA LEU B 30 10.82 32.24 13.50
C LEU B 30 9.50 32.99 13.22
N SER B 31 8.79 32.55 12.20
CA SER B 31 7.47 33.09 11.90
C SER B 31 6.49 32.57 12.93
N GLU B 32 5.55 33.42 13.35
CA GLU B 32 4.57 32.95 14.30
C GLU B 32 3.96 31.66 13.79
N GLN B 33 3.99 30.62 14.62
CA GLN B 33 3.58 29.33 14.09
C GLN B 33 3.16 28.41 15.24
N ALA B 34 2.49 27.33 14.86
CA ALA B 34 2.08 26.29 15.78
C ALA B 34 2.51 24.96 15.19
N THR B 35 3.14 24.11 15.98
CA THR B 35 3.66 22.87 15.44
C THR B 35 3.25 21.73 16.37
N ILE B 36 2.98 20.57 15.77
CA ILE B 36 2.59 19.37 16.49
C ILE B 36 3.40 18.21 15.92
N GLU B 37 4.24 17.63 16.76
CA GLU B 37 5.00 16.41 16.48
C GLU B 37 4.08 15.21 16.75
N TRP B 38 3.71 14.46 15.71
CA TRP B 38 2.79 13.32 15.88
C TRP B 38 3.41 12.22 16.73
N GLY B 39 2.58 11.59 17.56
CA GLY B 39 3.05 10.51 18.39
C GLY B 39 2.03 10.14 19.44
N ASN B 40 2.50 9.38 20.42
CA ASN B 40 1.65 8.81 21.45
C ASN B 40 2.00 9.39 22.82
N THR B 41 1.12 9.10 23.79
CA THR B 41 1.39 9.38 25.19
C THR B 41 2.27 8.29 25.80
N GLY B 42 3.04 8.67 26.82
CA GLY B 42 3.78 7.69 27.59
C GLY B 42 5.16 7.33 27.07
N ASP B 43 5.51 6.05 27.17
CA ASP B 43 6.82 5.54 26.73
C ASP B 43 6.70 5.16 25.26
N ALA B 44 6.61 6.19 24.43
CA ALA B 44 6.30 6.02 23.03
C ALA B 44 7.33 6.80 22.22
N ASN B 45 7.82 6.17 21.15
CA ASN B 45 8.73 6.82 20.21
C ASN B 45 8.17 6.68 18.81
N PRO B 46 7.67 7.76 18.19
CA PRO B 46 7.69 9.17 18.66
C PRO B 46 6.66 9.52 19.72
N HIS B 47 7.02 10.46 20.58
CA HIS B 47 6.17 10.95 21.65
C HIS B 47 5.42 12.20 21.19
N ALA B 48 4.13 12.28 21.52
CA ALA B 48 3.34 13.45 21.15
C ALA B 48 3.99 14.72 21.69
N GLU B 49 4.08 15.75 20.84
CA GLU B 49 4.61 17.03 21.30
C GLU B 49 3.94 18.14 20.52
N GLY B 50 3.97 19.33 21.07
CA GLY B 50 3.42 20.43 20.31
C GLY B 50 3.46 21.74 21.04
N GLY B 51 3.43 22.84 20.31
CA GLY B 51 3.48 24.15 20.93
C GLY B 51 3.46 25.24 19.90
N PHE B 52 3.71 26.47 20.37
CA PHE B 52 3.58 27.62 19.49
C PHE B 52 4.61 28.68 19.82
N VAL B 53 4.85 29.56 18.85
CA VAL B 53 5.61 30.79 19.06
C VAL B 53 4.83 31.95 18.46
N LYS B 54 4.79 33.05 19.21
CA LYS B 54 3.95 34.20 18.94
C LYS B 54 4.77 35.47 19.12
N ARG B 55 4.56 36.43 18.24
CA ARG B 55 5.20 37.74 18.42
C ARG B 55 4.45 38.51 19.50
N HIS B 56 5.16 39.42 20.17
CA HIS B 56 4.56 40.28 21.18
C HIS B 56 4.56 41.73 20.70
N GLY B 57 5.70 42.41 20.68
CA GLY B 57 5.85 43.62 19.90
C GLY B 57 6.47 43.32 18.55
N ASP B 58 7.06 44.35 17.94
CA ASP B 58 7.91 44.08 16.79
C ASP B 58 9.27 43.53 17.19
N ASP B 59 9.55 43.47 18.50
CA ASP B 59 10.89 43.19 18.98
C ASP B 59 10.92 42.09 20.03
N SER B 60 9.84 41.33 20.18
CA SER B 60 9.85 40.25 21.16
C SER B 60 8.95 39.11 20.69
N ALA B 61 9.24 37.92 21.21
CA ALA B 61 8.51 36.69 20.90
C ALA B 61 8.43 35.84 22.16
N PHE B 62 7.39 35.02 22.25
CA PHE B 62 7.34 34.07 23.37
C PHE B 62 6.47 32.88 22.97
N GLY B 63 6.50 31.87 23.83
CA GLY B 63 5.60 30.76 23.59
C GLY B 63 5.84 29.63 24.57
N ALA B 64 5.01 28.58 24.41
CA ALA B 64 5.08 27.38 25.24
C ALA B 64 5.12 26.14 24.36
N TYR B 65 5.50 25.02 24.96
CA TYR B 65 5.65 23.76 24.25
C TYR B 65 5.45 22.61 25.22
N PHE B 66 4.70 21.59 24.79
CA PHE B 66 4.31 20.41 25.55
C PHE B 66 5.02 19.18 25.01
N GLY B 67 5.60 18.37 25.90
CA GLY B 67 6.00 17.01 25.59
C GLY B 67 7.49 16.79 25.34
N ARG B 68 8.29 17.84 25.32
CA ARG B 68 9.71 17.70 25.00
C ARG B 68 10.42 16.91 26.10
N ARG B 69 11.31 16.01 25.69
CA ARG B 69 12.10 15.22 26.62
C ARG B 69 13.58 15.41 26.32
N SER B 70 14.40 15.42 27.37
CA SER B 70 15.83 15.57 27.23
C SER B 70 16.49 14.29 26.70
N ALA B 71 17.34 14.45 25.67
CA ALA B 71 18.06 13.30 25.14
C ALA B 71 18.97 12.69 26.21
N ASP B 72 19.67 13.53 26.99
CA ASP B 72 20.49 12.99 28.07
C ASP B 72 19.64 12.28 29.12
N PHE B 73 18.51 12.88 29.52
CA PHE B 73 17.62 12.26 30.50
C PHE B 73 17.10 10.91 29.99
N SER B 74 16.63 10.87 28.74
CA SER B 74 16.12 9.62 28.21
C SER B 74 17.23 8.60 28.04
N GLU B 75 18.43 9.03 27.63
CA GLU B 75 19.55 8.13 27.52
C GLU B 75 19.83 7.47 28.87
N ALA B 76 19.91 8.28 29.93
CA ALA B 76 20.19 7.75 31.26
C ALA B 76 19.13 6.74 31.66
N VAL B 77 17.86 7.14 31.64
CA VAL B 77 16.81 6.24 32.10
C VAL B 77 16.81 4.95 31.28
N GLN B 78 16.96 5.06 29.95
CA GLN B 78 16.93 3.87 29.13
C GLN B 78 18.10 2.95 29.46
N THR B 79 19.28 3.51 29.67
CA THR B 79 20.43 2.67 30.03
C THR B 79 20.15 1.88 31.29
N VAL B 80 19.61 2.55 32.33
CA VAL B 80 19.27 1.82 33.55
C VAL B 80 18.22 0.76 33.26
N ARG B 81 17.13 1.13 32.58
CA ARG B 81 16.08 0.16 32.25
C ARG B 81 16.69 -1.08 31.59
N ASP B 82 17.70 -0.88 30.75
CA ASP B 82 18.34 -1.95 30.00
C ASP B 82 19.31 -2.75 30.86
N ALA B 83 19.77 -2.19 31.98
CA ALA B 83 20.65 -2.95 32.85
C ALA B 83 19.98 -4.21 33.40
N ASN B 84 18.67 -4.16 33.65
CA ASN B 84 17.93 -5.21 34.37
C ASN B 84 16.43 -5.05 34.14
N PRO B 85 15.73 -6.11 33.74
CA PRO B 85 14.26 -6.00 33.57
C PRO B 85 13.52 -5.55 34.81
N ALA B 86 14.17 -5.59 35.98
CA ALA B 86 13.51 -5.14 37.21
C ALA B 86 13.31 -3.64 37.21
N PHE B 87 14.17 -2.91 36.50
CA PHE B 87 14.13 -1.47 36.40
C PHE B 87 13.24 -0.98 35.25
N ALA B 88 12.30 -1.82 34.80
CA ALA B 88 11.54 -1.49 33.59
C ALA B 88 10.66 -0.26 33.77
N ASP B 89 10.23 0.03 35.00
CA ASP B 89 9.30 1.13 35.27
C ASP B 89 9.98 2.47 35.50
N LEU B 90 11.31 2.55 35.38
CA LEU B 90 11.99 3.82 35.63
C LEU B 90 11.47 4.89 34.66
N PHE B 92 10.73 8.15 32.29
CA PHE B 92 11.24 9.29 31.54
C PHE B 92 10.59 10.56 32.11
N GLU B 93 11.05 11.72 31.65
CA GLU B 93 10.40 12.96 32.08
C GLU B 93 8.91 12.89 31.78
N GLN B 94 8.11 13.42 32.69
CA GLN B 94 6.67 13.38 32.58
C GLN B 94 6.12 14.78 32.39
N ASN B 95 5.17 14.91 31.47
CA ASN B 95 4.52 16.18 31.16
C ASN B 95 5.53 17.31 31.01
N GLY B 96 6.58 17.05 30.21
CA GLY B 96 7.54 18.09 29.90
C GLY B 96 6.84 19.38 29.54
N LEU B 97 7.41 20.50 29.96
CA LEU B 97 6.86 21.81 29.67
C LEU B 97 8.01 22.76 29.41
N ASN B 98 7.90 23.55 28.34
CA ASN B 98 8.88 24.58 28.01
C ASN B 98 8.17 25.90 27.91
N LEU B 99 8.74 26.92 28.54
CA LEU B 99 8.37 28.31 28.29
C LEU B 99 9.57 29.00 27.67
N PHE B 100 9.33 29.89 26.70
CA PHE B 100 10.48 30.54 26.09
C PHE B 100 10.10 31.95 25.71
N TYR B 101 11.13 32.79 25.58
CA TYR B 101 10.97 34.22 25.37
C TYR B 101 12.24 34.72 24.70
N ALA B 102 12.04 35.52 23.67
CA ALA B 102 13.19 36.08 22.95
C ALA B 102 12.89 37.56 22.78
N SER B 103 13.93 38.40 22.84
CA SER B 103 13.77 39.85 22.57
C SER B 103 14.98 40.40 21.82
N LYS B 104 14.76 41.37 20.95
CA LYS B 104 15.86 42.02 20.19
C LYS B 104 16.09 43.41 20.73
N GLY B 106 18.30 46.25 20.01
CA GLY B 106 19.28 46.91 19.13
C GLY B 106 19.83 45.94 18.11
N GLU B 107 21.14 45.70 18.16
CA GLU B 107 21.78 44.74 17.21
C GLU B 107 21.78 43.37 17.88
N TRP B 108 21.49 43.31 19.17
CA TRP B 108 21.56 42.03 19.87
C TRP B 108 20.16 41.46 20.12
N THR B 109 19.95 40.23 19.70
CA THR B 109 18.79 39.45 20.08
C THR B 109 19.22 38.49 21.17
N TRP B 110 18.43 38.43 22.24
CA TRP B 110 18.70 37.49 23.36
C TRP B 110 17.45 36.64 23.58
N GLY B 111 17.59 35.49 24.22
CA GLY B 111 16.43 34.68 24.52
C GLY B 111 16.73 33.64 25.58
N VAL B 112 15.68 33.17 26.22
CA VAL B 112 15.79 32.17 27.26
C VAL B 112 14.66 31.15 27.13
N THR B 113 15.03 29.88 27.32
CA THR B 113 14.13 28.74 27.37
C THR B 113 14.20 28.12 28.77
N ALA B 114 13.04 27.89 29.38
CA ALA B 114 12.93 27.21 30.66
C ALA B 114 12.25 25.86 30.43
N LYS B 115 12.83 24.81 31.01
CA LYS B 115 12.30 23.46 30.92
C LYS B 115 11.97 22.92 32.31
N TYR B 116 10.75 22.42 32.48
CA TYR B 116 10.35 21.73 33.69
C TYR B 116 9.66 20.41 33.37
N SER B 117 9.83 19.33 34.33
CA SER B 117 9.03 18.11 34.23
C SER B 117 8.94 17.46 35.60
N ASN B 118 7.83 16.77 35.84
CA ASN B 118 7.57 16.17 37.15
C ASN B 118 6.43 15.16 37.16
N GLY B 119 6.67 13.98 37.73
CA GLY B 119 5.58 13.03 37.87
C GLY B 119 5.95 11.88 38.77
N LYS B 120 4.91 11.15 39.20
CA LYS B 120 5.08 10.10 40.20
C LYS B 120 3.98 9.06 40.02
N ASN B 121 4.32 7.81 40.37
CA ASN B 121 3.34 6.74 40.57
C ASN B 121 3.57 6.14 41.95
N GLU B 122 2.74 6.56 42.93
CA GLU B 122 2.85 6.10 44.32
C GLU B 122 2.16 4.77 44.57
N ASP B 123 1.66 4.11 43.54
CA ASP B 123 1.28 2.71 43.69
C ASP B 123 2.45 1.95 44.29
N PRO B 124 2.46 1.27 45.45
CA PRO B 124 3.59 0.58 46.08
C PRO B 124 4.34 -0.38 45.18
N THR B 125 3.68 -0.99 44.19
CA THR B 125 4.35 -1.94 43.32
C THR B 125 5.07 -1.29 42.14
N VAL B 126 4.85 0.01 41.92
CA VAL B 126 5.59 0.79 40.94
C VAL B 126 6.56 1.72 41.63
N GLY B 127 6.07 2.63 42.46
CA GLY B 127 6.88 3.47 43.31
C GLY B 127 7.91 4.30 42.57
N THR B 128 7.47 5.14 41.65
CA THR B 128 8.40 5.87 40.83
C THR B 128 8.20 7.36 41.02
N LYS B 129 9.26 8.12 40.74
CA LYS B 129 9.21 9.57 40.80
C LYS B 129 10.30 10.13 39.91
N ALA B 130 10.00 11.19 39.16
CA ALA B 130 10.98 11.78 38.28
C ALA B 130 10.72 13.27 38.15
N THR B 131 11.81 14.02 38.01
CA THR B 131 11.75 15.47 37.92
C THR B 131 12.91 15.97 37.08
N SER B 132 12.68 17.05 36.34
CA SER B 132 13.77 17.69 35.64
C SER B 132 13.51 19.18 35.56
N ALA B 133 14.59 19.93 35.38
CA ALA B 133 14.52 21.37 35.28
C ALA B 133 15.84 21.88 34.73
N GLY B 134 15.74 22.85 33.82
CA GLY B 134 16.93 23.39 33.17
C GLY B 134 16.60 24.69 32.47
N VAL B 135 17.65 25.39 32.04
CA VAL B 135 17.45 26.64 31.35
C VAL B 135 18.46 26.76 30.22
N ALA B 136 18.07 27.48 29.16
CA ALA B 136 18.96 27.84 28.06
C ALA B 136 18.93 29.35 27.89
N VAL B 137 20.10 29.98 27.90
CA VAL B 137 20.22 31.41 27.70
C VAL B 137 21.16 31.61 26.53
N ALA B 138 20.79 32.51 25.62
CA ALA B 138 21.64 32.70 24.45
C ALA B 138 21.40 34.08 23.86
N ALA B 139 22.40 34.55 23.12
CA ALA B 139 22.27 35.82 22.45
C ALA B 139 23.15 35.82 21.20
N SER B 140 22.70 36.57 20.20
CA SER B 140 23.37 36.66 18.92
C SER B 140 23.20 38.06 18.40
N ASN B 141 24.14 38.48 17.55
CA ASN B 141 24.05 39.77 16.87
C ASN B 141 24.22 39.62 15.38
N GLY B 142 24.12 38.39 14.85
CA GLY B 142 24.42 38.13 13.46
C GLY B 142 25.83 37.61 13.26
N THR B 143 26.82 38.30 13.83
CA THR B 143 28.19 37.83 13.72
C THR B 143 28.55 36.85 14.82
N TRP B 144 28.05 37.07 16.05
CA TRP B 144 28.47 36.30 17.22
C TRP B 144 27.28 35.59 17.85
N ASP B 145 27.45 34.30 18.10
CA ASP B 145 26.46 33.46 18.78
C ASP B 145 27.03 33.02 20.12
N PHE B 146 26.29 33.27 21.20
CA PHE B 146 26.63 32.76 22.53
C PHE B 146 25.45 31.97 23.05
N GLU B 147 25.67 30.69 23.33
CA GLU B 147 24.61 29.80 23.77
C GLU B 147 25.08 29.05 25.00
N LEU B 148 24.29 29.11 26.06
CA LEU B 148 24.53 28.35 27.28
C LEU B 148 23.29 27.51 27.59
N VAL B 149 23.49 26.21 27.83
CA VAL B 149 22.44 25.29 28.23
C VAL B 149 22.85 24.66 29.55
N GLN B 150 22.02 24.82 30.58
CA GLN B 150 22.36 24.48 31.95
C GLN B 150 21.26 23.60 32.54
N GLY B 151 21.62 22.38 32.92
CA GLY B 151 20.73 21.58 33.74
C GLY B 151 20.66 22.12 35.16
N PHE B 152 19.51 21.92 35.79
CA PHE B 152 19.34 22.20 37.22
C PHE B 152 19.04 20.95 38.00
N THR B 153 18.01 20.23 37.57
CA THR B 153 17.58 19.02 38.28
C THR B 153 17.40 17.91 37.26
N GLY B 154 17.92 16.73 37.56
CA GLY B 154 17.73 15.57 36.68
C GLY B 154 17.65 14.33 37.53
N LYS B 155 16.50 13.91 37.93
CA LYS B 155 16.43 12.75 38.84
C LYS B 155 15.27 11.82 38.50
N SER B 156 15.53 10.56 38.36
CA SER B 156 14.49 9.55 38.19
C SER B 156 14.78 8.41 39.16
N GLU B 157 13.75 7.96 39.90
CA GLU B 157 13.97 6.96 40.93
C GLU B 157 12.78 6.01 40.98
N LEU B 158 13.06 4.79 41.43
CA LEU B 158 12.13 3.67 41.45
C LEU B 158 12.34 2.88 42.73
N ASP B 159 11.25 2.65 43.47
CA ASP B 159 11.28 1.82 44.68
C ASP B 159 9.94 1.10 44.77
N ASN B 160 9.91 -0.16 44.30
CA ASN B 160 8.68 -0.93 44.21
C ASN B 160 8.58 -2.01 45.28
N GLY B 161 9.45 -1.97 46.28
CA GLY B 161 9.46 -2.95 47.34
C GLY B 161 10.18 -4.24 47.03
N THR B 162 10.86 -4.33 45.90
CA THR B 162 11.62 -5.53 45.55
C THR B 162 12.98 -5.16 45.00
N VAL B 163 13.06 -4.06 44.27
CA VAL B 163 14.31 -3.49 43.84
C VAL B 163 14.21 -1.97 43.99
N THR B 164 15.36 -1.33 44.10
CA THR B 164 15.47 0.11 44.06
C THR B 164 16.41 0.48 42.93
N ALA B 165 16.16 1.64 42.35
CA ALA B 165 17.09 2.19 41.38
C ALA B 165 16.92 3.69 41.35
N GLU B 166 18.00 4.38 41.05
CA GLU B 166 17.85 5.79 40.73
C GLU B 166 18.98 6.18 39.80
N VAL B 167 18.74 7.25 39.04
CA VAL B 167 19.76 7.96 38.27
C VAL B 167 19.52 9.44 38.47
N GLU B 168 20.61 10.21 38.48
CA GLU B 168 20.56 11.60 38.90
C GLU B 168 21.67 12.38 38.20
N SER B 169 21.32 13.57 37.73
CA SER B 169 22.30 14.49 37.18
C SER B 169 23.02 15.21 38.31
N LYS B 170 24.36 15.25 38.21
CA LYS B 170 25.20 16.07 39.07
C LYS B 170 25.79 17.24 38.32
N GLY B 171 25.05 17.82 37.38
CA GLY B 171 25.66 18.88 36.57
C GLY B 171 25.54 18.58 35.08
N LEU B 172 24.91 19.51 34.37
CA LEU B 172 24.80 19.46 32.92
C LEU B 172 25.05 20.88 32.43
N THR B 173 26.17 21.08 31.76
CA THR B 173 26.52 22.38 31.20
C THR B 173 27.02 22.19 29.78
N ASN B 174 26.54 23.05 28.88
CA ASN B 174 26.88 22.94 27.47
C ASN B 174 26.98 24.36 26.91
N VAL B 175 28.18 24.75 26.48
CA VAL B 175 28.47 26.11 26.05
C VAL B 175 28.89 26.09 24.59
N THR B 176 28.35 27.02 23.82
CA THR B 176 28.63 27.14 22.40
C THR B 176 28.89 28.60 22.06
N VAL B 177 29.90 28.82 21.24
CA VAL B 177 30.20 30.13 20.66
C VAL B 177 30.34 29.94 19.16
N GLY B 178 29.71 30.82 18.40
CA GLY B 178 29.78 30.77 16.95
C GLY B 178 30.16 32.11 16.39
N TYR B 179 30.92 32.09 15.29
CA TYR B 179 31.34 33.27 14.54
C TYR B 179 30.91 33.13 13.08
N HIS B 180 30.21 34.13 12.58
CA HIS B 180 29.76 34.20 11.18
C HIS B 180 30.58 35.26 10.46
N SER B 182 30.45 35.64 7.42
CA SER B 182 29.48 36.12 6.46
C SER B 182 28.18 35.36 6.57
N PRO B 183 27.20 35.69 5.74
CA PRO B 183 25.96 34.89 5.70
C PRO B 183 26.14 33.46 5.19
N GLU B 184 27.27 33.14 4.56
CA GLU B 184 27.53 31.80 4.04
C GLU B 184 28.45 30.94 4.91
N GLU B 186 30.18 29.93 8.87
CA GLU B 186 30.16 29.96 10.32
C GLU B 186 31.21 28.96 10.82
N VAL B 187 31.98 29.36 11.82
CA VAL B 187 32.80 28.44 12.58
C VAL B 187 32.29 28.49 14.02
N TYR B 188 32.39 27.37 14.71
CA TYR B 188 31.79 27.30 16.03
C TYR B 188 32.62 26.38 16.89
N GLY B 189 32.52 26.61 18.20
CA GLY B 189 33.12 25.72 19.18
C GLY B 189 32.13 25.45 20.30
N ASN B 190 32.34 24.31 20.94
CA ASN B 190 31.38 23.79 21.90
C ASN B 190 32.09 22.93 22.94
N VAL B 191 31.72 23.14 24.21
CA VAL B 191 32.18 22.31 25.33
C VAL B 191 30.96 21.78 26.05
N LYS B 192 30.96 20.49 26.34
CA LYS B 192 29.85 19.89 27.08
C LYS B 192 30.40 19.01 28.19
N SER B 194 29.04 16.75 31.63
CA SER B 194 27.90 16.18 32.32
C SER B 194 28.41 15.16 33.33
N LYS B 195 27.86 15.07 34.45
CA LYS B 195 28.22 14.02 35.44
C LYS B 195 26.92 13.39 35.89
N VAL B 196 26.80 12.13 35.86
CA VAL B 196 25.60 11.37 36.22
C VAL B 196 25.97 10.31 37.25
N GLU B 197 25.12 10.12 38.24
CA GLU B 197 25.29 9.07 39.23
C GLU B 197 24.06 8.19 39.21
N ALA B 198 24.23 6.93 39.59
CA ALA B 198 23.08 6.04 39.64
C ALA B 198 23.32 4.95 40.67
N ASP B 199 22.23 4.42 41.19
CA ASP B 199 22.25 3.29 42.08
C ASP B 199 21.33 2.22 41.53
N LEU B 200 21.90 1.08 41.18
CA LEU B 200 21.17 -0.04 40.61
C LEU B 200 21.07 -1.09 41.71
N ASN B 201 19.98 -1.03 42.47
CA ASN B 201 19.71 -1.95 43.56
C ASN B 201 20.94 -2.14 44.44
N GLY B 202 21.47 -1.03 44.96
CA GLY B 202 22.59 -1.06 45.84
C GLY B 202 23.95 -0.93 45.19
N THR B 203 24.07 -1.17 43.85
CA THR B 203 25.36 -1.00 43.17
C THR B 203 25.52 0.43 42.68
N PRO B 204 26.60 1.14 43.04
CA PRO B 204 26.74 2.54 42.63
C PRO B 204 27.51 2.70 41.32
N ILE B 205 27.12 3.73 40.56
CA ILE B 205 27.72 4.01 39.25
C ILE B 205 27.87 5.51 39.03
N GLU B 206 28.88 5.87 38.24
CA GLU B 206 29.20 7.24 37.87
C GLU B 206 29.56 7.29 36.40
N VAL B 207 29.19 8.39 35.73
CA VAL B 207 29.60 8.62 34.36
C VAL B 207 29.86 10.12 34.22
N GLU B 208 31.11 10.49 33.99
CA GLU B 208 31.52 11.86 33.73
C GLU B 208 32.00 11.91 32.28
N THR B 209 31.22 12.53 31.40
CA THR B 209 31.61 12.75 30.02
C THR B 209 31.95 14.22 29.82
N THR B 210 33.02 14.47 29.05
CA THR B 210 33.42 15.82 28.66
C THR B 210 33.76 15.81 27.18
N SER B 211 33.33 16.86 26.46
CA SER B 211 33.49 16.85 25.03
C SER B 211 33.80 18.25 24.52
N TYR B 212 34.65 18.27 23.48
CA TYR B 212 35.04 19.49 22.77
C TYR B 212 34.76 19.31 21.29
N LYS B 213 34.13 20.31 20.68
CA LYS B 213 33.85 20.29 19.25
C LYS B 213 34.28 21.62 18.67
N VAL B 214 34.98 21.56 17.56
CA VAL B 214 35.19 22.75 16.73
C VAL B 214 34.78 22.38 15.33
N GLY B 215 33.96 23.24 14.71
CA GLY B 215 33.43 22.89 13.42
C GLY B 215 33.19 24.12 12.56
N VAL B 217 30.45 25.29 9.09
CA VAL B 217 29.36 24.98 8.18
C VAL B 217 29.23 26.10 7.14
N ASN B 218 29.11 25.70 5.88
CA ASN B 218 28.95 26.64 4.77
C ASN B 218 27.66 26.40 4.01
N THR B 219 27.05 27.50 3.58
CA THR B 219 25.94 27.46 2.64
C THR B 219 26.32 28.23 1.38
N LEU B 220 25.58 27.96 0.30
CA LEU B 220 25.75 28.72 -0.92
C LEU B 220 25.08 30.09 -0.79
N ALA B 221 25.26 30.93 -1.81
CA ALA B 221 24.63 32.24 -1.82
C ALA B 221 23.11 32.09 -1.89
N LYS B 222 22.40 32.87 -1.06
CA LYS B 222 20.95 32.73 -0.86
C LYS B 222 20.17 32.65 -2.17
N SER B 223 19.63 31.47 -2.47
CA SER B 223 18.75 31.27 -3.63
C SER B 223 17.43 30.68 -3.15
N GLU B 224 16.32 31.27 -3.61
CA GLU B 224 14.96 30.86 -3.24
C GLU B 224 14.57 29.48 -3.76
N GLU B 225 15.51 28.72 -4.30
CA GLU B 225 15.27 27.35 -4.76
C GLU B 225 15.87 26.34 -3.81
N GLY B 226 17.19 26.26 -3.74
CA GLY B 226 17.84 25.11 -3.14
C GLY B 226 19.01 25.45 -2.24
N ASN B 227 18.76 25.47 -0.93
N ASN B 227 18.74 25.47 -0.94
CA ASN B 227 19.80 25.80 0.05
CA ASN B 227 19.77 25.74 0.05
C ASN B 227 20.69 24.58 0.21
C ASN B 227 20.68 24.54 0.17
N PHE B 228 21.89 24.64 -0.39
CA PHE B 228 22.91 23.62 -0.26
C PHE B 228 23.88 24.01 0.86
N PHE B 229 24.47 23.00 1.51
CA PHE B 229 25.33 23.26 2.66
C PHE B 229 26.27 22.08 2.83
N TYR B 230 27.43 22.35 3.44
CA TYR B 230 28.34 21.30 3.86
C TYR B 230 29.06 21.77 5.11
N GLY B 231 29.65 20.82 5.83
CA GLY B 231 30.37 21.18 7.03
C GLY B 231 31.32 20.08 7.42
N VAL B 232 32.22 20.44 8.33
CA VAL B 232 33.13 19.50 8.96
C VAL B 232 33.32 19.90 10.41
N GLU B 233 33.41 18.91 11.28
CA GLU B 233 33.60 19.18 12.69
C GLU B 233 34.57 18.14 13.27
N VAL B 234 35.47 18.58 14.16
CA VAL B 234 36.26 17.67 14.96
C VAL B 234 35.67 17.66 16.36
N ALA B 235 35.54 16.46 16.93
CA ALA B 235 34.91 16.27 18.23
C ALA B 235 35.72 15.26 19.03
N SER B 236 36.17 15.66 20.21
CA SER B 236 36.85 14.80 21.18
C SER B 236 35.92 14.56 22.36
N THR B 237 35.62 13.30 22.64
CA THR B 237 34.77 12.91 23.76
C THR B 237 35.56 11.99 24.69
N LYS B 238 35.55 12.32 25.99
CA LYS B 238 36.19 11.49 27.01
C LYS B 238 35.15 11.11 28.05
N VAL B 239 34.84 9.82 28.14
CA VAL B 239 34.07 9.25 29.24
C VAL B 239 35.07 8.73 30.27
N LYS B 240 35.31 9.54 31.31
CA LYS B 240 36.33 9.32 32.34
C LYS B 240 36.43 7.87 32.76
N ASP B 241 37.63 7.30 32.61
CA ASP B 241 37.89 5.90 32.94
C ASP B 241 36.90 4.95 32.27
N ASP B 242 36.55 5.24 31.02
CA ASP B 242 35.77 4.30 30.22
C ASP B 242 36.22 4.29 28.78
N SER B 243 36.21 5.46 28.14
CA SER B 243 36.42 5.44 26.69
C SER B 243 36.75 6.83 26.20
N GLU B 244 37.35 6.85 25.02
CA GLU B 244 37.68 8.12 24.37
C GLU B 244 37.41 8.00 22.89
N SER B 245 36.88 9.07 22.28
CA SER B 245 36.65 9.10 20.85
C SER B 245 37.16 10.40 20.26
N LEU B 246 37.78 10.29 19.08
CA LEU B 246 38.16 11.45 18.28
C LEU B 246 37.56 11.23 16.89
N LEU B 247 36.68 12.17 16.49
CA LEU B 247 35.83 11.97 15.33
C LEU B 247 35.83 13.22 14.47
N LEU B 248 35.96 13.02 13.15
CA LEU B 248 35.97 14.11 12.18
C LEU B 248 34.79 13.93 11.21
N PRO B 249 33.56 14.23 11.66
CA PRO B 249 32.41 14.16 10.74
C PRO B 249 32.48 15.22 9.65
N VAL B 250 32.33 14.77 8.41
CA VAL B 250 32.12 15.64 7.25
C VAL B 250 30.73 15.35 6.71
N TYR B 251 30.01 16.40 6.33
CA TYR B 251 28.64 16.18 5.90
C TYR B 251 28.21 17.22 4.88
N GLY B 253 24.41 18.47 2.45
CA GLY B 253 23.00 18.24 2.21
C GLY B 253 22.36 19.36 1.42
N VAL B 254 21.06 19.18 1.20
CA VAL B 254 20.25 20.13 0.45
C VAL B 254 18.85 20.18 1.06
N GLU B 255 18.29 21.40 1.10
CA GLU B 255 16.85 21.62 1.20
C GLU B 255 16.39 22.27 -0.10
N HIS B 256 15.58 21.58 -0.90
CA HIS B 256 15.14 22.09 -2.20
C HIS B 256 13.63 22.24 -2.27
N ASN B 257 13.19 23.45 -2.62
N ASN B 257 13.17 23.45 -2.60
CA ASN B 257 11.80 23.74 -2.98
CA ASN B 257 11.76 23.69 -2.89
C ASN B 257 11.53 23.17 -4.37
C ASN B 257 11.50 23.17 -4.30
N ALA B 258 11.22 21.87 -4.40
CA ALA B 258 11.18 21.16 -5.67
C ALA B 258 9.85 21.27 -6.41
N ALA B 259 8.76 21.59 -5.70
CA ALA B 259 7.49 21.87 -6.34
C ALA B 259 6.70 22.80 -5.43
N SER B 260 5.59 23.32 -5.94
CA SER B 260 4.75 24.16 -5.10
C SER B 260 4.28 23.42 -3.85
N TRP B 261 4.17 22.09 -3.92
CA TRP B 261 3.68 21.26 -2.83
C TRP B 261 4.78 20.44 -2.15
N LEU B 262 6.03 20.58 -2.57
CA LEU B 262 7.04 19.63 -2.10
C LEU B 262 8.36 20.33 -1.79
N VAL B 263 8.84 20.08 -0.57
CA VAL B 263 10.22 20.36 -0.16
C VAL B 263 10.94 19.03 -0.04
N LEU B 264 12.09 18.90 -0.69
CA LEU B 264 12.89 17.70 -0.59
C LEU B 264 14.11 18.00 0.27
N ARG B 265 14.53 17.03 1.10
CA ARG B 265 15.64 17.25 2.01
C ARG B 265 16.51 16.01 2.05
N ALA B 266 17.83 16.20 1.96
CA ALA B 266 18.71 15.04 2.04
C ALA B 266 20.10 15.45 2.50
N SER B 267 20.79 14.51 3.13
CA SER B 267 22.14 14.78 3.57
C SER B 267 22.88 13.45 3.74
N VAL B 268 24.21 13.52 3.64
CA VAL B 268 25.09 12.39 3.84
C VAL B 268 26.27 12.84 4.71
N ALA B 269 26.73 11.94 5.59
CA ALA B 269 27.89 12.25 6.40
C ALA B 269 28.76 11.01 6.55
N GLN B 270 30.02 11.26 6.86
CA GLN B 270 31.01 10.23 7.11
C GLN B 270 32.08 10.85 7.98
N ASN B 271 32.64 10.04 8.88
CA ASN B 271 33.84 10.45 9.61
C ASN B 271 35.06 10.18 8.73
N VAL B 272 35.81 11.23 8.45
CA VAL B 272 36.98 11.12 7.52
C VAL B 272 38.30 11.24 8.30
N ILE B 273 39.21 10.27 8.13
CA ILE B 273 40.55 10.26 8.77
C ILE B 273 40.41 9.97 10.27
N LEU B 274 39.61 10.76 10.97
CA LEU B 274 39.46 10.57 12.43
C LEU B 274 38.13 9.84 12.68
N ASN B 275 38.21 8.57 13.08
CA ASN B 275 37.01 7.81 13.40
C ASN B 275 37.27 6.84 14.54
N GLU B 276 38.09 7.22 15.52
CA GLU B 276 38.56 6.22 16.48
C GLU B 276 37.89 6.33 17.85
N THR B 277 37.52 5.18 18.39
CA THR B 277 37.10 5.04 19.78
C THR B 277 38.00 4.02 20.47
N LYS B 278 38.62 4.44 21.57
CA LYS B 278 39.59 3.65 22.34
C LYS B 278 38.98 3.30 23.70
N ASP B 279 38.92 2.01 24.02
CA ASP B 279 38.52 1.57 25.35
C ASP B 279 39.61 1.91 26.35
N ASP B 280 39.27 2.66 27.39
CA ASP B 280 40.29 3.19 28.29
C ASP B 280 41.05 2.05 28.99
N ALA B 281 40.35 0.98 29.38
CA ALA B 281 41.01 -0.10 30.10
C ALA B 281 42.07 -0.77 29.23
N THR B 282 41.65 -1.37 28.12
CA THR B 282 42.52 -2.20 27.30
C THR B 282 43.27 -1.42 26.22
N GLY B 283 42.87 -0.17 25.94
CA GLY B 283 43.40 0.54 24.80
C GLY B 283 42.95 0.04 23.45
N ASN B 284 42.09 -0.99 23.42
CA ASN B 284 41.54 -1.52 22.18
C ASN B 284 40.70 -0.49 21.43
N LYS B 285 40.97 -0.36 20.13
CA LYS B 285 40.37 0.65 19.28
C LYS B 285 39.24 0.06 18.44
N THR B 286 38.11 0.74 18.38
CA THR B 286 37.04 0.41 17.46
C THR B 286 36.98 1.49 16.38
N ASP B 287 36.97 1.05 15.12
CA ASP B 287 37.13 2.00 14.01
C ASP B 287 36.38 1.45 12.80
N GLU B 288 35.05 1.60 12.81
CA GLU B 288 34.18 0.92 11.86
C GLU B 288 33.44 1.91 10.96
N ASP B 289 32.83 1.34 9.92
CA ASP B 289 32.09 2.10 8.92
C ASP B 289 31.14 3.10 9.58
N SER B 290 31.20 4.35 9.14
CA SER B 290 30.37 5.39 9.70
C SER B 290 29.48 6.11 8.69
N THR B 291 29.47 5.68 7.42
CA THR B 291 28.72 6.40 6.38
C THR B 291 27.25 6.39 6.70
N ARG B 292 26.61 7.54 6.61
CA ARG B 292 25.19 7.55 6.94
C ARG B 292 24.51 8.68 6.18
N ALA B 294 20.33 10.63 5.20
CA ALA B 294 19.04 11.00 5.74
C ALA B 294 18.23 11.69 4.65
N ALA B 295 16.91 11.53 4.70
CA ALA B 295 16.04 12.02 3.63
C ALA B 295 14.64 12.27 4.17
N GLY B 296 14.05 13.38 3.75
CA GLY B 296 12.69 13.68 4.16
C GLY B 296 11.99 14.62 3.19
N ALA B 297 10.73 14.89 3.49
CA ALA B 297 9.96 15.79 2.65
C ALA B 297 9.15 16.73 3.52
N GLY B 298 8.78 17.83 2.90
CA GLY B 298 7.70 18.67 3.37
C GLY B 298 6.61 18.64 2.32
N ILE B 299 5.39 18.28 2.70
CA ILE B 299 4.22 18.44 1.86
C ILE B 299 3.57 19.77 2.22
N LYS B 300 3.54 20.71 1.26
CA LYS B 300 3.14 22.10 1.50
C LYS B 300 1.73 22.38 0.99
N PHE B 301 0.90 22.98 1.85
CA PHE B 301 -0.42 23.48 1.52
C PHE B 301 -0.49 24.91 2.08
N GLY B 302 0.29 25.80 1.47
CA GLY B 302 0.37 27.17 1.95
C GLY B 302 0.77 27.23 3.40
N LYS B 303 -0.14 27.69 4.25
CA LYS B 303 0.17 27.83 5.67
C LYS B 303 0.39 26.50 6.37
N SER B 304 -0.11 25.38 5.81
CA SER B 304 0.00 24.06 6.42
C SER B 304 1.17 23.32 5.79
N VAL B 305 2.00 22.70 6.61
CA VAL B 305 3.10 21.92 6.09
C VAL B 305 3.20 20.65 6.92
N ILE B 306 3.10 19.49 6.26
CA ILE B 306 3.28 18.20 6.91
C ILE B 306 4.71 17.73 6.62
N ASP B 307 5.53 17.58 7.65
CA ASP B 307 6.91 17.18 7.43
C ASP B 307 7.09 15.70 7.79
N ALA B 308 8.00 15.05 7.09
CA ALA B 308 8.19 13.64 7.41
C ALA B 308 9.56 13.18 6.94
N SER B 309 9.96 12.02 7.47
CA SER B 309 11.13 11.30 7.04
C SER B 309 10.71 10.28 6.00
N PHE B 310 11.58 10.03 5.04
CA PHE B 310 11.32 8.90 4.15
C PHE B 310 11.61 7.64 4.95
N ALA B 311 10.54 6.98 5.39
CA ALA B 311 10.66 5.85 6.30
C ALA B 311 11.49 4.72 5.72
N GLY B 312 11.64 4.66 4.40
CA GLY B 312 12.44 3.64 3.76
C GLY B 312 13.87 4.00 3.46
N SER B 313 14.35 5.14 3.97
CA SER B 313 15.68 5.61 3.57
C SER B 313 16.78 4.59 3.93
N THR B 314 16.78 4.03 5.14
CA THR B 314 17.86 3.09 5.47
C THR B 314 17.84 1.83 4.63
N THR B 315 16.77 1.53 3.88
CA THR B 315 16.80 0.36 3.00
C THR B 315 16.69 0.75 1.53
N GLY B 316 16.76 2.04 1.20
CA GLY B 316 16.68 2.50 -0.18
C GLY B 316 15.36 2.27 -0.90
N VAL B 317 14.24 2.18 -0.20
CA VAL B 317 12.95 1.92 -0.82
C VAL B 317 11.99 3.08 -0.59
N ILE B 318 11.09 3.27 -1.56
CA ILE B 318 9.93 4.14 -1.42
C ILE B 318 8.74 3.31 -1.89
N ASN B 319 7.86 2.96 -0.97
CA ASN B 319 6.69 2.19 -1.34
C ASN B 319 5.61 2.45 -0.30
N ALA B 320 4.41 1.96 -0.55
CA ALA B 320 3.29 2.42 0.24
C ALA B 320 3.26 1.87 1.66
N ASN B 321 4.31 1.06 2.00
CA ASN B 321 4.38 0.61 3.42
C ASN B 321 5.54 1.36 4.07
N ASN B 322 6.38 1.97 3.28
CA ASN B 322 7.56 2.69 3.72
C ASN B 322 7.50 4.06 3.06
N LEU B 323 6.51 4.85 3.46
CA LEU B 323 6.42 6.17 2.87
C LEU B 323 6.94 7.22 3.86
N PHE B 324 6.12 7.64 4.81
CA PHE B 324 6.43 8.73 5.72
C PHE B 324 6.47 8.24 7.16
N SER B 325 7.47 8.70 7.90
CA SER B 325 7.51 8.47 9.33
C SER B 325 8.02 9.73 9.99
N GLN B 326 7.94 9.77 11.31
CA GLN B 326 8.32 10.96 12.06
C GLN B 326 7.55 12.18 11.53
N VAL B 327 6.25 11.95 11.26
CA VAL B 327 5.42 13.02 10.74
C VAL B 327 5.29 14.13 11.78
N ALA B 328 5.27 15.37 11.30
CA ALA B 328 4.89 16.53 12.10
C ALA B 328 4.01 17.43 11.24
N TYR B 329 3.26 18.31 11.89
CA TYR B 329 2.34 19.22 11.25
C TYR B 329 2.64 20.64 11.73
N THR B 330 2.69 21.61 10.81
CA THR B 330 3.06 22.96 11.22
C THR B 330 2.18 23.97 10.50
N TYR B 331 1.49 24.82 11.28
CA TYR B 331 0.65 25.88 10.74
C TYR B 331 1.38 27.21 10.97
N THR B 332 1.79 27.84 9.87
CA THR B 332 2.39 29.18 9.93
C THR B 332 1.31 30.23 9.72
N PHE B 333 1.08 31.07 10.72
CA PHE B 333 -0.11 31.93 10.70
C PHE B 333 -0.08 32.96 9.57
N SER C 1 -18.65 15.07 11.83
CA SER C 1 -18.27 13.65 11.99
C SER C 1 -17.40 13.41 13.24
N LYS C 2 -17.30 12.16 13.67
CA LYS C 2 -16.51 11.88 14.87
C LYS C 2 -15.04 12.18 14.67
N ALA C 3 -14.48 11.80 13.52
CA ALA C 3 -13.06 12.11 13.26
C ALA C 3 -12.81 13.61 13.33
N ARG C 4 -13.76 14.41 12.84
CA ARG C 4 -13.60 15.85 12.87
C ARG C 4 -13.64 16.39 14.30
N VAL C 5 -14.64 15.99 15.08
CA VAL C 5 -14.73 16.48 16.44
C VAL C 5 -13.51 16.04 17.24
N GLU C 6 -13.02 14.82 16.98
CA GLU C 6 -11.87 14.31 17.74
C GLU C 6 -10.58 15.03 17.39
N ALA C 7 -10.32 15.24 16.09
CA ALA C 7 -9.13 15.98 15.71
C ALA C 7 -9.19 17.42 16.22
N LEU C 8 -10.38 17.93 16.51
CA LEU C 8 -10.52 19.28 17.04
C LEU C 8 -10.57 19.28 18.57
N ALA C 9 -10.03 18.26 19.22
CA ALA C 9 -9.93 18.22 20.68
C ALA C 9 -11.29 18.22 21.34
N ASN C 10 -12.36 17.95 20.60
CA ASN C 10 -13.70 17.93 21.16
C ASN C 10 -14.07 19.28 21.76
N SER C 11 -13.41 20.33 21.28
CA SER C 11 -13.56 21.67 21.82
C SER C 11 -14.98 22.21 21.67
N ARG C 12 -15.42 22.98 22.68
CA ARG C 12 -16.74 23.59 22.66
C ARG C 12 -16.95 24.59 21.52
N HIS C 13 -15.89 25.06 20.86
CA HIS C 13 -16.12 25.99 19.75
C HIS C 13 -16.62 25.29 18.48
N VAL C 14 -16.56 23.96 18.43
CA VAL C 14 -16.86 23.21 17.22
C VAL C 14 -18.38 23.05 17.07
N LEU C 15 -18.88 23.35 15.87
CA LEU C 15 -20.27 23.06 15.51
C LEU C 15 -20.26 21.87 14.56
N ASP C 16 -20.93 20.79 14.94
CA ASP C 16 -20.88 19.55 14.17
C ASP C 16 -22.12 18.72 14.49
N PHE C 17 -22.55 17.90 13.53
CA PHE C 17 -23.64 16.96 13.78
C PHE C 17 -23.42 16.15 15.05
N GLN C 18 -22.16 15.83 15.38
CA GLN C 18 -21.85 14.97 16.50
C GLN C 18 -21.83 15.71 17.83
N THR C 19 -21.75 17.04 17.82
CA THR C 19 -21.83 17.81 19.05
C THR C 19 -23.22 18.38 19.28
N ALA C 20 -24.11 18.27 18.29
CA ALA C 20 -25.46 18.79 18.40
C ALA C 20 -26.36 17.92 19.28
N PHE C 21 -26.15 16.60 19.29
CA PHE C 21 -27.03 15.75 20.09
C PHE C 21 -27.17 16.29 21.51
N ASP C 22 -26.07 16.76 22.11
CA ASP C 22 -26.09 17.20 23.50
C ASP C 22 -26.06 18.71 23.64
N ARG C 23 -26.46 19.42 22.58
CA ARG C 23 -26.49 20.87 22.43
C ARG C 23 -27.46 21.13 21.30
N PRO C 24 -28.71 20.67 21.44
CA PRO C 24 -29.59 20.56 20.27
C PRO C 24 -29.95 21.88 19.61
N TYR C 25 -29.75 23.03 20.26
CA TYR C 25 -29.95 24.26 19.50
C TYR C 25 -29.06 24.27 18.27
N GLN C 26 -27.89 23.63 18.36
CA GLN C 26 -26.97 23.56 17.23
C GLN C 26 -27.63 22.99 15.97
N PHE C 27 -28.65 22.13 16.13
CA PHE C 27 -29.30 21.58 14.94
C PHE C 27 -29.89 22.68 14.07
N ALA C 29 -28.35 25.62 13.57
CA ALA C 29 -27.19 26.23 12.94
C ALA C 29 -26.54 25.35 11.86
N LEU C 30 -26.75 24.03 11.91
CA LEU C 30 -26.18 23.13 10.92
C LEU C 30 -26.89 23.27 9.59
N SER C 31 -26.15 23.13 8.51
CA SER C 31 -26.75 23.11 7.20
C SER C 31 -27.51 21.79 7.05
N GLU C 32 -28.53 21.80 6.18
CA GLU C 32 -29.26 20.56 5.97
C GLU C 32 -28.32 19.49 5.42
N GLN C 33 -28.28 18.33 6.06
CA GLN C 33 -27.27 17.35 5.65
C GLN C 33 -27.68 15.96 6.08
N ALA C 34 -27.02 14.97 5.44
CA ALA C 34 -27.06 13.57 5.83
C ALA C 34 -25.65 13.11 6.13
N THR C 35 -25.47 12.30 7.18
CA THR C 35 -24.14 11.83 7.55
C THR C 35 -24.19 10.34 7.88
N ILE C 36 -23.11 9.65 7.54
CA ILE C 36 -22.97 8.23 7.80
C ILE C 36 -21.59 7.97 8.40
N GLU C 37 -21.57 7.38 9.60
CA GLU C 37 -20.33 6.91 10.22
C GLU C 37 -20.11 5.46 9.78
N TRP C 38 -19.05 5.24 9.00
CA TRP C 38 -18.69 3.90 8.55
C TRP C 38 -18.45 2.98 9.74
N GLY C 39 -18.85 1.73 9.59
CA GLY C 39 -18.68 0.75 10.64
C GLY C 39 -19.53 -0.49 10.40
N ASN C 40 -19.69 -1.28 11.45
CA ASN C 40 -20.39 -2.55 11.34
C ASN C 40 -21.57 -2.59 12.31
N THR C 41 -22.37 -3.65 12.14
CA THR C 41 -23.48 -3.94 13.03
C THR C 41 -22.99 -4.61 14.30
N GLY C 42 -23.73 -4.40 15.39
CA GLY C 42 -23.48 -5.13 16.63
C GLY C 42 -22.33 -4.63 17.51
N ASP C 43 -21.57 -5.59 18.06
CA ASP C 43 -20.47 -5.30 18.98
C ASP C 43 -19.22 -4.93 18.20
N ALA C 44 -19.27 -3.77 17.56
CA ALA C 44 -18.24 -3.38 16.62
C ALA C 44 -17.80 -1.95 16.92
N ASN C 45 -16.53 -1.71 16.69
CA ASN C 45 -15.93 -0.39 16.89
C ASN C 45 -15.01 -0.08 15.70
N PRO C 46 -15.38 0.84 14.79
CA PRO C 46 -16.55 1.74 14.79
C PRO C 46 -17.88 1.05 14.46
N HIS C 47 -18.97 1.56 15.01
CA HIS C 47 -20.30 1.01 14.83
C HIS C 47 -21.05 1.80 13.76
N ALA C 48 -21.61 1.11 12.78
CA ALA C 48 -22.39 1.80 11.75
C ALA C 48 -23.34 2.80 12.41
N GLU C 49 -23.31 4.05 11.94
CA GLU C 49 -24.25 5.05 12.44
C GLU C 49 -24.67 5.95 11.30
N GLY C 50 -25.72 6.72 11.53
CA GLY C 50 -26.05 7.68 10.51
C GLY C 50 -27.40 8.36 10.67
N GLY C 51 -27.54 9.54 10.11
CA GLY C 51 -28.82 10.19 10.14
C GLY C 51 -28.82 11.46 9.33
N PHE C 52 -29.74 12.35 9.70
CA PHE C 52 -29.97 13.55 8.92
C PHE C 52 -30.55 14.64 9.80
N VAL C 53 -30.31 15.88 9.36
CA VAL C 53 -31.03 17.05 9.84
C VAL C 53 -31.57 17.86 8.67
N LYS C 54 -32.80 18.33 8.81
CA LYS C 54 -33.57 18.99 7.77
C LYS C 54 -34.23 20.25 8.32
N ARG C 55 -34.35 21.28 7.48
CA ARG C 55 -35.06 22.48 7.89
C ARG C 55 -36.54 22.32 7.67
N HIS C 56 -37.33 23.14 8.39
CA HIS C 56 -38.79 23.06 8.37
C HIS C 56 -39.32 24.47 8.65
N GLY C 57 -39.37 25.27 7.60
CA GLY C 57 -39.58 26.69 7.78
C GLY C 57 -38.27 27.37 8.09
N ASP C 58 -38.30 28.68 8.25
CA ASP C 58 -37.08 29.43 8.46
C ASP C 58 -36.61 29.39 9.91
N ASP C 59 -37.42 28.89 10.83
CA ASP C 59 -37.09 29.00 12.25
C ASP C 59 -37.15 27.64 12.95
N SER C 60 -36.92 26.55 12.23
CA SER C 60 -36.93 25.26 12.89
C SER C 60 -36.22 24.20 12.05
N ALA C 61 -35.70 23.21 12.75
CA ALA C 61 -35.00 22.08 12.16
C ALA C 61 -35.35 20.85 12.96
N PHE C 62 -35.37 19.70 12.28
CA PHE C 62 -35.59 18.44 12.95
C PHE C 62 -34.81 17.35 12.24
N GLY C 63 -34.76 16.19 12.86
CA GLY C 63 -34.23 15.05 12.13
C GLY C 63 -34.10 13.84 13.02
N ALA C 64 -33.40 12.84 12.49
CA ALA C 64 -33.33 11.57 13.19
C ALA C 64 -31.97 10.92 12.96
N TYR C 65 -31.62 9.95 13.80
CA TYR C 65 -30.29 9.35 13.77
C TYR C 65 -30.32 7.92 14.31
N PHE C 66 -29.70 6.99 13.58
CA PHE C 66 -29.63 5.57 13.92
C PHE C 66 -28.23 5.17 14.37
N GLY C 67 -28.16 4.39 15.45
CA GLY C 67 -26.95 3.67 15.81
C GLY C 67 -26.18 4.23 17.00
N ARG C 68 -26.49 5.44 17.45
CA ARG C 68 -25.64 6.08 18.44
C ARG C 68 -25.70 5.31 19.76
N ARG C 69 -24.57 5.27 20.46
CA ARG C 69 -24.46 4.58 21.74
C ARG C 69 -23.89 5.55 22.78
N SER C 70 -24.50 5.56 23.96
CA SER C 70 -24.01 6.39 25.06
C SER C 70 -22.64 5.90 25.52
N ALA C 71 -21.73 6.85 25.77
CA ALA C 71 -20.41 6.48 26.27
C ALA C 71 -20.49 5.91 27.67
N ASP C 72 -21.29 6.54 28.53
CA ASP C 72 -21.47 6.01 29.88
C ASP C 72 -22.03 4.59 29.85
N PHE C 73 -23.08 4.36 29.04
CA PHE C 73 -23.68 3.04 28.96
C PHE C 73 -22.67 1.99 28.52
N SER C 74 -21.97 2.28 27.41
CA SER C 74 -20.99 1.33 26.89
C SER C 74 -19.86 1.11 27.88
N GLU C 75 -19.47 2.15 28.62
CA GLU C 75 -18.43 2.00 29.63
C GLU C 75 -18.87 1.03 30.72
N ALA C 76 -20.08 1.23 31.24
CA ALA C 76 -20.61 0.34 32.28
C ALA C 76 -20.67 -1.10 31.81
N VAL C 77 -21.27 -1.31 30.63
CA VAL C 77 -21.36 -2.67 30.12
C VAL C 77 -19.97 -3.28 30.00
N GLN C 78 -19.03 -2.53 29.40
CA GLN C 78 -17.72 -3.10 29.10
C GLN C 78 -16.95 -3.46 30.36
N THR C 79 -17.07 -2.61 31.39
CA THR C 79 -16.46 -2.93 32.68
C THR C 79 -17.02 -4.23 33.25
N VAL C 80 -18.35 -4.37 33.27
CA VAL C 80 -18.90 -5.64 33.72
C VAL C 80 -18.37 -6.80 32.89
N ARG C 81 -18.33 -6.64 31.56
CA ARG C 81 -17.81 -7.71 30.69
C ARG C 81 -16.39 -8.09 31.08
N ASP C 82 -15.57 -7.08 31.40
CA ASP C 82 -14.18 -7.33 31.73
C ASP C 82 -14.04 -8.03 33.07
N ALA C 83 -15.00 -7.85 33.98
CA ALA C 83 -14.91 -8.48 35.30
C ALA C 83 -14.82 -10.01 35.19
N ASN C 84 -15.58 -10.63 34.28
CA ASN C 84 -15.64 -12.08 34.18
C ASN C 84 -16.05 -12.51 32.77
N PRO C 85 -15.36 -13.49 32.17
CA PRO C 85 -15.80 -13.98 30.85
C PRO C 85 -17.20 -14.59 30.83
N ALA C 86 -17.79 -14.89 32.00
CA ALA C 86 -19.18 -15.36 32.04
C ALA C 86 -20.17 -14.28 31.67
N PHE C 87 -19.74 -13.02 31.64
CA PHE C 87 -20.57 -11.88 31.28
C PHE C 87 -20.31 -11.42 29.85
N ALA C 88 -19.74 -12.29 29.02
CA ALA C 88 -19.35 -11.86 27.68
C ALA C 88 -20.52 -11.32 26.86
N ASP C 89 -21.76 -11.74 27.17
CA ASP C 89 -22.91 -11.40 26.36
C ASP C 89 -23.69 -10.18 26.83
N LEU C 90 -23.32 -9.60 27.98
CA LEU C 90 -24.02 -8.42 28.48
C LEU C 90 -24.10 -7.34 27.41
N PHE C 92 -24.57 -4.13 24.93
CA PHE C 92 -24.62 -2.69 24.76
C PHE C 92 -26.00 -2.30 24.25
N GLU C 93 -26.26 -0.99 24.21
CA GLU C 93 -27.49 -0.49 23.61
C GLU C 93 -27.73 -1.14 22.25
N GLN C 94 -29.00 -1.47 21.99
CA GLN C 94 -29.40 -2.09 20.74
C GLN C 94 -30.28 -1.12 19.96
N ASN C 95 -30.06 -1.09 18.66
CA ASN C 95 -30.90 -0.28 17.74
C ASN C 95 -31.16 1.09 18.37
N GLY C 96 -30.10 1.85 18.63
CA GLY C 96 -30.25 3.21 19.18
C GLY C 96 -31.03 4.10 18.24
N LEU C 97 -31.96 4.89 18.79
CA LEU C 97 -32.73 5.86 17.98
C LEU C 97 -32.65 7.24 18.60
N ASN C 98 -32.49 8.25 17.76
CA ASN C 98 -32.44 9.64 18.22
C ASN C 98 -33.40 10.43 17.37
N LEU C 99 -34.22 11.25 18.02
CA LEU C 99 -35.03 12.25 17.34
C LEU C 99 -34.64 13.60 17.90
N PHE C 100 -34.64 14.63 17.05
CA PHE C 100 -34.23 15.92 17.57
C PHE C 100 -34.98 17.02 16.84
N TYR C 101 -35.11 18.15 17.53
CA TYR C 101 -35.85 19.30 17.01
C TYR C 101 -35.31 20.56 17.65
N ALA C 102 -35.41 21.65 16.90
CA ALA C 102 -34.85 22.92 17.34
C ALA C 102 -35.57 24.05 16.64
N SER C 103 -35.65 25.19 17.32
CA SER C 103 -36.48 26.28 16.84
C SER C 103 -35.86 27.58 17.31
N LYS C 104 -35.84 28.55 16.42
CA LYS C 104 -35.34 29.91 16.76
C LYS C 104 -36.54 30.76 17.11
N GLY C 106 -37.11 34.18 18.21
CA GLY C 106 -36.64 35.56 18.41
C GLY C 106 -35.12 35.66 18.37
N GLU C 107 -34.51 35.95 19.52
CA GLU C 107 -33.08 35.88 19.69
C GLU C 107 -32.63 34.57 20.35
N TRP C 108 -33.56 33.77 20.84
CA TRP C 108 -33.25 32.50 21.48
C TRP C 108 -33.52 31.36 20.51
N THR C 109 -32.56 30.43 20.43
CA THR C 109 -32.75 29.14 19.76
C THR C 109 -32.74 28.08 20.83
N TRP C 110 -33.74 27.21 20.82
CA TRP C 110 -33.82 26.11 21.77
C TRP C 110 -33.97 24.81 21.01
N GLY C 111 -33.57 23.72 21.65
CA GLY C 111 -33.63 22.43 21.00
C GLY C 111 -33.74 21.33 22.03
N VAL C 112 -34.06 20.14 21.52
CA VAL C 112 -34.32 18.93 22.31
C VAL C 112 -33.89 17.72 21.50
N THR C 113 -33.17 16.81 22.18
CA THR C 113 -32.75 15.53 21.63
C THR C 113 -33.30 14.41 22.49
N ALA C 114 -34.02 13.48 21.88
CA ALA C 114 -34.56 12.32 22.55
C ALA C 114 -33.76 11.09 22.12
N LYS C 115 -33.31 10.31 23.09
CA LYS C 115 -32.56 9.08 22.86
C LYS C 115 -33.34 7.91 23.42
N TYR C 116 -33.51 6.86 22.62
CA TYR C 116 -34.15 5.63 23.08
C TYR C 116 -33.45 4.44 22.45
N SER C 117 -33.37 3.34 23.19
CA SER C 117 -32.80 2.10 22.70
C SER C 117 -33.42 0.95 23.47
N ASN C 118 -33.49 -0.22 22.82
CA ASN C 118 -34.11 -1.41 23.39
C ASN C 118 -33.81 -2.67 22.59
N GLY C 119 -33.30 -3.72 23.25
CA GLY C 119 -33.08 -4.99 22.59
C GLY C 119 -33.01 -6.15 23.58
N LYS C 120 -33.12 -7.36 23.05
CA LYS C 120 -33.20 -8.54 23.91
C LYS C 120 -32.90 -9.81 23.11
N ASN C 121 -32.25 -10.77 23.77
CA ASN C 121 -32.04 -12.13 23.28
C ASN C 121 -32.55 -13.13 24.33
N GLU C 122 -33.77 -13.65 24.12
CA GLU C 122 -34.47 -14.53 25.04
C GLU C 122 -34.13 -16.02 24.84
N ASP C 123 -33.18 -16.33 23.98
CA ASP C 123 -32.58 -17.66 24.01
C ASP C 123 -32.13 -17.97 25.44
N PRO C 124 -32.49 -19.11 26.00
CA PRO C 124 -32.16 -19.37 27.42
C PRO C 124 -30.67 -19.34 27.70
N THR C 125 -29.83 -19.65 26.71
CA THR C 125 -28.39 -19.66 26.90
C THR C 125 -27.76 -18.27 26.84
N VAL C 126 -28.47 -17.27 26.30
CA VAL C 126 -27.99 -15.88 26.27
C VAL C 126 -28.71 -15.08 27.33
N GLY C 127 -30.03 -14.99 27.22
CA GLY C 127 -30.87 -14.35 28.21
C GLY C 127 -30.50 -12.92 28.55
N THR C 128 -30.56 -12.02 27.57
CA THR C 128 -30.08 -10.67 27.78
C THR C 128 -31.16 -9.65 27.42
N LYS C 129 -31.16 -8.53 28.13
CA LYS C 129 -32.10 -7.46 27.88
C LYS C 129 -31.42 -6.13 28.19
N ALA C 130 -31.63 -5.13 27.33
CA ALA C 130 -31.01 -3.82 27.53
C ALA C 130 -31.92 -2.72 27.03
N THR C 131 -31.90 -1.60 27.74
CA THR C 131 -32.82 -0.49 27.47
C THR C 131 -32.18 0.80 27.94
N SER C 132 -32.41 1.86 27.18
CA SER C 132 -31.93 3.17 27.58
C SER C 132 -32.86 4.24 27.04
N ALA C 133 -32.95 5.34 27.77
CA ALA C 133 -33.75 6.48 27.37
C ALA C 133 -33.19 7.73 28.06
N GLY C 134 -33.11 8.81 27.28
CA GLY C 134 -32.55 10.05 27.80
C GLY C 134 -33.02 11.22 26.97
N VAL C 135 -32.80 12.41 27.51
CA VAL C 135 -33.17 13.65 26.85
C VAL C 135 -32.10 14.70 27.08
N ALA C 136 -31.93 15.56 26.08
CA ALA C 136 -31.12 16.78 26.20
C ALA C 136 -32.00 17.96 25.81
N VAL C 137 -31.99 18.99 26.63
CA VAL C 137 -32.72 20.22 26.37
C VAL C 137 -31.70 21.35 26.48
N ALA C 138 -31.78 22.31 25.57
CA ALA C 138 -30.78 23.36 25.64
C ALA C 138 -31.27 24.57 24.84
N ALA C 139 -30.75 25.74 25.21
CA ALA C 139 -31.09 26.94 24.47
C ALA C 139 -29.94 27.93 24.56
N SER C 140 -29.90 28.84 23.59
CA SER C 140 -28.84 29.82 23.46
C SER C 140 -29.37 31.08 22.78
N ASN C 141 -28.81 32.23 23.16
CA ASN C 141 -29.11 33.49 22.46
C ASN C 141 -27.86 34.04 21.79
N GLY C 142 -26.82 33.22 21.63
CA GLY C 142 -25.54 33.65 21.13
C GLY C 142 -24.58 34.11 22.22
N THR C 143 -25.10 34.61 23.34
CA THR C 143 -24.31 35.02 24.49
C THR C 143 -24.34 33.99 25.61
N TRP C 144 -25.50 33.41 25.90
CA TRP C 144 -25.65 32.43 26.97
C TRP C 144 -26.04 31.08 26.38
N ASP C 145 -25.36 30.04 26.83
CA ASP C 145 -25.68 28.66 26.47
C ASP C 145 -26.15 27.95 27.72
N PHE C 146 -27.31 27.31 27.63
CA PHE C 146 -27.83 26.47 28.71
C PHE C 146 -28.07 25.09 28.13
N GLU C 147 -27.42 24.08 28.72
CA GLU C 147 -27.53 22.71 28.23
C GLU C 147 -27.79 21.78 29.40
N LEU C 148 -28.88 21.01 29.30
CA LEU C 148 -29.19 19.96 30.26
C LEU C 148 -29.33 18.63 29.55
N VAL C 149 -28.48 17.68 29.92
CA VAL C 149 -28.59 16.28 29.48
C VAL C 149 -29.02 15.43 30.67
N GLN C 150 -30.06 14.63 30.48
CA GLN C 150 -30.69 13.89 31.55
C GLN C 150 -30.90 12.44 31.11
N GLY C 151 -30.48 11.50 31.92
CA GLY C 151 -30.69 10.08 31.65
C GLY C 151 -31.90 9.57 32.42
N PHE C 152 -32.89 9.06 31.69
CA PHE C 152 -34.06 8.46 32.32
C PHE C 152 -33.82 7.00 32.68
N THR C 153 -33.64 6.17 31.67
CA THR C 153 -33.49 4.74 31.85
C THR C 153 -32.13 4.30 31.34
N GLY C 154 -31.52 3.35 32.03
CA GLY C 154 -30.27 2.79 31.58
C GLY C 154 -29.98 1.49 32.26
N LYS C 155 -30.34 0.37 31.63
CA LYS C 155 -30.19 -0.93 32.26
C LYS C 155 -29.79 -1.96 31.22
N SER C 156 -28.93 -2.89 31.63
CA SER C 156 -28.57 -4.02 30.81
C SER C 156 -28.34 -5.21 31.73
N GLU C 157 -28.89 -6.37 31.38
CA GLU C 157 -28.89 -7.50 32.29
C GLU C 157 -28.84 -8.81 31.53
N LEU C 158 -28.28 -9.81 32.20
CA LEU C 158 -27.91 -11.10 31.66
C LEU C 158 -28.31 -12.18 32.66
N ASP C 159 -28.89 -13.27 32.17
CA ASP C 159 -29.33 -14.39 33.01
C ASP C 159 -29.44 -15.62 32.09
N ASN C 160 -28.38 -16.43 32.05
CA ASN C 160 -28.28 -17.56 31.14
C ASN C 160 -28.46 -18.91 31.84
N GLY C 161 -29.02 -18.92 33.05
CA GLY C 161 -29.16 -20.12 33.83
C GLY C 161 -27.92 -20.52 34.60
N THR C 162 -26.75 -20.06 34.18
CA THR C 162 -25.50 -20.28 34.90
C THR C 162 -25.11 -19.08 35.74
N VAL C 163 -25.01 -17.89 35.13
CA VAL C 163 -24.68 -16.68 35.88
C VAL C 163 -25.76 -15.64 35.62
N THR C 164 -25.81 -14.67 36.52
CA THR C 164 -26.56 -13.45 36.27
C THR C 164 -25.60 -12.28 36.39
N ALA C 165 -25.98 -11.19 35.73
CA ALA C 165 -25.28 -9.93 35.87
C ALA C 165 -26.25 -8.84 35.47
N GLU C 166 -26.11 -7.68 36.07
CA GLU C 166 -26.92 -6.57 35.63
C GLU C 166 -26.18 -5.29 36.01
N VAL C 167 -26.46 -4.25 35.25
CA VAL C 167 -25.96 -2.92 35.52
C VAL C 167 -27.08 -1.95 35.19
N GLU C 168 -27.23 -0.92 36.01
CA GLU C 168 -28.39 -0.05 35.95
C GLU C 168 -27.96 1.36 36.34
N SER C 169 -28.66 2.35 35.78
CA SER C 169 -28.41 3.75 36.05
C SER C 169 -29.41 4.26 37.09
N LYS C 170 -28.91 4.59 38.27
CA LYS C 170 -29.72 5.24 39.28
C LYS C 170 -29.65 6.76 39.17
N GLY C 171 -29.16 7.30 38.07
CA GLY C 171 -29.14 8.73 37.87
C GLY C 171 -28.03 9.27 36.98
N LEU C 172 -28.38 10.18 36.07
CA LEU C 172 -27.41 10.77 35.15
C LEU C 172 -27.84 12.20 34.86
N THR C 173 -27.04 13.16 35.29
CA THR C 173 -27.36 14.56 35.09
C THR C 173 -26.12 15.34 34.68
N ASN C 174 -26.29 16.19 33.68
CA ASN C 174 -25.19 16.92 33.07
C ASN C 174 -25.69 18.31 32.74
N VAL C 175 -25.23 19.32 33.46
CA VAL C 175 -25.62 20.69 33.19
C VAL C 175 -24.38 21.46 32.78
N THR C 176 -24.55 22.31 31.77
CA THR C 176 -23.49 23.18 31.26
C THR C 176 -24.08 24.56 31.05
N VAL C 177 -23.32 25.57 31.47
CA VAL C 177 -23.62 26.97 31.15
C VAL C 177 -22.40 27.56 30.47
N GLY C 178 -22.63 28.30 29.40
CA GLY C 178 -21.55 28.96 28.70
C GLY C 178 -21.88 30.42 28.45
N TYR C 179 -20.83 31.23 28.45
CA TYR C 179 -20.92 32.67 28.23
C TYR C 179 -19.91 33.07 27.15
N HIS C 180 -20.39 33.80 26.15
CA HIS C 180 -19.56 34.30 25.05
C HIS C 180 -19.47 35.82 25.13
N SER C 182 -17.41 37.55 23.28
CA SER C 182 -17.28 37.89 21.88
C SER C 182 -17.42 36.63 21.05
N PRO C 183 -17.40 36.74 19.72
CA PRO C 183 -17.39 35.52 18.89
C PRO C 183 -16.09 34.74 18.97
N GLU C 184 -15.09 35.23 19.73
CA GLU C 184 -13.79 34.58 19.87
C GLU C 184 -13.54 34.00 21.25
N GLU C 186 -15.14 32.14 24.88
CA GLU C 186 -16.20 31.48 25.61
C GLU C 186 -15.60 31.02 26.92
N VAL C 187 -16.33 31.22 27.99
CA VAL C 187 -16.08 30.56 29.27
C VAL C 187 -17.27 29.67 29.54
N TYR C 188 -17.05 28.59 30.27
CA TYR C 188 -18.14 27.65 30.50
C TYR C 188 -17.91 26.94 31.81
N GLY C 189 -18.99 26.43 32.35
CA GLY C 189 -18.94 25.60 33.54
C GLY C 189 -19.87 24.42 33.35
N ASN C 190 -19.54 23.33 34.04
CA ASN C 190 -20.25 22.08 33.83
C ASN C 190 -20.23 21.24 35.11
N VAL C 191 -21.39 20.74 35.52
CA VAL C 191 -21.51 19.78 36.62
C VAL C 191 -22.13 18.50 36.07
N LYS C 192 -21.56 17.36 36.47
CA LYS C 192 -22.05 16.06 36.02
C LYS C 192 -22.10 15.10 37.20
N SER C 194 -23.56 11.04 38.44
CA SER C 194 -24.02 9.76 37.94
C SER C 194 -23.87 8.72 39.04
N LYS C 195 -24.92 7.92 39.26
CA LYS C 195 -24.86 6.77 40.13
C LYS C 195 -25.21 5.53 39.32
N VAL C 196 -24.35 4.53 39.39
CA VAL C 196 -24.53 3.29 38.66
C VAL C 196 -24.47 2.15 39.66
N GLU C 197 -25.44 1.26 39.59
CA GLU C 197 -25.50 0.10 40.47
C GLU C 197 -25.37 -1.15 39.63
N ALA C 198 -24.73 -2.16 40.18
CA ALA C 198 -24.53 -3.39 39.42
C ALA C 198 -24.64 -4.57 40.35
N ASP C 199 -24.92 -5.73 39.76
CA ASP C 199 -24.91 -7.01 40.45
C ASP C 199 -24.20 -8.03 39.57
N LEU C 200 -23.04 -8.52 39.99
CA LEU C 200 -22.33 -9.55 39.26
C LEU C 200 -22.49 -10.85 40.06
N ASN C 201 -23.51 -11.62 39.70
CA ASN C 201 -23.69 -12.96 40.24
C ASN C 201 -23.65 -12.94 41.77
N GLY C 202 -24.59 -12.20 42.36
CA GLY C 202 -24.70 -12.06 43.78
C GLY C 202 -23.80 -11.01 44.41
N THR C 203 -22.77 -10.55 43.72
CA THR C 203 -21.87 -9.54 44.28
C THR C 203 -22.35 -8.15 43.89
N PRO C 204 -22.81 -7.32 44.83
CA PRO C 204 -23.29 -5.98 44.46
C PRO C 204 -22.15 -4.98 44.34
N ILE C 205 -22.41 -3.92 43.56
CA ILE C 205 -21.45 -2.85 43.31
C ILE C 205 -22.20 -1.55 43.15
N GLU C 206 -21.57 -0.47 43.61
CA GLU C 206 -22.08 0.89 43.42
C GLU C 206 -20.94 1.80 43.01
N VAL C 207 -21.24 2.76 42.13
CA VAL C 207 -20.24 3.70 41.65
C VAL C 207 -20.95 5.04 41.48
N GLU C 208 -20.59 6.01 42.31
CA GLU C 208 -21.19 7.33 42.27
C GLU C 208 -20.08 8.31 41.89
N THR C 209 -20.29 9.03 40.79
CA THR C 209 -19.26 9.93 40.28
C THR C 209 -19.84 11.34 40.17
N THR C 210 -19.07 12.32 40.63
CA THR C 210 -19.46 13.72 40.51
C THR C 210 -18.27 14.52 40.03
N SER C 211 -18.50 15.38 39.03
CA SER C 211 -17.42 16.17 38.44
C SER C 211 -17.87 17.60 38.20
N TYR C 212 -16.92 18.51 38.32
CA TYR C 212 -17.09 19.93 38.06
C TYR C 212 -16.00 20.37 37.10
N LYS C 213 -16.35 21.24 36.17
CA LYS C 213 -15.38 21.75 35.22
C LYS C 213 -15.63 23.23 35.00
N VAL C 214 -14.56 23.99 34.97
CA VAL C 214 -14.64 25.37 34.50
C VAL C 214 -13.57 25.55 33.44
N GLY C 215 -13.97 26.01 32.27
CA GLY C 215 -13.05 26.14 31.17
C GLY C 215 -13.24 27.44 30.41
N VAL C 217 -12.39 28.72 26.12
CA VAL C 217 -11.90 28.36 24.79
C VAL C 217 -11.86 29.63 23.95
N ASN C 218 -10.81 29.77 23.14
CA ASN C 218 -10.68 30.93 22.27
C ASN C 218 -10.40 30.52 20.84
N THR C 219 -10.90 31.31 19.91
CA THR C 219 -10.51 31.22 18.50
C THR C 219 -9.94 32.55 18.05
N LEU C 220 -9.23 32.54 16.92
CA LEU C 220 -8.76 33.79 16.39
C LEU C 220 -9.89 34.48 15.62
N ALA C 221 -9.71 35.76 15.32
CA ALA C 221 -10.69 36.46 14.48
C ALA C 221 -10.84 35.70 13.16
N LYS C 222 -12.09 35.38 12.82
CA LYS C 222 -12.40 34.44 11.74
C LYS C 222 -11.67 34.79 10.44
N SER C 223 -10.79 33.88 10.02
CA SER C 223 -10.31 33.85 8.65
C SER C 223 -11.30 33.07 7.78
N GLU C 224 -11.20 33.25 6.47
CA GLU C 224 -11.96 32.37 5.60
C GLU C 224 -11.24 31.04 5.35
N GLU C 225 -10.07 30.86 5.98
CA GLU C 225 -9.22 29.71 5.67
C GLU C 225 -8.83 28.88 6.89
N GLY C 226 -8.22 29.52 7.91
CA GLY C 226 -7.54 28.80 9.00
C GLY C 226 -7.99 29.03 10.43
N ASN C 227 -8.99 28.25 10.90
CA ASN C 227 -9.60 28.36 12.23
C ASN C 227 -8.68 27.80 13.32
N PHE C 228 -7.94 28.68 14.02
CA PHE C 228 -7.07 28.28 15.12
C PHE C 228 -7.76 28.54 16.46
N PHE C 229 -7.51 27.68 17.45
CA PHE C 229 -8.20 27.73 18.74
C PHE C 229 -7.27 27.20 19.83
N TYR C 230 -7.56 27.57 21.07
CA TYR C 230 -6.85 27.05 22.25
C TYR C 230 -7.78 27.21 23.45
N GLY C 231 -7.63 26.30 24.42
CA GLY C 231 -8.43 26.35 25.63
C GLY C 231 -7.70 25.87 26.86
N VAL C 232 -8.21 26.30 28.00
CA VAL C 232 -7.80 25.80 29.31
C VAL C 232 -9.06 25.32 30.04
N GLU C 233 -8.91 24.27 30.83
CA GLU C 233 -10.03 23.80 31.64
C GLU C 233 -9.50 23.18 32.92
N VAL C 234 -10.22 23.38 34.02
CA VAL C 234 -9.91 22.71 35.28
C VAL C 234 -11.07 21.81 35.62
N ALA C 235 -10.75 20.57 35.94
CA ALA C 235 -11.72 19.49 36.05
C ALA C 235 -11.44 18.75 37.35
N SER C 236 -12.42 18.73 38.24
CA SER C 236 -12.35 17.94 39.46
C SER C 236 -13.35 16.81 39.40
N THR C 237 -12.88 15.59 39.63
CA THR C 237 -13.74 14.41 39.59
C THR C 237 -13.56 13.61 40.87
N LYS C 238 -14.67 13.22 41.49
CA LYS C 238 -14.67 12.40 42.69
C LYS C 238 -15.56 11.19 42.45
N VAL C 239 -14.97 10.01 42.59
CA VAL C 239 -15.69 8.76 42.62
C VAL C 239 -15.73 8.33 44.07
N LYS C 240 -16.93 8.41 44.67
CA LYS C 240 -17.18 8.15 46.08
C LYS C 240 -16.41 6.94 46.60
N ASP C 241 -15.61 7.17 47.64
CA ASP C 241 -14.93 6.10 48.36
C ASP C 241 -13.97 5.33 47.46
N ASP C 242 -13.50 5.98 46.40
CA ASP C 242 -12.59 5.33 45.47
C ASP C 242 -11.44 6.23 45.07
N SER C 243 -11.72 7.39 44.48
CA SER C 243 -10.65 8.14 43.84
C SER C 243 -11.08 9.58 43.58
N GLU C 244 -10.09 10.44 43.43
CA GLU C 244 -10.35 11.81 42.98
C GLU C 244 -9.22 12.28 42.07
N SER C 245 -9.55 13.22 41.18
CA SER C 245 -8.56 13.78 40.28
C SER C 245 -8.80 15.27 40.12
N LEU C 246 -7.70 16.01 40.02
CA LEU C 246 -7.76 17.42 39.65
C LEU C 246 -6.80 17.59 38.47
N LEU C 247 -7.35 18.07 37.35
CA LEU C 247 -6.66 18.09 36.05
C LEU C 247 -6.86 19.43 35.38
N LEU C 248 -5.78 19.97 34.82
CA LEU C 248 -5.80 21.26 34.12
C LEU C 248 -5.40 21.02 32.67
N PRO C 249 -6.27 20.41 31.87
CA PRO C 249 -5.99 20.26 30.43
C PRO C 249 -5.88 21.61 29.73
N VAL C 250 -4.75 21.81 29.07
CA VAL C 250 -4.51 22.92 28.16
C VAL C 250 -4.37 22.36 26.75
N TYR C 251 -4.94 23.06 25.78
CA TYR C 251 -4.99 22.47 24.45
C TYR C 251 -5.09 23.53 23.37
N GLY C 253 -5.35 23.80 18.69
CA GLY C 253 -5.44 23.13 17.43
C GLY C 253 -5.79 24.07 16.30
N VAL C 254 -5.99 23.49 15.14
CA VAL C 254 -6.34 24.26 13.97
C VAL C 254 -7.13 23.37 13.04
N GLU C 255 -8.15 23.97 12.41
CA GLU C 255 -8.82 23.42 11.23
C GLU C 255 -8.47 24.31 10.04
N HIS C 256 -7.74 23.77 9.07
CA HIS C 256 -7.29 24.57 7.95
C HIS C 256 -7.88 24.09 6.64
N ASN C 257 -8.53 24.99 5.91
N ASN C 257 -8.51 25.01 5.90
CA ASN C 257 -8.90 24.68 4.54
CA ASN C 257 -8.87 24.74 4.52
C ASN C 257 -7.64 24.71 3.67
C ASN C 257 -7.62 24.72 3.66
N ALA C 258 -6.96 23.57 3.56
CA ALA C 258 -5.64 23.50 2.94
C ALA C 258 -5.70 23.48 1.42
N ALA C 259 -6.81 23.06 0.83
CA ALA C 259 -6.95 23.05 -0.62
C ALA C 259 -8.43 22.89 -0.96
N SER C 260 -8.75 23.06 -2.24
CA SER C 260 -10.16 22.94 -2.62
C SER C 260 -10.70 21.57 -2.24
N TRP C 261 -9.81 20.59 -2.08
CA TRP C 261 -10.17 19.20 -1.85
C TRP C 261 -9.69 18.68 -0.49
N LEU C 262 -9.11 19.54 0.37
CA LEU C 262 -8.53 19.05 1.61
C LEU C 262 -8.77 20.01 2.78
N VAL C 263 -9.27 19.46 3.89
CA VAL C 263 -9.27 20.10 5.21
C VAL C 263 -8.28 19.34 6.08
N LEU C 264 -7.38 20.06 6.75
CA LEU C 264 -6.44 19.40 7.67
C LEU C 264 -6.79 19.81 9.09
N ARG C 265 -6.77 18.85 10.00
CA ARG C 265 -7.19 19.07 11.38
C ARG C 265 -6.11 18.53 12.31
N ALA C 266 -5.72 19.33 13.30
CA ALA C 266 -4.73 18.83 14.25
C ALA C 266 -4.87 19.59 15.54
N SER C 267 -4.65 18.89 16.66
CA SER C 267 -4.60 19.54 17.95
C SER C 267 -3.64 18.78 18.84
N VAL C 268 -3.25 19.41 19.93
CA VAL C 268 -2.43 18.77 20.94
C VAL C 268 -2.87 19.25 22.31
N ALA C 269 -2.64 18.43 23.33
CA ALA C 269 -3.11 18.74 24.68
C ALA C 269 -2.17 18.14 25.72
N GLN C 270 -2.14 18.78 26.89
CA GLN C 270 -1.43 18.26 28.04
C GLN C 270 -2.08 18.81 29.32
N ASN C 271 -1.98 18.06 30.41
CA ASN C 271 -2.43 18.54 31.72
C ASN C 271 -1.29 19.33 32.34
N VAL C 272 -1.48 20.64 32.44
CA VAL C 272 -0.38 21.53 32.90
C VAL C 272 -0.51 21.83 34.40
N ILE C 273 0.55 21.59 35.16
CA ILE C 273 0.59 21.86 36.64
C ILE C 273 -0.32 20.87 37.36
N LEU C 274 -1.61 20.86 37.03
CA LEU C 274 -2.57 19.99 37.75
C LEU C 274 -2.79 18.71 36.94
N ASN C 275 -2.43 17.57 37.54
CA ASN C 275 -2.58 16.30 36.85
C ASN C 275 -2.68 15.14 37.83
N GLU C 276 -3.12 15.41 39.05
CA GLU C 276 -3.04 14.35 40.10
C GLU C 276 -4.30 13.54 40.33
N THR C 277 -4.15 12.23 40.42
CA THR C 277 -5.20 11.28 40.79
C THR C 277 -4.83 10.62 42.11
N LYS C 278 -5.67 10.82 43.14
CA LYS C 278 -5.48 10.24 44.47
C LYS C 278 -6.40 9.04 44.66
N ASP C 279 -5.82 7.95 45.16
CA ASP C 279 -6.59 6.81 45.64
C ASP C 279 -7.22 7.18 46.99
N ASP C 280 -8.54 7.07 47.10
CA ASP C 280 -9.19 7.52 48.33
C ASP C 280 -8.66 6.77 49.55
N ALA C 281 -8.50 5.46 49.42
CA ALA C 281 -8.03 4.60 50.51
C ALA C 281 -6.64 4.98 50.99
N THR C 282 -5.63 4.77 50.15
CA THR C 282 -4.24 4.93 50.57
C THR C 282 -3.75 6.37 50.49
N GLY C 283 -4.54 7.29 49.93
CA GLY C 283 -4.06 8.63 49.63
C GLY C 283 -2.93 8.70 48.61
N ASN C 284 -2.59 7.59 47.95
CA ASN C 284 -1.51 7.57 46.97
C ASN C 284 -1.88 8.36 45.72
N LYS C 285 -0.88 9.00 45.12
CA LYS C 285 -1.09 9.89 43.98
C LYS C 285 -0.49 9.28 42.71
N THR C 286 -1.23 9.39 41.61
CA THR C 286 -0.71 9.07 40.28
C THR C 286 -0.63 10.36 39.46
N ASP C 287 0.51 10.57 38.79
CA ASP C 287 0.80 11.83 38.10
C ASP C 287 1.76 11.51 36.95
N GLU C 288 1.22 10.99 35.86
CA GLU C 288 2.02 10.46 34.76
C GLU C 288 1.81 11.27 33.47
N ASP C 289 2.66 10.99 32.48
CA ASP C 289 2.64 11.70 31.20
C ASP C 289 1.23 11.77 30.62
N SER C 290 0.82 12.96 30.19
CA SER C 290 -0.51 13.18 29.65
C SER C 290 -0.54 13.78 28.25
N THR C 291 0.61 14.11 27.66
CA THR C 291 0.61 14.68 26.33
C THR C 291 -0.10 13.76 25.32
N ARG C 292 -0.92 14.36 24.46
CA ARG C 292 -1.59 13.59 23.42
C ARG C 292 -1.86 14.55 22.27
N ALA C 294 -3.81 14.73 18.00
CA ALA C 294 -4.80 14.17 17.10
C ALA C 294 -4.65 14.83 15.74
N ALA C 295 -4.83 14.05 14.67
CA ALA C 295 -4.71 14.57 13.31
C ALA C 295 -5.75 13.88 12.44
N GLY C 296 -6.44 14.69 11.63
CA GLY C 296 -7.39 14.14 10.69
C GLY C 296 -7.48 14.98 9.44
N ALA C 297 -8.34 14.53 8.54
CA ALA C 297 -8.50 15.18 7.25
C ALA C 297 -9.95 15.11 6.82
N GLY C 298 -10.34 16.08 6.02
CA GLY C 298 -11.53 16.00 5.21
C GLY C 298 -11.14 16.04 3.74
N ILE C 299 -11.65 15.10 2.95
CA ILE C 299 -11.54 15.12 1.50
C ILE C 299 -12.84 15.70 0.96
N LYS C 300 -12.75 16.82 0.26
CA LYS C 300 -13.91 17.64 -0.12
C LYS C 300 -14.20 17.49 -1.60
N PHE C 301 -15.41 17.05 -1.94
CA PHE C 301 -15.92 17.03 -3.31
C PHE C 301 -17.23 17.80 -3.30
N GLY C 302 -17.14 19.12 -3.21
CA GLY C 302 -18.35 19.93 -3.17
C GLY C 302 -19.24 19.48 -2.04
N LYS C 303 -20.43 19.05 -2.40
CA LYS C 303 -21.40 18.70 -1.37
C LYS C 303 -21.04 17.42 -0.62
N SER C 304 -20.11 16.60 -1.14
CA SER C 304 -19.69 15.36 -0.48
C SER C 304 -18.40 15.63 0.27
N VAL C 305 -18.29 15.09 1.48
CA VAL C 305 -17.07 15.22 2.28
C VAL C 305 -16.82 13.92 3.00
N ILE C 306 -15.63 13.36 2.80
CA ILE C 306 -15.18 12.15 3.46
C ILE C 306 -14.25 12.60 4.58
N ASP C 307 -14.64 12.43 5.84
CA ASP C 307 -13.78 12.79 6.95
C ASP C 307 -13.08 11.55 7.48
N ALA C 308 -11.89 11.73 8.01
CA ALA C 308 -11.19 10.60 8.59
C ALA C 308 -10.19 11.10 9.63
N SER C 309 -9.73 10.16 10.45
CA SER C 309 -8.53 10.36 11.25
C SER C 309 -7.33 9.83 10.49
N PHE C 310 -6.16 10.44 10.75
CA PHE C 310 -4.92 9.85 10.25
C PHE C 310 -4.61 8.62 11.10
N ALA C 311 -4.85 7.44 10.54
CA ALA C 311 -4.71 6.21 11.30
C ALA C 311 -3.34 6.09 11.95
N GLY C 312 -2.29 6.58 11.31
CA GLY C 312 -0.94 6.50 11.85
C GLY C 312 -0.53 7.61 12.80
N SER C 313 -1.46 8.40 13.31
CA SER C 313 -1.05 9.56 14.10
C SER C 313 -0.32 9.16 15.39
N THR C 314 -0.76 8.09 16.06
CA THR C 314 -0.09 7.67 17.29
C THR C 314 1.30 7.09 17.07
N THR C 315 1.69 6.74 15.84
CA THR C 315 3.04 6.24 15.58
C THR C 315 3.82 7.15 14.65
N GLY C 316 3.26 8.29 14.26
CA GLY C 316 3.95 9.26 13.41
C GLY C 316 4.15 8.83 11.97
N VAL C 317 3.28 7.98 11.41
CA VAL C 317 3.44 7.50 10.04
C VAL C 317 2.22 7.86 9.19
N ILE C 318 2.49 8.10 7.91
CA ILE C 318 1.50 8.15 6.84
C ILE C 318 2.01 7.16 5.80
N ASN C 319 1.33 6.03 5.66
CA ASN C 319 1.70 5.04 4.67
C ASN C 319 0.43 4.31 4.25
N ALA C 320 0.58 3.27 3.43
CA ALA C 320 -0.59 2.66 2.81
C ALA C 320 -1.29 1.67 3.71
N ASN C 321 -0.71 1.32 4.84
CA ASN C 321 -1.50 0.59 5.83
C ASN C 321 -2.08 1.55 6.87
N ASN C 322 -1.55 2.76 6.92
CA ASN C 322 -1.98 3.71 7.96
C ASN C 322 -2.29 5.04 7.29
N LEU C 323 -3.45 5.13 6.67
CA LEU C 323 -3.87 6.42 6.06
C LEU C 323 -5.10 6.95 6.78
N PHE C 324 -6.26 6.37 6.51
CA PHE C 324 -7.51 6.94 7.07
C PHE C 324 -8.28 5.92 7.91
N SER C 325 -8.67 6.33 9.12
CA SER C 325 -9.50 5.49 9.97
C SER C 325 -10.62 6.35 10.54
N GLN C 326 -11.63 5.69 11.10
CA GLN C 326 -12.78 6.40 11.64
C GLN C 326 -13.46 7.22 10.52
N VAL C 327 -13.53 6.63 9.32
CA VAL C 327 -14.06 7.36 8.17
C VAL C 327 -15.54 7.65 8.39
N ALA C 328 -15.99 8.82 7.94
CA ALA C 328 -17.41 9.13 7.82
C ALA C 328 -17.65 9.88 6.53
N TYR C 329 -18.90 9.82 6.05
CA TYR C 329 -19.30 10.45 4.80
C TYR C 329 -20.47 11.42 5.04
N THR C 330 -20.35 12.66 4.56
CA THR C 330 -21.38 13.66 4.81
C THR C 330 -21.77 14.37 3.51
N TYR C 331 -23.07 14.44 3.26
CA TYR C 331 -23.62 15.11 2.10
C TYR C 331 -24.40 16.32 2.57
N THR C 332 -23.93 17.51 2.21
CA THR C 332 -24.61 18.76 2.55
C THR C 332 -25.43 19.19 1.35
N PHE C 333 -26.74 19.24 1.52
CA PHE C 333 -27.67 19.41 0.39
C PHE C 333 -27.52 20.76 -0.28
N SER D 1 23.18 7.78 -10.89
CA SER D 1 22.73 6.88 -9.81
C SER D 1 22.92 5.39 -10.13
N LYS D 2 23.11 4.59 -9.08
CA LYS D 2 23.26 3.16 -9.29
C LYS D 2 22.07 2.58 -10.05
N ALA D 3 20.85 2.94 -9.64
CA ALA D 3 19.66 2.36 -10.28
C ALA D 3 19.56 2.78 -11.74
N ARG D 4 20.02 4.00 -12.05
CA ARG D 4 20.03 4.45 -13.43
C ARG D 4 21.02 3.66 -14.27
N VAL D 5 22.24 3.49 -13.77
CA VAL D 5 23.20 2.71 -14.56
C VAL D 5 22.76 1.26 -14.67
N GLU D 6 22.12 0.72 -13.64
CA GLU D 6 21.67 -0.66 -13.73
C GLU D 6 20.54 -0.81 -14.75
N ALA D 7 19.57 0.11 -14.75
CA ALA D 7 18.49 -0.01 -15.70
C ALA D 7 19.00 0.16 -17.13
N LEU D 8 20.05 0.97 -17.31
CA LEU D 8 20.66 1.12 -18.64
C LEU D 8 21.70 0.07 -18.91
N ALA D 9 21.55 -1.11 -18.31
CA ALA D 9 22.35 -2.32 -18.58
C ALA D 9 23.84 -2.09 -18.39
N ASN D 10 24.25 -1.09 -17.59
CA ASN D 10 25.67 -0.83 -17.35
C ASN D 10 26.43 -0.57 -18.64
N SER D 11 25.71 -0.20 -19.70
CA SER D 11 26.30 0.01 -21.00
C SER D 11 27.36 1.10 -20.97
N ARG D 12 28.36 0.99 -21.86
CA ARG D 12 29.43 1.99 -21.90
C ARG D 12 29.00 3.33 -22.49
N HIS D 13 27.84 3.43 -23.15
CA HIS D 13 27.39 4.72 -23.65
C HIS D 13 26.92 5.66 -22.54
N VAL D 14 26.74 5.15 -21.32
CA VAL D 14 26.13 5.92 -20.22
C VAL D 14 27.15 6.89 -19.62
N LEU D 15 26.73 8.13 -19.40
CA LEU D 15 27.48 9.12 -18.61
C LEU D 15 26.76 9.34 -17.28
N ASP D 16 27.40 8.96 -16.19
CA ASP D 16 26.77 9.09 -14.88
C ASP D 16 27.85 9.23 -13.81
N PHE D 17 27.50 9.95 -12.73
CA PHE D 17 28.40 10.04 -11.58
C PHE D 17 28.99 8.69 -11.21
N GLN D 18 28.20 7.62 -11.35
CA GLN D 18 28.58 6.28 -10.93
C GLN D 18 29.45 5.57 -11.95
N THR D 19 29.43 5.99 -13.22
CA THR D 19 30.34 5.39 -14.18
C THR D 19 31.67 6.14 -14.30
N ALA D 20 31.77 7.33 -13.67
CA ALA D 20 32.95 8.17 -13.76
C ALA D 20 34.11 7.71 -12.89
N PHE D 21 33.85 6.99 -11.79
CA PHE D 21 34.95 6.58 -10.91
C PHE D 21 36.04 5.84 -11.69
N ASP D 22 35.64 4.85 -12.47
CA ASP D 22 36.56 4.08 -13.32
C ASP D 22 36.72 4.65 -14.72
N ARG D 23 36.42 5.95 -14.93
CA ARG D 23 36.50 6.64 -16.22
C ARG D 23 36.62 8.13 -15.97
N PRO D 24 37.58 8.53 -15.13
CA PRO D 24 37.52 9.85 -14.48
C PRO D 24 37.47 11.04 -15.43
N TYR D 25 37.81 10.90 -16.72
CA TYR D 25 37.60 12.04 -17.61
C TYR D 25 36.13 12.42 -17.64
N GLN D 26 35.25 11.45 -17.37
CA GLN D 26 33.81 11.74 -17.32
C GLN D 26 33.48 12.81 -16.30
N PHE D 27 34.28 12.92 -15.23
CA PHE D 27 33.98 13.96 -14.24
C PHE D 27 34.00 15.35 -14.84
N ALA D 29 32.75 16.05 -17.87
CA ALA D 29 31.56 16.13 -18.71
C ALA D 29 30.28 16.16 -17.90
N LEU D 30 30.32 15.71 -16.64
CA LEU D 30 29.16 15.75 -15.78
C LEU D 30 28.83 17.19 -15.41
N SER D 31 27.60 17.40 -14.96
CA SER D 31 27.19 18.69 -14.46
C SER D 31 27.51 18.77 -12.98
N GLU D 32 27.83 19.97 -12.53
CA GLU D 32 28.09 20.14 -11.11
C GLU D 32 26.90 19.62 -10.31
N GLN D 33 27.13 18.63 -9.43
CA GLN D 33 26.01 17.96 -8.79
C GLN D 33 26.44 17.28 -7.50
N ALA D 34 25.45 17.05 -6.64
CA ALA D 34 25.63 16.27 -5.42
C ALA D 34 24.66 15.08 -5.45
N THR D 35 25.17 13.89 -5.22
CA THR D 35 24.33 12.72 -5.26
C THR D 35 24.47 11.95 -3.95
N ILE D 36 23.40 11.26 -3.56
CA ILE D 36 23.32 10.47 -2.32
C ILE D 36 22.60 9.17 -2.64
N GLU D 37 23.21 8.05 -2.32
CA GLU D 37 22.57 6.74 -2.46
C GLU D 37 21.97 6.35 -1.12
N TRP D 38 20.64 6.25 -1.09
CA TRP D 38 19.92 5.83 0.11
C TRP D 38 20.36 4.46 0.59
N GLY D 39 20.64 4.35 1.88
CA GLY D 39 20.97 3.06 2.45
C GLY D 39 21.31 3.20 3.92
N ASN D 40 21.92 2.15 4.47
CA ASN D 40 22.28 2.14 5.88
C ASN D 40 23.80 2.16 6.05
N THR D 41 24.22 2.41 7.30
CA THR D 41 25.60 2.24 7.72
C THR D 41 25.94 0.76 7.85
N GLY D 42 27.24 0.45 7.77
CA GLY D 42 27.71 -0.89 8.06
C GLY D 42 27.50 -1.90 6.96
N ASP D 43 27.05 -3.10 7.34
CA ASP D 43 26.88 -4.22 6.42
C ASP D 43 25.45 -4.23 5.90
N ALA D 44 25.15 -3.23 5.08
CA ALA D 44 23.80 -2.97 4.64
C ALA D 44 23.76 -2.95 3.13
N ASN D 45 22.75 -3.57 2.57
CA ASN D 45 22.55 -3.50 1.13
C ASN D 45 21.14 -2.99 0.86
N PRO D 46 20.99 -1.74 0.39
CA PRO D 46 22.05 -0.82 -0.05
C PRO D 46 22.82 -0.16 1.10
N HIS D 47 24.01 0.34 0.78
CA HIS D 47 24.88 1.03 1.73
C HIS D 47 24.80 2.53 1.51
N ALA D 48 24.63 3.29 2.57
CA ALA D 48 24.67 4.75 2.46
C ALA D 48 25.90 5.18 1.65
N GLU D 49 25.67 6.05 0.66
CA GLU D 49 26.81 6.63 -0.04
C GLU D 49 26.49 8.05 -0.47
N GLY D 50 27.50 8.75 -0.95
CA GLY D 50 27.19 10.05 -1.52
C GLY D 50 28.38 10.97 -1.70
N GLY D 51 28.30 11.87 -2.67
CA GLY D 51 29.36 12.81 -2.86
C GLY D 51 28.96 13.92 -3.78
N PHE D 52 29.98 14.57 -4.34
CA PHE D 52 29.73 15.73 -5.20
C PHE D 52 30.82 15.84 -6.26
N VAL D 53 30.49 16.59 -7.31
CA VAL D 53 31.48 16.99 -8.31
C VAL D 53 31.26 18.45 -8.66
N LYS D 54 32.36 19.20 -8.71
CA LYS D 54 32.37 20.66 -8.77
C LYS D 54 33.36 21.09 -9.84
N ARG D 55 33.04 22.18 -10.50
CA ARG D 55 33.93 22.68 -11.57
C ARG D 55 34.96 23.66 -11.00
N HIS D 56 36.18 23.60 -11.51
CA HIS D 56 37.25 24.53 -11.15
C HIS D 56 37.77 25.16 -12.44
N GLY D 57 37.48 26.43 -12.60
CA GLY D 57 37.62 27.01 -13.91
C GLY D 57 36.72 26.31 -14.92
N ASP D 58 37.03 26.58 -16.22
CA ASP D 58 36.25 25.94 -17.31
C ASP D 58 36.95 24.67 -17.76
N ASP D 59 38.09 24.35 -17.16
CA ASP D 59 38.83 23.21 -17.68
C ASP D 59 39.17 22.17 -16.63
N SER D 60 38.80 22.34 -15.38
CA SER D 60 38.99 21.25 -14.44
C SER D 60 37.73 20.99 -13.63
N ALA D 61 37.71 19.81 -13.01
CA ALA D 61 36.63 19.34 -12.16
C ALA D 61 37.25 18.51 -11.05
N PHE D 62 36.61 18.54 -9.88
CA PHE D 62 37.08 17.69 -8.79
C PHE D 62 35.92 17.40 -7.86
N GLY D 63 36.07 16.35 -7.06
CA GLY D 63 35.13 16.14 -5.98
C GLY D 63 35.56 15.04 -5.05
N ALA D 64 34.71 14.78 -4.05
CA ALA D 64 34.89 13.63 -3.17
C ALA D 64 33.58 12.88 -3.01
N TYR D 65 33.72 11.65 -2.53
CA TYR D 65 32.60 10.74 -2.43
C TYR D 65 32.84 9.85 -1.21
N PHE D 66 31.77 9.57 -0.46
CA PHE D 66 31.80 8.74 0.76
C PHE D 66 31.06 7.43 0.54
N GLY D 67 31.63 6.34 1.09
CA GLY D 67 30.93 5.08 1.25
C GLY D 67 31.16 4.02 0.19
N ARG D 68 31.82 4.35 -0.91
CA ARG D 68 31.91 3.43 -2.03
C ARG D 68 32.73 2.20 -1.67
N ARG D 69 32.25 1.03 -2.09
CA ARG D 69 32.94 -0.23 -1.85
C ARG D 69 33.28 -0.90 -3.17
N SER D 70 34.48 -1.47 -3.25
CA SER D 70 34.89 -2.14 -4.46
C SER D 70 34.12 -3.45 -4.64
N ALA D 71 33.62 -3.66 -5.85
CA ALA D 71 32.89 -4.89 -6.15
C ALA D 71 33.77 -6.11 -5.90
N ASP D 72 35.01 -6.07 -6.37
CA ASP D 72 35.91 -7.21 -6.19
C ASP D 72 36.19 -7.47 -4.72
N PHE D 73 36.44 -6.40 -3.94
CA PHE D 73 36.69 -6.56 -2.52
C PHE D 73 35.54 -7.28 -1.83
N SER D 74 34.32 -6.76 -2.00
CA SER D 74 33.16 -7.33 -1.32
C SER D 74 32.85 -8.73 -1.82
N GLU D 75 33.08 -9.00 -3.11
CA GLU D 75 32.93 -10.36 -3.61
C GLU D 75 33.87 -11.31 -2.86
N ALA D 76 35.16 -10.94 -2.78
CA ALA D 76 36.13 -11.73 -2.01
C ALA D 76 35.66 -11.95 -0.58
N VAL D 77 35.33 -10.87 0.11
CA VAL D 77 34.98 -10.96 1.53
C VAL D 77 33.74 -11.83 1.70
N GLN D 78 32.77 -11.71 0.81
CA GLN D 78 31.55 -12.50 0.95
C GLN D 78 31.81 -13.97 0.66
N THR D 79 32.66 -14.26 -0.33
CA THR D 79 33.05 -15.65 -0.57
C THR D 79 33.60 -16.29 0.70
N VAL D 80 34.56 -15.59 1.36
CA VAL D 80 35.12 -16.12 2.61
C VAL D 80 34.01 -16.31 3.65
N ARG D 81 33.26 -15.23 3.94
CA ARG D 81 32.18 -15.29 4.91
C ARG D 81 31.24 -16.47 4.67
N ASP D 82 30.93 -16.74 3.40
CA ASP D 82 30.02 -17.83 3.08
C ASP D 82 30.69 -19.19 3.32
N ALA D 83 32.02 -19.25 3.17
CA ALA D 83 32.74 -20.49 3.45
C ALA D 83 32.43 -21.07 4.83
N ASN D 84 32.12 -20.23 5.84
CA ASN D 84 31.84 -20.80 7.16
C ASN D 84 31.34 -19.76 8.16
N PRO D 85 30.24 -20.03 8.87
CA PRO D 85 29.69 -19.05 9.83
C PRO D 85 30.67 -18.47 10.84
N ALA D 86 31.88 -19.02 10.97
CA ALA D 86 32.82 -18.45 11.94
C ALA D 86 33.59 -17.26 11.38
N PHE D 87 33.67 -17.12 10.06
CA PHE D 87 34.24 -15.94 9.42
C PHE D 87 33.21 -14.81 9.22
N ALA D 88 32.09 -14.85 9.98
CA ALA D 88 30.96 -13.97 9.73
C ALA D 88 31.29 -12.49 9.89
N ASP D 89 32.36 -12.13 10.61
CA ASP D 89 32.72 -10.72 10.80
C ASP D 89 33.83 -10.24 9.88
N LEU D 90 34.31 -11.07 8.96
CA LEU D 90 35.30 -10.60 8.01
C LEU D 90 34.82 -9.30 7.37
N PHE D 92 34.09 -5.84 5.18
CA PHE D 92 34.16 -5.07 3.95
C PHE D 92 34.92 -3.78 4.22
N GLU D 93 35.31 -3.10 3.14
CA GLU D 93 35.91 -1.79 3.29
C GLU D 93 35.12 -0.92 4.26
N GLN D 94 35.85 -0.20 5.11
CA GLN D 94 35.26 0.63 6.15
C GLN D 94 35.55 2.09 5.84
N ASN D 95 34.50 2.91 5.86
CA ASN D 95 34.61 4.34 5.56
C ASN D 95 35.36 4.57 4.26
N GLY D 96 34.84 3.99 3.18
CA GLY D 96 35.45 4.27 1.90
C GLY D 96 35.56 5.77 1.64
N LEU D 97 36.65 6.20 1.04
CA LEU D 97 36.80 7.58 0.61
C LEU D 97 37.31 7.61 -0.82
N ASN D 98 36.70 8.47 -1.66
CA ASN D 98 37.09 8.68 -3.04
C ASN D 98 37.36 10.16 -3.22
N LEU D 99 38.47 10.47 -3.90
CA LEU D 99 38.77 11.83 -4.38
C LEU D 99 39.05 11.76 -5.88
N PHE D 100 38.70 12.81 -6.60
CA PHE D 100 38.88 12.68 -8.03
C PHE D 100 39.06 14.04 -8.66
N TYR D 101 39.75 14.04 -9.80
CA TYR D 101 40.13 15.27 -10.50
C TYR D 101 40.14 14.99 -12.01
N ALA D 102 39.75 16.00 -12.79
CA ALA D 102 39.69 15.87 -14.23
C ALA D 102 40.04 17.22 -14.85
N SER D 103 40.72 17.18 -15.99
CA SER D 103 41.10 18.41 -16.66
C SER D 103 41.11 18.17 -18.16
N LYS D 104 40.65 19.18 -18.88
CA LYS D 104 40.68 19.14 -20.35
C LYS D 104 41.76 20.11 -20.80
N GLY D 106 43.67 20.31 -24.15
CA GLY D 106 43.33 20.91 -25.44
C GLY D 106 42.17 20.21 -26.09
N GLU D 107 42.48 19.11 -26.77
CA GLU D 107 41.46 18.17 -27.23
C GLU D 107 41.42 16.93 -26.35
N TRP D 108 42.29 16.82 -25.36
CA TRP D 108 42.34 15.68 -24.47
C TRP D 108 41.80 16.06 -23.10
N THR D 109 40.94 15.20 -22.56
CA THR D 109 40.51 15.27 -21.17
C THR D 109 41.07 14.07 -20.45
N TRP D 110 41.64 14.30 -19.28
CA TRP D 110 42.20 13.23 -18.47
C TRP D 110 41.67 13.38 -17.05
N GLY D 111 41.69 12.28 -16.33
CA GLY D 111 41.27 12.37 -14.95
C GLY D 111 41.81 11.20 -14.17
N VAL D 112 41.78 11.37 -12.85
CA VAL D 112 42.26 10.38 -11.91
C VAL D 112 41.27 10.32 -10.75
N THR D 113 41.11 9.10 -10.21
CA THR D 113 40.26 8.81 -9.07
C THR D 113 41.12 8.06 -8.06
N ALA D 114 41.19 8.54 -6.84
CA ALA D 114 41.86 7.87 -5.75
C ALA D 114 40.83 7.22 -4.84
N LYS D 115 41.04 5.96 -4.48
CA LYS D 115 40.21 5.25 -3.53
C LYS D 115 41.06 4.83 -2.34
N TYR D 116 40.59 5.11 -1.12
CA TYR D 116 41.24 4.61 0.08
C TYR D 116 40.19 4.24 1.13
N SER D 117 40.43 3.15 1.86
CA SER D 117 39.58 2.80 2.99
C SER D 117 40.40 2.05 4.03
N ASN D 118 39.89 2.05 5.26
CA ASN D 118 40.63 1.51 6.39
C ASN D 118 39.81 1.45 7.67
N GLY D 119 39.77 0.30 8.34
CA GLY D 119 39.05 0.21 9.60
C GLY D 119 39.43 -1.03 10.38
N LYS D 120 39.06 -1.03 11.65
CA LYS D 120 39.43 -2.12 12.55
C LYS D 120 38.48 -2.17 13.75
N ASN D 121 38.28 -3.38 14.27
CA ASN D 121 37.61 -3.62 15.55
C ASN D 121 38.49 -4.56 16.37
N GLU D 122 39.13 -4.02 17.40
CA GLU D 122 40.11 -4.72 18.22
C GLU D 122 39.49 -5.41 19.44
N ASP D 123 38.17 -5.40 19.56
CA ASP D 123 37.52 -6.27 20.52
C ASP D 123 38.10 -7.68 20.39
N PRO D 124 38.52 -8.30 21.49
CA PRO D 124 39.14 -9.64 21.38
C PRO D 124 38.24 -10.68 20.76
N THR D 125 36.92 -10.56 20.92
CA THR D 125 35.99 -11.53 20.35
C THR D 125 35.66 -11.26 18.88
N VAL D 126 36.15 -10.16 18.32
CA VAL D 126 35.92 -9.76 16.94
C VAL D 126 37.27 -9.72 16.22
N GLY D 127 38.13 -8.78 16.62
CA GLY D 127 39.49 -8.70 16.14
C GLY D 127 39.63 -8.74 14.63
N THR D 128 39.28 -7.63 13.96
CA THR D 128 39.25 -7.57 12.51
C THR D 128 39.92 -6.28 12.06
N LYS D 129 40.43 -6.31 10.83
CA LYS D 129 41.19 -5.21 10.26
C LYS D 129 41.04 -5.28 8.75
N ALA D 130 40.75 -4.14 8.11
CA ALA D 130 40.59 -4.15 6.66
C ALA D 130 41.10 -2.83 6.08
N THR D 131 41.74 -2.93 4.92
CA THR D 131 42.32 -1.75 4.28
C THR D 131 42.28 -1.95 2.77
N SER D 132 42.10 -0.85 2.04
CA SER D 132 42.11 -0.91 0.59
C SER D 132 42.60 0.42 0.06
N ALA D 133 43.16 0.38 -1.15
CA ALA D 133 43.70 1.56 -1.79
C ALA D 133 43.89 1.27 -3.27
N GLY D 134 43.46 2.21 -4.10
CA GLY D 134 43.53 2.00 -5.54
C GLY D 134 43.42 3.33 -6.24
N VAL D 135 43.60 3.27 -7.57
CA VAL D 135 43.59 4.47 -8.39
C VAL D 135 43.01 4.13 -9.77
N ALA D 136 42.41 5.15 -10.41
CA ALA D 136 41.95 5.06 -11.78
C ALA D 136 42.53 6.24 -12.54
N VAL D 137 43.05 5.97 -13.73
CA VAL D 137 43.60 7.01 -14.60
C VAL D 137 43.01 6.81 -15.98
N ALA D 138 42.54 7.89 -16.60
CA ALA D 138 41.93 7.74 -17.91
C ALA D 138 42.06 9.04 -18.70
N ALA D 139 42.07 8.89 -20.03
CA ALA D 139 42.08 10.05 -20.92
C ALA D 139 41.24 9.73 -22.14
N SER D 140 40.76 10.78 -22.78
CA SER D 140 39.85 10.66 -23.90
C SER D 140 39.89 11.94 -24.71
N ASN D 141 39.80 11.82 -26.03
CA ASN D 141 39.66 12.98 -26.89
C ASN D 141 38.32 12.98 -27.63
N GLY D 142 37.38 12.12 -27.22
CA GLY D 142 36.12 12.01 -27.93
C GLY D 142 36.12 10.82 -28.86
N THR D 143 37.26 10.57 -29.50
CA THR D 143 37.43 9.47 -30.42
C THR D 143 38.08 8.25 -29.76
N TRP D 144 39.09 8.45 -28.90
CA TRP D 144 39.80 7.39 -28.20
C TRP D 144 39.62 7.51 -26.69
N ASP D 145 39.41 6.37 -26.03
CA ASP D 145 39.28 6.25 -24.58
C ASP D 145 40.39 5.36 -24.04
N PHE D 146 41.13 5.84 -23.04
CA PHE D 146 42.16 5.04 -22.36
C PHE D 146 41.87 5.06 -20.88
N GLU D 147 41.62 3.87 -20.32
CA GLU D 147 41.22 3.76 -18.92
C GLU D 147 42.08 2.71 -18.25
N LEU D 148 42.75 3.12 -17.16
CA LEU D 148 43.48 2.20 -16.29
C LEU D 148 42.88 2.23 -14.90
N VAL D 149 42.48 1.06 -14.40
CA VAL D 149 42.10 0.85 -13.00
C VAL D 149 43.15 -0.05 -12.37
N GLN D 150 43.80 0.44 -11.33
CA GLN D 150 44.88 -0.29 -10.67
C GLN D 150 44.60 -0.36 -9.17
N GLY D 151 44.64 -1.56 -8.61
CA GLY D 151 44.55 -1.74 -7.17
C GLY D 151 45.92 -1.80 -6.56
N PHE D 152 46.12 -1.08 -5.45
CA PHE D 152 47.37 -1.11 -4.70
C PHE D 152 47.31 -2.03 -3.49
N THR D 153 46.22 -1.96 -2.74
CA THR D 153 46.09 -2.68 -1.48
C THR D 153 44.65 -3.14 -1.35
N GLY D 154 44.48 -4.36 -0.84
CA GLY D 154 43.17 -4.86 -0.48
C GLY D 154 43.35 -6.02 0.45
N LYS D 155 43.19 -5.80 1.74
CA LYS D 155 43.35 -6.87 2.72
C LYS D 155 42.26 -6.79 3.76
N SER D 156 41.80 -7.95 4.19
CA SER D 156 40.83 -8.06 5.26
C SER D 156 41.18 -9.28 6.09
N GLU D 157 41.41 -9.08 7.38
CA GLU D 157 41.82 -10.18 8.25
C GLU D 157 41.00 -10.16 9.53
N LEU D 158 40.86 -11.35 10.10
CA LEU D 158 40.05 -11.65 11.27
C LEU D 158 40.83 -12.60 12.17
N ASP D 159 40.95 -12.25 13.45
CA ASP D 159 41.53 -13.17 14.44
C ASP D 159 40.84 -12.93 15.77
N ASN D 160 39.89 -13.80 16.11
CA ASN D 160 39.43 -13.94 17.49
C ASN D 160 40.19 -15.11 18.13
N GLY D 161 39.91 -15.36 19.40
CA GLY D 161 40.61 -16.46 20.03
C GLY D 161 40.27 -17.84 19.49
N THR D 162 39.33 -17.94 18.55
CA THR D 162 38.82 -19.23 18.07
C THR D 162 39.35 -19.61 16.70
N VAL D 163 39.31 -18.68 15.75
CA VAL D 163 39.66 -18.94 14.37
C VAL D 163 40.34 -17.71 13.80
N THR D 164 40.93 -17.89 12.63
CA THR D 164 41.52 -16.78 11.90
C THR D 164 41.17 -16.95 10.44
N ALA D 165 41.00 -15.83 9.75
CA ALA D 165 40.88 -15.84 8.30
C ALA D 165 41.50 -14.56 7.78
N GLU D 166 42.02 -14.63 6.56
CA GLU D 166 42.45 -13.41 5.91
C GLU D 166 42.31 -13.58 4.41
N VAL D 167 41.86 -12.53 3.74
CA VAL D 167 41.88 -12.47 2.29
C VAL D 167 42.71 -11.27 1.92
N GLU D 168 43.47 -11.40 0.83
CA GLU D 168 44.36 -10.33 0.45
C GLU D 168 44.52 -10.34 -1.06
N SER D 169 44.57 -9.14 -1.63
CA SER D 169 44.75 -8.97 -3.06
C SER D 169 46.23 -8.92 -3.37
N LYS D 170 46.65 -9.74 -4.32
CA LYS D 170 48.02 -9.81 -4.83
C LYS D 170 48.13 -9.18 -6.21
N GLY D 171 47.13 -8.44 -6.64
CA GLY D 171 47.13 -7.82 -7.95
C GLY D 171 45.76 -7.60 -8.53
N LEU D 172 45.52 -6.42 -9.08
CA LEU D 172 44.23 -6.07 -9.68
C LEU D 172 44.50 -5.00 -10.73
N THR D 173 44.49 -5.40 -12.00
CA THR D 173 44.61 -4.46 -13.10
C THR D 173 43.43 -4.58 -14.04
N ASN D 174 42.98 -3.45 -14.55
CA ASN D 174 41.89 -3.36 -15.52
C ASN D 174 42.28 -2.31 -16.54
N VAL D 175 42.37 -2.69 -17.81
CA VAL D 175 42.72 -1.76 -18.87
C VAL D 175 41.65 -1.82 -19.93
N THR D 176 41.17 -0.65 -20.35
CA THR D 176 40.13 -0.56 -21.36
C THR D 176 40.54 0.49 -22.38
N VAL D 177 40.31 0.16 -23.65
CA VAL D 177 40.51 1.10 -24.74
C VAL D 177 39.22 1.13 -25.54
N GLY D 178 38.73 2.33 -25.83
CA GLY D 178 37.54 2.50 -26.61
C GLY D 178 37.81 3.38 -27.81
N TYR D 179 37.11 3.09 -28.90
CA TYR D 179 37.20 3.87 -30.13
C TYR D 179 35.80 4.23 -30.60
N HIS D 180 35.60 5.50 -30.93
CA HIS D 180 34.31 6.04 -31.34
C HIS D 180 34.38 6.48 -32.80
N SER D 182 31.80 7.36 -34.47
CA SER D 182 30.86 8.48 -34.52
C SER D 182 30.27 8.64 -33.13
N PRO D 183 29.46 9.69 -32.92
CA PRO D 183 28.73 9.79 -31.64
C PRO D 183 27.72 8.68 -31.46
N GLU D 184 27.45 7.89 -32.50
CA GLU D 184 26.47 6.81 -32.44
C GLU D 184 27.10 5.43 -32.24
N GLU D 186 30.58 2.91 -30.88
CA GLU D 186 31.76 2.74 -30.08
C GLU D 186 32.10 1.26 -30.12
N VAL D 187 33.39 0.94 -30.32
CA VAL D 187 33.92 -0.40 -30.06
C VAL D 187 34.91 -0.25 -28.92
N TYR D 188 35.15 -1.34 -28.22
CA TYR D 188 36.04 -1.27 -27.06
C TYR D 188 36.58 -2.65 -26.75
N GLY D 189 37.69 -2.64 -26.02
CA GLY D 189 38.28 -3.87 -25.54
C GLY D 189 38.82 -3.67 -24.14
N ASN D 190 38.92 -4.77 -23.42
CA ASN D 190 39.21 -4.70 -22.00
C ASN D 190 39.92 -5.95 -21.55
N VAL D 191 41.04 -5.77 -20.86
CA VAL D 191 41.76 -6.87 -20.19
C VAL D 191 41.65 -6.63 -18.68
N LYS D 192 41.35 -7.69 -17.93
CA LYS D 192 41.33 -7.61 -16.47
C LYS D 192 42.07 -8.80 -15.90
N SER D 194 43.31 -10.30 -11.98
CA SER D 194 43.21 -10.18 -10.51
C SER D 194 43.76 -11.44 -9.82
N LYS D 195 44.61 -11.30 -8.80
CA LYS D 195 45.09 -12.41 -7.99
C LYS D 195 44.67 -12.17 -6.55
N VAL D 196 44.23 -13.23 -5.88
CA VAL D 196 43.74 -13.14 -4.51
C VAL D 196 44.23 -14.36 -3.75
N GLU D 197 44.89 -14.14 -2.61
CA GLU D 197 45.25 -15.21 -1.71
C GLU D 197 44.41 -15.10 -0.45
N ALA D 198 43.94 -16.24 0.05
CA ALA D 198 43.20 -16.27 1.29
C ALA D 198 43.74 -17.39 2.17
N ASP D 199 43.52 -17.23 3.47
CA ASP D 199 43.78 -18.27 4.44
C ASP D 199 42.56 -18.39 5.31
N LEU D 200 41.91 -19.54 5.25
CA LEU D 200 40.75 -19.82 6.08
C LEU D 200 41.20 -20.79 7.18
N ASN D 201 41.48 -20.24 8.37
CA ASN D 201 41.83 -21.03 9.54
C ASN D 201 42.86 -22.10 9.22
N GLY D 202 43.84 -21.74 8.41
CA GLY D 202 44.90 -22.69 8.10
C GLY D 202 44.95 -23.11 6.64
N THR D 203 43.78 -23.34 6.04
CA THR D 203 43.75 -23.72 4.64
C THR D 203 44.12 -22.54 3.74
N PRO D 204 45.14 -22.65 2.90
CA PRO D 204 45.45 -21.56 1.97
C PRO D 204 44.68 -21.75 0.68
N ILE D 205 44.35 -20.62 0.06
CA ILE D 205 43.56 -20.58 -1.17
C ILE D 205 44.13 -19.52 -2.09
N GLU D 206 44.05 -19.80 -3.38
CA GLU D 206 44.48 -18.84 -4.40
C GLU D 206 43.42 -18.83 -5.48
N VAL D 207 43.07 -17.64 -5.94
CA VAL D 207 42.21 -17.47 -7.10
C VAL D 207 42.88 -16.45 -7.99
N GLU D 208 43.05 -16.81 -9.25
CA GLU D 208 43.65 -15.92 -10.23
C GLU D 208 42.74 -15.91 -11.45
N THR D 209 42.25 -14.74 -11.82
CA THR D 209 41.27 -14.59 -12.89
C THR D 209 41.81 -13.64 -13.94
N THR D 210 41.69 -14.04 -15.21
CA THR D 210 42.05 -13.19 -16.34
C THR D 210 40.92 -13.23 -17.36
N SER D 211 40.53 -12.05 -17.83
CA SER D 211 39.41 -11.95 -18.74
C SER D 211 39.74 -10.97 -19.85
N TYR D 212 39.24 -11.28 -21.05
CA TYR D 212 39.33 -10.43 -22.22
C TYR D 212 37.92 -10.18 -22.76
N LYS D 213 37.63 -8.92 -23.10
CA LYS D 213 36.31 -8.55 -23.61
C LYS D 213 36.48 -7.63 -24.80
N VAL D 214 35.80 -7.96 -25.89
CA VAL D 214 35.69 -7.05 -27.02
C VAL D 214 34.22 -6.83 -27.28
N GLY D 215 33.82 -5.57 -27.48
CA GLY D 215 32.41 -5.26 -27.59
C GLY D 215 32.16 -4.02 -28.42
N VAL D 217 28.91 -0.83 -28.91
CA VAL D 217 27.67 -0.23 -28.44
C VAL D 217 27.23 0.85 -29.42
N ASN D 218 25.96 0.79 -29.82
CA ASN D 218 25.40 1.77 -30.73
C ASN D 218 24.17 2.44 -30.12
N THR D 219 24.06 3.74 -30.36
CA THR D 219 22.86 4.52 -30.05
C THR D 219 22.23 5.06 -31.33
N LEU D 220 21.00 5.51 -31.20
CA LEU D 220 20.29 6.08 -32.38
C LEU D 220 20.63 7.56 -32.46
N ALA D 221 20.42 8.17 -33.62
CA ALA D 221 20.73 9.60 -33.79
C ALA D 221 20.41 10.34 -32.50
N LYS D 222 21.40 11.03 -31.95
CA LYS D 222 21.18 11.76 -30.67
C LYS D 222 19.81 12.42 -30.73
N SER D 223 18.89 11.99 -29.86
CA SER D 223 17.53 12.58 -29.83
C SER D 223 17.35 13.41 -28.56
N GLU D 224 16.29 14.21 -28.52
CA GLU D 224 15.98 14.99 -27.33
C GLU D 224 14.94 14.32 -26.45
N GLU D 225 14.48 13.14 -26.87
CA GLU D 225 13.40 12.46 -26.12
C GLU D 225 13.78 11.03 -25.72
N GLY D 226 14.03 10.17 -26.71
CA GLY D 226 14.29 8.74 -26.41
C GLY D 226 15.68 8.25 -26.79
N ASN D 227 16.47 7.82 -25.81
CA ASN D 227 17.85 7.32 -26.05
C ASN D 227 17.85 5.80 -26.12
N PHE D 228 17.77 5.24 -27.32
CA PHE D 228 17.77 3.80 -27.53
C PHE D 228 19.19 3.29 -27.84
N PHE D 229 19.54 2.13 -27.30
CA PHE D 229 20.89 1.62 -27.46
C PHE D 229 20.83 0.11 -27.51
N TYR D 230 21.88 -0.49 -28.09
CA TYR D 230 22.07 -1.94 -28.06
C TYR D 230 23.56 -2.22 -28.20
N GLY D 231 23.95 -3.38 -27.70
CA GLY D 231 25.35 -3.76 -27.70
C GLY D 231 25.56 -5.26 -27.82
N VAL D 232 26.78 -5.59 -28.25
CA VAL D 232 27.26 -6.97 -28.29
C VAL D 232 28.65 -7.01 -27.67
N GLU D 233 28.91 -8.05 -26.90
CA GLU D 233 30.23 -8.17 -26.30
C GLU D 233 30.56 -9.65 -26.21
N VAL D 234 31.78 -10.02 -26.59
CA VAL D 234 32.28 -11.37 -26.35
C VAL D 234 33.32 -11.29 -25.24
N ALA D 235 33.23 -12.23 -24.29
CA ALA D 235 33.95 -12.19 -23.02
C ALA D 235 34.49 -13.57 -22.69
N SER D 236 35.82 -13.64 -22.58
CA SER D 236 36.54 -14.86 -22.22
C SER D 236 37.11 -14.69 -20.83
N THR D 237 36.73 -15.59 -19.93
CA THR D 237 37.20 -15.54 -18.55
C THR D 237 37.83 -16.87 -18.19
N LYS D 238 39.02 -16.79 -17.59
CA LYS D 238 39.81 -17.93 -17.18
C LYS D 238 40.08 -17.79 -15.69
N VAL D 239 39.65 -18.79 -14.92
CA VAL D 239 39.98 -18.92 -13.50
C VAL D 239 40.92 -20.12 -13.39
N LYS D 240 42.20 -19.84 -13.14
CA LYS D 240 43.28 -20.85 -13.21
C LYS D 240 42.94 -22.11 -12.43
N ASP D 241 42.99 -23.24 -13.12
CA ASP D 241 42.80 -24.53 -12.48
C ASP D 241 41.43 -24.63 -11.83
N ASP D 242 40.44 -23.99 -12.47
CA ASP D 242 39.06 -24.07 -12.02
C ASP D 242 38.08 -24.09 -13.19
N SER D 243 38.10 -23.04 -14.03
CA SER D 243 36.94 -22.82 -14.89
C SER D 243 37.29 -21.90 -16.04
N GLU D 244 36.62 -22.11 -17.16
CA GLU D 244 36.74 -21.23 -18.31
C GLU D 244 35.34 -20.91 -18.80
N SER D 245 35.14 -19.68 -19.30
CA SER D 245 33.82 -19.28 -19.78
C SER D 245 33.97 -18.41 -21.01
N LEU D 246 33.14 -18.68 -22.02
CA LEU D 246 33.05 -17.85 -23.22
C LEU D 246 31.58 -17.46 -23.39
N LEU D 247 31.33 -16.14 -23.36
CA LEU D 247 29.96 -15.65 -23.36
C LEU D 247 29.83 -14.49 -24.32
N LEU D 248 28.68 -14.42 -25.00
CA LEU D 248 28.39 -13.38 -25.98
C LEU D 248 27.10 -12.68 -25.57
N PRO D 249 27.15 -11.82 -24.54
CA PRO D 249 25.96 -11.03 -24.16
C PRO D 249 25.55 -10.03 -25.23
N VAL D 250 24.27 -10.08 -25.57
CA VAL D 250 23.62 -9.09 -26.42
C VAL D 250 22.60 -8.36 -25.56
N TYR D 251 22.62 -7.04 -25.62
CA TYR D 251 21.67 -6.31 -24.82
C TYR D 251 21.10 -5.14 -25.59
N GLY D 253 18.29 -1.48 -24.79
CA GLY D 253 17.52 -0.76 -23.80
C GLY D 253 17.16 0.63 -24.26
N VAL D 254 16.46 1.33 -23.38
CA VAL D 254 15.98 2.67 -23.69
C VAL D 254 15.99 3.47 -22.40
N GLU D 255 16.38 4.74 -22.53
CA GLU D 255 16.11 5.77 -21.53
C GLU D 255 15.21 6.79 -22.21
N HIS D 256 14.01 6.99 -21.66
CA HIS D 256 13.03 7.85 -22.31
C HIS D 256 12.52 8.91 -21.33
N ASN D 257 12.53 10.16 -21.78
CA ASN D 257 11.89 11.24 -21.03
C ASN D 257 10.40 11.16 -21.32
N ALA D 258 9.67 10.46 -20.45
CA ALA D 258 8.29 10.11 -20.69
C ALA D 258 7.34 11.23 -20.27
N ALA D 259 7.77 12.11 -19.39
CA ALA D 259 6.96 13.24 -18.95
C ALA D 259 7.89 14.28 -18.35
N SER D 260 7.35 15.47 -18.08
CA SER D 260 8.18 16.47 -17.43
C SER D 260 8.69 15.99 -16.09
N TRP D 261 8.02 15.02 -15.46
CA TRP D 261 8.39 14.51 -14.15
C TRP D 261 8.92 13.07 -14.19
N LEU D 262 9.08 12.48 -15.36
CA LEU D 262 9.33 11.04 -15.39
C LEU D 262 10.33 10.65 -16.46
N VAL D 263 11.35 9.88 -16.06
CA VAL D 263 12.24 9.18 -16.98
C VAL D 263 11.99 7.69 -16.78
N LEU D 264 11.77 6.97 -17.86
CA LEU D 264 11.60 5.52 -17.80
C LEU D 264 12.84 4.85 -18.39
N ARG D 265 13.28 3.77 -17.75
CA ARG D 265 14.49 3.08 -18.18
C ARG D 265 14.23 1.59 -18.22
N ALA D 266 14.68 0.95 -19.28
CA ALA D 266 14.52 -0.50 -19.35
C ALA D 266 15.54 -1.10 -20.31
N SER D 267 15.92 -2.33 -20.04
CA SER D 267 16.83 -3.02 -20.93
C SER D 267 16.65 -4.52 -20.74
N VAL D 268 17.03 -5.27 -21.76
CA VAL D 268 17.03 -6.72 -21.71
C VAL D 268 18.34 -7.23 -22.32
N ALA D 269 18.80 -8.39 -21.84
CA ALA D 269 20.07 -8.94 -22.31
C ALA D 269 20.01 -10.45 -22.25
N GLN D 270 20.79 -11.10 -23.12
CA GLN D 270 20.89 -12.55 -23.14
C GLN D 270 22.22 -12.94 -23.77
N ASN D 271 22.72 -14.11 -23.36
CA ASN D 271 23.90 -14.68 -24.00
C ASN D 271 23.46 -15.45 -25.24
N VAL D 272 23.84 -14.94 -26.41
CA VAL D 272 23.35 -15.54 -27.68
C VAL D 272 24.43 -16.43 -28.30
N ILE D 273 24.13 -17.72 -28.51
CA ILE D 273 25.07 -18.69 -29.14
C ILE D 273 26.19 -19.05 -28.16
N LEU D 274 26.89 -18.06 -27.64
CA LEU D 274 28.01 -18.32 -26.71
C LEU D 274 27.55 -18.12 -25.26
N ASN D 275 27.44 -19.21 -24.50
CA ASN D 275 27.01 -19.12 -23.12
C ASN D 275 27.68 -20.20 -22.26
N GLU D 276 28.92 -20.60 -22.57
CA GLU D 276 29.44 -21.85 -22.03
C GLU D 276 30.49 -21.65 -20.93
N THR D 277 30.32 -22.38 -19.84
CA THR D 277 31.29 -22.45 -18.77
C THR D 277 31.67 -23.91 -18.57
N LYS D 278 32.98 -24.14 -18.62
CA LYS D 278 33.51 -25.53 -18.52
C LYS D 278 34.45 -25.65 -17.33
N ASP D 279 34.16 -26.60 -16.44
CA ASP D 279 35.07 -26.90 -15.35
C ASP D 279 36.41 -27.36 -15.90
N ASP D 280 37.49 -26.78 -15.40
CA ASP D 280 38.81 -27.20 -15.86
C ASP D 280 39.10 -28.65 -15.46
N ALA D 281 38.63 -29.05 -14.27
CA ALA D 281 38.87 -30.40 -13.79
C ALA D 281 38.19 -31.43 -14.68
N THR D 282 36.87 -31.36 -14.77
CA THR D 282 36.10 -32.40 -15.44
C THR D 282 35.84 -32.15 -16.90
N GLY D 283 36.02 -30.92 -17.39
CA GLY D 283 35.51 -30.55 -18.70
C GLY D 283 34.01 -30.46 -18.79
N ASN D 284 33.29 -30.73 -17.69
CA ASN D 284 31.85 -30.55 -17.66
C ASN D 284 31.45 -29.11 -17.97
N LYS D 285 30.42 -28.96 -18.80
CA LYS D 285 29.95 -27.66 -19.28
C LYS D 285 28.62 -27.30 -18.64
N THR D 286 28.47 -26.03 -18.28
CA THR D 286 27.21 -25.47 -17.81
C THR D 286 26.71 -24.45 -18.83
N ASP D 287 25.46 -24.61 -19.26
CA ASP D 287 24.98 -23.74 -20.33
C ASP D 287 23.48 -23.55 -20.10
N GLU D 288 23.16 -22.59 -19.22
CA GLU D 288 21.81 -22.45 -18.70
C GLU D 288 21.24 -21.08 -19.01
N ASP D 289 19.91 -20.99 -18.91
CA ASP D 289 19.16 -19.80 -19.31
C ASP D 289 19.75 -18.54 -18.68
N SER D 290 19.98 -17.53 -19.52
CA SER D 290 20.64 -16.30 -19.09
C SER D 290 19.83 -15.03 -19.37
N THR D 291 18.60 -15.13 -19.91
CA THR D 291 17.76 -13.96 -20.14
C THR D 291 17.54 -13.14 -18.86
N ARG D 292 17.66 -11.83 -18.97
CA ARG D 292 17.49 -10.96 -17.81
C ARG D 292 17.08 -9.58 -18.29
N ALA D 294 15.89 -5.29 -16.75
CA ALA D 294 15.97 -4.32 -15.67
C ALA D 294 15.05 -3.15 -16.00
N ALA D 295 14.42 -2.58 -14.98
CA ALA D 295 13.49 -1.46 -15.16
C ALA D 295 13.63 -0.46 -14.03
N GLY D 296 13.73 0.81 -14.37
CA GLY D 296 13.81 1.81 -13.34
C GLY D 296 13.17 3.08 -13.80
N ALA D 297 13.23 4.08 -12.93
CA ALA D 297 12.60 5.35 -13.23
C ALA D 297 13.38 6.46 -12.57
N GLY D 298 13.22 7.66 -13.11
CA GLY D 298 13.66 8.87 -12.46
C GLY D 298 12.48 9.80 -12.27
N ILE D 299 12.23 10.23 -11.02
CA ILE D 299 11.21 11.23 -10.74
C ILE D 299 11.89 12.61 -10.67
N LYS D 300 11.50 13.49 -11.58
CA LYS D 300 12.18 14.76 -11.85
C LYS D 300 11.43 15.95 -11.23
N PHE D 301 12.14 16.74 -10.42
CA PHE D 301 11.64 18.00 -9.91
C PHE D 301 12.70 19.04 -10.23
N GLY D 302 12.80 19.40 -11.51
CA GLY D 302 13.82 20.34 -11.93
C GLY D 302 15.19 19.86 -11.54
N LYS D 303 15.80 20.57 -10.60
CA LYS D 303 17.16 20.28 -10.18
C LYS D 303 17.25 19.09 -9.25
N SER D 304 16.14 18.64 -8.66
CA SER D 304 16.12 17.43 -7.85
C SER D 304 15.67 16.26 -8.72
N VAL D 305 16.36 15.13 -8.61
CA VAL D 305 15.92 13.93 -9.31
C VAL D 305 16.07 12.72 -8.39
N ILE D 306 15.01 11.93 -8.28
CA ILE D 306 14.99 10.76 -7.43
C ILE D 306 15.00 9.55 -8.34
N ASP D 307 16.12 8.83 -8.38
CA ASP D 307 16.19 7.64 -9.22
C ASP D 307 15.83 6.39 -8.42
N ALA D 308 15.30 5.40 -9.12
CA ALA D 308 15.07 4.12 -8.45
C ALA D 308 14.95 3.00 -9.47
N SER D 309 14.86 1.81 -8.93
CA SER D 309 14.56 0.60 -9.66
C SER D 309 13.13 0.19 -9.37
N PHE D 310 12.47 -0.39 -10.36
CA PHE D 310 11.16 -0.97 -10.11
C PHE D 310 11.36 -2.22 -9.28
N ALA D 311 11.12 -2.10 -7.98
CA ALA D 311 11.41 -3.18 -7.03
C ALA D 311 10.76 -4.50 -7.44
N GLY D 312 9.65 -4.45 -8.18
CA GLY D 312 8.99 -5.63 -8.65
C GLY D 312 9.36 -6.11 -10.04
N SER D 313 10.42 -5.56 -10.64
CA SER D 313 10.78 -5.96 -12.01
C SER D 313 10.97 -7.47 -12.15
N THR D 314 11.60 -8.13 -11.17
CA THR D 314 11.83 -9.57 -11.31
C THR D 314 10.59 -10.41 -11.11
N THR D 315 9.51 -9.83 -10.60
CA THR D 315 8.27 -10.57 -10.46
C THR D 315 7.18 -10.07 -11.40
N GLY D 316 7.50 -9.12 -12.28
CA GLY D 316 6.51 -8.60 -13.21
C GLY D 316 5.43 -7.78 -12.55
N VAL D 317 5.75 -7.11 -11.44
CA VAL D 317 4.75 -6.54 -10.56
C VAL D 317 5.04 -5.05 -10.33
N ILE D 318 3.99 -4.23 -10.35
CA ILE D 318 3.99 -2.89 -9.75
C ILE D 318 2.81 -2.83 -8.82
N ASN D 319 3.08 -2.67 -7.53
CA ASN D 319 2.05 -2.47 -6.52
C ASN D 319 2.68 -1.66 -5.40
N ALA D 320 1.98 -1.51 -4.29
CA ALA D 320 2.39 -0.55 -3.29
C ALA D 320 3.43 -1.09 -2.31
N ASN D 321 3.64 -2.39 -2.27
CA ASN D 321 4.80 -2.94 -1.57
C ASN D 321 5.97 -3.21 -2.52
N ASN D 322 5.80 -2.95 -3.80
CA ASN D 322 6.82 -3.20 -4.79
C ASN D 322 6.79 -2.03 -5.76
N LEU D 323 7.29 -0.91 -5.28
CA LEU D 323 7.33 0.26 -6.15
C LEU D 323 8.79 0.60 -6.45
N PHE D 324 9.42 1.35 -5.56
CA PHE D 324 10.74 1.88 -5.80
C PHE D 324 11.71 1.24 -4.83
N SER D 325 12.81 0.71 -5.37
CA SER D 325 13.94 0.27 -4.59
C SER D 325 15.20 0.95 -5.13
N GLN D 326 16.31 0.79 -4.41
CA GLN D 326 17.59 1.32 -4.85
C GLN D 326 17.51 2.83 -5.11
N VAL D 327 16.75 3.52 -4.25
CA VAL D 327 16.57 4.96 -4.42
C VAL D 327 17.90 5.71 -4.32
N ALA D 328 18.04 6.75 -5.14
CA ALA D 328 19.13 7.71 -5.03
C ALA D 328 18.54 9.10 -5.23
N TYR D 329 19.23 10.10 -4.70
CA TYR D 329 18.80 11.49 -4.81
C TYR D 329 19.95 12.29 -5.40
N THR D 330 19.70 13.00 -6.50
CA THR D 330 20.70 13.83 -7.14
C THR D 330 20.20 15.26 -7.23
N TYR D 331 20.99 16.19 -6.72
CA TYR D 331 20.73 17.62 -6.89
C TYR D 331 21.75 18.13 -7.90
N THR D 332 21.26 18.69 -9.01
CA THR D 332 22.12 19.23 -10.05
C THR D 332 22.05 20.74 -9.97
N PHE D 333 23.20 21.38 -9.81
CA PHE D 333 23.19 22.77 -9.41
C PHE D 333 22.73 23.70 -10.52
N SER E 1 1.86 -6.81 -25.76
CA SER E 1 2.40 -7.52 -24.59
C SER E 1 1.52 -8.70 -24.17
N LYS E 2 2.09 -9.61 -23.37
CA LYS E 2 1.31 -10.73 -22.86
C LYS E 2 0.05 -10.26 -22.14
N ALA E 3 0.16 -9.23 -21.29
CA ALA E 3 -0.99 -8.82 -20.48
C ALA E 3 -2.10 -8.25 -21.37
N ARG E 4 -1.71 -7.54 -22.43
CA ARG E 4 -2.69 -6.99 -23.34
C ARG E 4 -3.42 -8.08 -24.11
N VAL E 5 -2.67 -9.02 -24.69
CA VAL E 5 -3.31 -10.11 -25.42
C VAL E 5 -4.20 -10.92 -24.49
N GLU E 6 -3.79 -11.08 -23.23
CA GLU E 6 -4.58 -11.92 -22.32
C GLU E 6 -5.87 -11.22 -21.87
N ALA E 7 -5.81 -9.91 -21.60
CA ALA E 7 -7.01 -9.13 -21.30
C ALA E 7 -7.96 -9.04 -22.47
N LEU E 8 -7.49 -9.18 -23.71
CA LEU E 8 -8.37 -9.23 -24.88
C LEU E 8 -8.70 -10.67 -25.29
N ALA E 9 -8.69 -11.60 -24.34
CA ALA E 9 -9.16 -12.97 -24.56
C ALA E 9 -8.41 -13.70 -25.69
N ASN E 10 -7.21 -13.26 -26.05
CA ASN E 10 -6.45 -13.88 -27.13
C ASN E 10 -7.18 -13.85 -28.46
N SER E 11 -8.19 -13.00 -28.60
CA SER E 11 -8.98 -12.95 -29.82
C SER E 11 -8.09 -12.76 -31.05
N ARG E 12 -8.47 -13.43 -32.15
CA ARG E 12 -7.75 -13.33 -33.41
C ARG E 12 -7.76 -11.92 -33.98
N HIS E 13 -8.63 -11.03 -33.51
CA HIS E 13 -8.62 -9.69 -34.06
C HIS E 13 -7.44 -8.86 -33.58
N VAL E 14 -6.73 -9.29 -32.57
CA VAL E 14 -5.67 -8.49 -31.98
C VAL E 14 -4.43 -8.52 -32.85
N LEU E 15 -3.80 -7.35 -33.01
CA LEU E 15 -2.49 -7.23 -33.61
C LEU E 15 -1.52 -6.83 -32.51
N ASP E 16 -0.51 -7.66 -32.27
CA ASP E 16 0.41 -7.39 -31.17
C ASP E 16 1.73 -8.11 -31.44
N PHE E 17 2.81 -7.54 -30.93
CA PHE E 17 4.09 -8.24 -30.95
C PHE E 17 3.92 -9.71 -30.53
N GLN E 18 3.08 -9.97 -29.51
CA GLN E 18 2.94 -11.33 -28.96
C GLN E 18 2.07 -12.24 -29.83
N THR E 19 1.20 -11.67 -30.66
CA THR E 19 0.43 -12.46 -31.60
C THR E 19 1.17 -12.67 -32.92
N ALA E 20 2.26 -11.91 -33.14
CA ALA E 20 2.94 -11.92 -34.43
C ALA E 20 3.80 -13.17 -34.63
N PHE E 21 4.34 -13.74 -33.54
CA PHE E 21 5.26 -14.88 -33.67
C PHE E 21 4.68 -15.98 -34.54
N ASP E 22 3.44 -16.38 -34.28
CA ASP E 22 2.78 -17.44 -35.03
C ASP E 22 1.88 -16.90 -36.12
N ARG E 23 2.01 -15.61 -36.45
CA ARG E 23 1.34 -14.98 -37.59
C ARG E 23 2.29 -13.95 -38.17
N PRO E 24 3.46 -14.40 -38.63
CA PRO E 24 4.58 -13.48 -38.90
C PRO E 24 4.27 -12.38 -39.91
N TYR E 25 3.24 -12.50 -40.74
CA TYR E 25 2.90 -11.36 -41.58
C TYR E 25 2.53 -10.16 -40.72
N GLN E 26 2.01 -10.40 -39.52
CA GLN E 26 1.71 -9.30 -38.59
C GLN E 26 2.93 -8.43 -38.33
N PHE E 27 4.14 -9.02 -38.37
CA PHE E 27 5.34 -8.24 -38.10
C PHE E 27 5.49 -7.08 -39.06
N ALA E 29 2.97 -5.19 -40.07
CA ALA E 29 1.97 -4.22 -39.67
C ALA E 29 2.28 -3.50 -38.36
N LEU E 30 3.05 -4.12 -37.46
CA LEU E 30 3.41 -3.44 -36.21
C LEU E 30 4.27 -2.21 -36.49
N SER E 31 4.15 -1.23 -35.62
CA SER E 31 5.04 -0.09 -35.67
C SER E 31 6.40 -0.51 -35.16
N GLU E 32 7.46 0.05 -35.75
CA GLU E 32 8.79 -0.29 -35.23
C GLU E 32 8.82 -0.07 -33.72
N GLN E 33 9.37 -1.05 -33.00
CA GLN E 33 9.19 -0.97 -31.55
C GLN E 33 10.11 -1.94 -30.83
N ALA E 34 10.36 -1.65 -29.57
CA ALA E 34 11.09 -2.56 -28.69
C ALA E 34 10.17 -2.86 -27.51
N THR E 35 10.18 -4.11 -27.05
CA THR E 35 9.28 -4.51 -25.97
C THR E 35 10.03 -5.45 -25.03
N ILE E 36 9.72 -5.34 -23.74
CA ILE E 36 10.38 -6.11 -22.69
C ILE E 36 9.31 -6.62 -21.73
N GLU E 37 9.24 -7.93 -21.54
CA GLU E 37 8.36 -8.53 -20.56
C GLU E 37 9.12 -8.64 -19.25
N TRP E 38 8.61 -7.98 -18.21
CA TRP E 38 9.22 -8.03 -16.89
C TRP E 38 9.24 -9.46 -16.36
N GLY E 39 10.34 -9.82 -15.70
CA GLY E 39 10.45 -11.15 -15.14
C GLY E 39 11.87 -11.46 -14.71
N ASN E 40 12.11 -12.74 -14.45
CA ASN E 40 13.40 -13.19 -13.92
C ASN E 40 14.06 -14.19 -14.86
N THR E 41 15.36 -14.38 -14.63
CA THR E 41 16.09 -15.47 -15.29
C THR E 41 15.66 -16.82 -14.73
N GLY E 42 15.77 -17.84 -15.58
CA GLY E 42 15.68 -19.22 -15.11
C GLY E 42 14.25 -19.72 -15.03
N ASP E 43 13.94 -20.37 -13.91
CA ASP E 43 12.66 -21.04 -13.72
C ASP E 43 11.71 -20.08 -12.99
N ALA E 44 11.30 -19.06 -13.72
CA ALA E 44 10.56 -17.97 -13.13
C ALA E 44 9.32 -17.71 -13.96
N ASN E 45 8.21 -17.42 -13.29
CA ASN E 45 7.00 -16.95 -13.94
C ASN E 45 6.55 -15.65 -13.26
N PRO E 46 6.66 -14.50 -13.93
CA PRO E 46 7.05 -14.31 -15.34
C PRO E 46 8.54 -14.46 -15.59
N HIS E 47 8.87 -14.91 -16.80
CA HIS E 47 10.25 -15.05 -17.25
C HIS E 47 10.63 -13.79 -18.03
N ALA E 48 11.83 -13.27 -17.77
CA ALA E 48 12.32 -12.13 -18.54
C ALA E 48 12.25 -12.42 -20.04
N GLU E 49 11.69 -11.48 -20.81
CA GLU E 49 11.73 -11.59 -22.27
C GLU E 49 11.90 -10.21 -22.89
N GLY E 50 12.23 -10.16 -24.17
CA GLY E 50 12.39 -8.89 -24.85
C GLY E 50 12.85 -9.03 -26.29
N GLY E 51 12.58 -8.00 -27.06
CA GLY E 51 12.94 -8.01 -28.47
C GLY E 51 12.57 -6.71 -29.15
N PHE E 52 12.76 -6.70 -30.46
CA PHE E 52 12.45 -5.53 -31.27
C PHE E 52 11.92 -5.97 -32.63
N VAL E 53 11.27 -5.03 -33.31
CA VAL E 53 10.90 -5.21 -34.71
C VAL E 53 11.17 -3.89 -35.42
N LYS E 54 11.84 -3.99 -36.56
CA LYS E 54 12.40 -2.86 -37.27
C LYS E 54 11.97 -2.94 -38.74
N ARG E 55 11.85 -1.79 -39.38
CA ARG E 55 11.51 -1.76 -40.80
C ARG E 55 12.79 -1.75 -41.63
N HIS E 56 12.89 -2.72 -42.55
CA HIS E 56 14.07 -2.82 -43.42
C HIS E 56 13.90 -1.91 -44.64
N GLY E 57 13.00 -2.25 -45.54
CA GLY E 57 12.62 -1.36 -46.63
C GLY E 57 11.37 -0.58 -46.28
N ASP E 58 10.54 -0.43 -47.40
CA ASP E 58 9.19 0.12 -47.17
C ASP E 58 8.25 -1.09 -47.26
N ASP E 59 8.79 -2.28 -47.51
CA ASP E 59 7.97 -3.46 -47.70
C ASP E 59 8.50 -4.66 -46.92
N SER E 60 9.39 -4.45 -45.95
CA SER E 60 9.82 -5.58 -45.13
C SER E 60 10.12 -5.10 -43.72
N ALA E 61 10.16 -6.07 -42.81
CA ALA E 61 10.44 -5.89 -41.40
C ALA E 61 11.15 -7.14 -40.88
N PHE E 62 11.89 -6.99 -39.79
CA PHE E 62 12.62 -8.10 -39.23
C PHE E 62 12.96 -7.79 -37.78
N GLY E 63 13.33 -8.82 -37.05
CA GLY E 63 13.80 -8.57 -35.69
C GLY E 63 14.11 -9.85 -34.98
N ALA E 64 14.53 -9.69 -33.73
CA ALA E 64 14.90 -10.81 -32.87
C ALA E 64 14.28 -10.61 -31.50
N TYR E 65 14.09 -11.71 -30.79
CA TYR E 65 13.47 -11.71 -29.46
C TYR E 65 14.18 -12.74 -28.58
N PHE E 66 14.32 -12.41 -27.29
CA PHE E 66 15.00 -13.27 -26.31
C PHE E 66 14.01 -13.81 -25.28
N GLY E 67 14.08 -15.11 -25.01
CA GLY E 67 13.49 -15.68 -23.81
C GLY E 67 12.14 -16.34 -23.99
N ARG E 68 11.59 -16.32 -25.19
CA ARG E 68 10.28 -16.90 -25.41
C ARG E 68 10.37 -18.39 -25.15
N ARG E 69 9.44 -18.93 -24.37
CA ARG E 69 9.32 -20.37 -24.17
C ARG E 69 8.03 -20.87 -24.81
N SER E 70 8.11 -22.00 -25.52
CA SER E 70 6.90 -22.66 -26.02
C SER E 70 5.98 -23.11 -24.90
N ALA E 71 4.69 -22.86 -25.08
CA ALA E 71 3.73 -23.29 -24.08
C ALA E 71 3.64 -24.80 -24.02
N ASP E 72 3.61 -25.45 -25.18
CA ASP E 72 3.61 -26.91 -25.24
C ASP E 72 4.80 -27.48 -24.48
N PHE E 73 6.01 -26.97 -24.78
CA PHE E 73 7.24 -27.41 -24.12
C PHE E 73 7.15 -27.29 -22.60
N SER E 74 6.82 -26.08 -22.11
CA SER E 74 6.76 -25.88 -20.67
C SER E 74 5.68 -26.73 -20.02
N GLU E 75 4.57 -26.97 -20.71
CA GLU E 75 3.56 -27.85 -20.15
C GLU E 75 4.10 -29.26 -20.01
N ALA E 76 4.77 -29.78 -21.04
CA ALA E 76 5.31 -31.13 -20.97
C ALA E 76 6.32 -31.26 -19.83
N VAL E 77 7.30 -30.35 -19.79
CA VAL E 77 8.30 -30.37 -18.74
C VAL E 77 7.63 -30.29 -17.37
N GLN E 78 6.63 -29.42 -17.21
CA GLN E 78 6.05 -29.23 -15.89
C GLN E 78 5.25 -30.46 -15.46
N THR E 79 4.49 -31.07 -16.39
CA THR E 79 3.81 -32.32 -16.10
C THR E 79 4.79 -33.37 -15.57
N VAL E 80 5.89 -33.57 -16.31
CA VAL E 80 6.89 -34.54 -15.87
C VAL E 80 7.40 -34.19 -14.48
N ARG E 81 7.83 -32.94 -14.27
CA ARG E 81 8.34 -32.52 -12.95
C ARG E 81 7.33 -32.82 -11.85
N ASP E 82 6.04 -32.56 -12.10
CA ASP E 82 5.00 -32.84 -11.12
C ASP E 82 4.87 -34.33 -10.87
N ALA E 83 5.26 -35.16 -11.83
CA ALA E 83 5.22 -36.61 -11.65
C ALA E 83 5.97 -37.03 -10.39
N ASN E 84 7.20 -36.55 -10.21
CA ASN E 84 8.00 -37.01 -9.08
C ASN E 84 9.10 -36.02 -8.72
N PRO E 85 9.28 -35.69 -7.43
CA PRO E 85 10.31 -34.70 -7.07
C PRO E 85 11.71 -35.03 -7.57
N ALA E 86 11.96 -36.28 -8.00
CA ALA E 86 13.26 -36.63 -8.55
C ALA E 86 13.53 -35.94 -9.89
N PHE E 87 12.47 -35.47 -10.55
CA PHE E 87 12.62 -34.89 -11.90
C PHE E 87 12.44 -33.37 -11.86
N ALA E 88 12.77 -32.74 -10.73
CA ALA E 88 12.54 -31.28 -10.56
C ALA E 88 13.57 -30.45 -11.33
N ASP E 89 14.53 -31.10 -11.98
CA ASP E 89 15.60 -30.34 -12.68
C ASP E 89 15.35 -30.47 -14.18
N LEU E 90 14.30 -31.18 -14.57
CA LEU E 90 13.99 -31.24 -16.00
C LEU E 90 13.91 -29.83 -16.57
N PHE E 92 13.27 -26.46 -18.71
CA PHE E 92 12.54 -25.74 -19.72
C PHE E 92 13.51 -25.25 -20.79
N GLU E 93 12.98 -24.71 -21.88
CA GLU E 93 13.85 -24.17 -22.90
C GLU E 93 14.80 -23.16 -22.28
N GLN E 94 16.07 -23.28 -22.64
CA GLN E 94 17.10 -22.39 -22.13
C GLN E 94 17.48 -21.44 -23.26
N ASN E 95 17.61 -20.17 -22.93
CA ASN E 95 18.05 -19.15 -23.86
C ASN E 95 17.24 -19.15 -25.16
N GLY E 96 15.92 -19.13 -25.02
CA GLY E 96 15.10 -19.03 -26.21
C GLY E 96 15.55 -17.90 -27.11
N LEU E 97 15.53 -18.14 -28.43
CA LEU E 97 15.86 -17.14 -29.41
C LEU E 97 14.83 -17.20 -30.55
N ASN E 98 14.35 -16.04 -30.98
CA ASN E 98 13.47 -15.93 -32.14
C ASN E 98 14.05 -14.94 -33.12
N LEU E 99 13.98 -15.27 -34.40
CA LEU E 99 14.26 -14.34 -35.49
C LEU E 99 13.07 -14.35 -36.43
N PHE E 100 12.73 -13.20 -36.99
CA PHE E 100 11.54 -13.15 -37.81
C PHE E 100 11.73 -12.10 -38.89
N TYR E 101 11.05 -12.33 -40.00
CA TYR E 101 11.14 -11.48 -41.18
C TYR E 101 9.77 -11.47 -41.84
N ALA E 102 9.43 -10.36 -42.48
CA ALA E 102 8.13 -10.19 -43.09
C ALA E 102 8.30 -9.26 -44.27
N SER E 103 7.64 -9.58 -45.38
CA SER E 103 7.74 -8.75 -46.57
C SER E 103 6.39 -8.64 -47.25
N LYS E 104 6.04 -7.43 -47.67
CA LYS E 104 4.86 -7.16 -48.47
C LYS E 104 5.31 -7.02 -49.90
N GLY E 106 3.17 -7.99 -52.96
CA GLY E 106 2.11 -7.50 -53.82
C GLY E 106 0.96 -6.96 -53.00
N GLU E 107 -0.21 -7.56 -53.16
CA GLU E 107 -1.23 -7.47 -52.12
C GLU E 107 -1.02 -8.54 -51.04
N TRP E 108 0.00 -9.41 -51.21
CA TRP E 108 0.30 -10.46 -50.24
C TRP E 108 1.47 -10.04 -49.37
N THR E 109 1.26 -10.08 -48.06
CA THR E 109 2.33 -10.00 -47.10
C THR E 109 2.60 -11.40 -46.60
N TRP E 110 3.87 -11.73 -46.42
CA TRP E 110 4.23 -13.04 -45.92
C TRP E 110 5.30 -12.86 -44.87
N GLY E 111 5.45 -13.86 -44.02
CA GLY E 111 6.40 -13.76 -42.94
C GLY E 111 6.81 -15.11 -42.41
N VAL E 112 7.92 -15.08 -41.67
CA VAL E 112 8.56 -16.28 -41.15
C VAL E 112 9.14 -15.97 -39.78
N THR E 113 8.89 -16.86 -38.82
CA THR E 113 9.50 -16.83 -37.50
C THR E 113 10.26 -18.13 -37.27
N ALA E 114 11.54 -18.02 -36.94
CA ALA E 114 12.38 -19.14 -36.53
C ALA E 114 12.60 -19.06 -35.02
N LYS E 115 12.44 -20.20 -34.35
CA LYS E 115 12.68 -20.31 -32.91
C LYS E 115 13.71 -21.40 -32.65
N TYR E 116 14.67 -21.11 -31.79
CA TYR E 116 15.65 -22.09 -31.36
C TYR E 116 15.97 -21.89 -29.88
N SER E 117 16.24 -22.99 -29.19
CA SER E 117 16.73 -22.94 -27.82
C SER E 117 17.60 -24.16 -27.55
N ASN E 118 18.57 -24.00 -26.64
CA ASN E 118 19.55 -25.05 -26.37
C ASN E 118 20.31 -24.76 -25.08
N GLY E 119 20.25 -25.71 -24.14
CA GLY E 119 21.03 -25.59 -22.91
C GLY E 119 21.31 -26.93 -22.29
N LYS E 120 22.30 -26.94 -21.38
CA LYS E 120 22.73 -28.17 -20.71
C LYS E 120 23.46 -27.84 -19.41
N ASN E 121 23.29 -28.72 -18.44
CA ASN E 121 24.04 -28.70 -17.18
C ASN E 121 24.65 -30.09 -16.97
N GLU E 122 25.96 -30.21 -17.20
CA GLU E 122 26.65 -31.50 -17.16
C GLU E 122 27.22 -31.88 -15.79
N ASP E 123 26.95 -31.08 -14.75
CA ASP E 123 27.21 -31.54 -13.40
C ASP E 123 26.60 -32.93 -13.23
N PRO E 124 27.37 -33.92 -12.76
CA PRO E 124 26.82 -35.28 -12.64
C PRO E 124 25.61 -35.38 -11.74
N THR E 125 25.53 -34.60 -10.66
CA THR E 125 24.37 -34.62 -9.78
C THR E 125 23.16 -33.91 -10.37
N VAL E 126 23.26 -33.37 -11.59
CA VAL E 126 22.20 -32.64 -12.28
C VAL E 126 21.97 -33.29 -13.65
N GLY E 127 22.94 -33.09 -14.54
CA GLY E 127 22.97 -33.72 -15.85
C GLY E 127 21.70 -33.61 -16.66
N THR E 128 21.53 -32.49 -17.36
CA THR E 128 20.28 -32.19 -18.05
C THR E 128 20.60 -31.52 -19.37
N LYS E 129 19.77 -31.79 -20.38
CA LYS E 129 19.94 -31.24 -21.72
C LYS E 129 18.57 -30.95 -22.32
N ALA E 130 18.40 -29.76 -22.91
CA ALA E 130 17.13 -29.38 -23.50
C ALA E 130 17.37 -28.59 -24.78
N THR E 131 16.55 -28.87 -25.81
CA THR E 131 16.68 -28.26 -27.12
C THR E 131 15.30 -28.11 -27.74
N SER E 132 15.12 -27.03 -28.48
CA SER E 132 13.88 -26.89 -29.26
C SER E 132 14.19 -26.09 -30.52
N ALA E 133 13.38 -26.34 -31.54
CA ALA E 133 13.56 -25.67 -32.82
C ALA E 133 12.26 -25.78 -33.59
N GLY E 134 11.87 -24.69 -34.22
CA GLY E 134 10.58 -24.62 -34.87
C GLY E 134 10.50 -23.44 -35.79
N VAL E 135 9.55 -23.48 -36.70
CA VAL E 135 9.33 -22.38 -37.62
C VAL E 135 7.85 -22.09 -37.66
N ALA E 136 7.53 -20.88 -38.13
CA ALA E 136 6.16 -20.45 -38.44
C ALA E 136 6.20 -19.66 -39.73
N VAL E 137 5.38 -20.03 -40.69
CA VAL E 137 5.31 -19.32 -41.96
C VAL E 137 3.87 -18.92 -42.16
N ALA E 138 3.65 -17.73 -42.71
CA ALA E 138 2.28 -17.24 -42.85
C ALA E 138 2.21 -16.23 -43.97
N ALA E 139 1.01 -16.09 -44.54
CA ALA E 139 0.79 -15.05 -45.54
C ALA E 139 -0.66 -14.59 -45.48
N SER E 140 -0.88 -13.33 -45.87
CA SER E 140 -2.20 -12.74 -45.88
C SER E 140 -2.28 -11.65 -46.94
N ASN E 141 -3.49 -11.46 -47.45
CA ASN E 141 -3.78 -10.37 -48.37
C ASN E 141 -4.91 -9.49 -47.84
N GLY E 142 -5.19 -9.60 -46.56
CA GLY E 142 -6.29 -8.90 -45.91
C GLY E 142 -7.60 -9.66 -45.87
N THR E 143 -7.90 -10.40 -46.95
CA THR E 143 -9.08 -11.26 -47.02
C THR E 143 -8.81 -12.65 -46.48
N TRP E 144 -7.65 -13.25 -46.81
CA TRP E 144 -7.30 -14.61 -46.44
C TRP E 144 -6.02 -14.63 -45.61
N ASP E 145 -6.06 -15.33 -44.48
CA ASP E 145 -4.87 -15.66 -43.68
C ASP E 145 -4.53 -17.14 -43.85
N PHE E 146 -3.26 -17.45 -44.08
CA PHE E 146 -2.73 -18.81 -44.05
C PHE E 146 -1.57 -18.82 -43.07
N GLU E 147 -1.72 -19.58 -41.99
CA GLU E 147 -0.68 -19.66 -40.97
C GLU E 147 -0.33 -21.12 -40.72
N LEU E 148 0.95 -21.44 -40.81
CA LEU E 148 1.46 -22.76 -40.45
C LEU E 148 2.52 -22.62 -39.37
N VAL E 149 2.41 -23.43 -38.32
CA VAL E 149 3.39 -23.48 -37.23
C VAL E 149 3.91 -24.91 -37.12
N GLN E 150 5.23 -25.07 -37.22
CA GLN E 150 5.89 -26.37 -37.34
C GLN E 150 6.92 -26.54 -36.24
N GLY E 151 6.74 -27.54 -35.39
CA GLY E 151 7.79 -27.92 -34.47
C GLY E 151 8.76 -28.90 -35.11
N PHE E 152 10.05 -28.55 -35.13
CA PHE E 152 11.07 -29.45 -35.65
C PHE E 152 11.68 -30.33 -34.57
N THR E 153 11.84 -29.79 -33.38
CA THR E 153 12.60 -30.47 -32.33
C THR E 153 12.15 -29.96 -30.97
N GLY E 154 11.85 -30.88 -30.08
CA GLY E 154 11.64 -30.50 -28.71
C GLY E 154 12.02 -31.64 -27.81
N LYS E 155 13.06 -31.44 -27.01
CA LYS E 155 13.54 -32.56 -26.19
C LYS E 155 14.16 -32.05 -24.90
N SER E 156 13.85 -32.71 -23.80
CA SER E 156 14.42 -32.38 -22.50
C SER E 156 14.72 -33.68 -21.77
N GLU E 157 15.98 -33.86 -21.35
CA GLU E 157 16.38 -35.09 -20.70
C GLU E 157 17.17 -34.80 -19.43
N LEU E 158 17.03 -35.73 -18.49
CA LEU E 158 17.57 -35.69 -17.15
C LEU E 158 18.20 -37.04 -16.87
N ASP E 159 19.48 -37.04 -16.50
CA ASP E 159 20.20 -38.27 -16.18
C ASP E 159 21.23 -37.91 -15.11
N ASN E 160 20.85 -38.09 -13.86
CA ASN E 160 21.81 -37.91 -12.77
C ASN E 160 22.29 -39.29 -12.32
N GLY E 161 22.76 -39.38 -11.08
CA GLY E 161 23.16 -40.69 -10.60
C GLY E 161 22.01 -41.63 -10.29
N THR E 162 20.84 -41.07 -9.99
CA THR E 162 19.77 -41.81 -9.32
C THR E 162 18.61 -42.17 -10.23
N VAL E 163 18.08 -41.19 -10.96
CA VAL E 163 16.94 -41.43 -11.83
C VAL E 163 17.28 -40.87 -13.20
N THR E 164 16.49 -41.30 -14.18
CA THR E 164 16.47 -40.69 -15.49
C THR E 164 15.04 -40.29 -15.79
N ALA E 165 14.92 -39.33 -16.70
CA ALA E 165 13.63 -38.98 -17.30
C ALA E 165 13.89 -38.19 -18.56
N GLU E 166 12.98 -38.30 -19.51
CA GLU E 166 13.09 -37.55 -20.76
C GLU E 166 11.69 -37.29 -21.29
N VAL E 167 11.56 -36.23 -22.07
CA VAL E 167 10.29 -35.96 -22.73
C VAL E 167 10.62 -35.32 -24.06
N GLU E 168 9.82 -35.64 -25.09
CA GLU E 168 10.24 -35.37 -26.46
C GLU E 168 9.03 -35.28 -27.39
N SER E 169 9.03 -34.23 -28.21
CA SER E 169 8.01 -34.00 -29.22
C SER E 169 8.25 -34.90 -30.43
N LYS E 170 7.25 -35.69 -30.80
CA LYS E 170 7.30 -36.50 -32.01
C LYS E 170 6.49 -35.89 -33.15
N GLY E 171 6.42 -34.56 -33.21
CA GLY E 171 5.62 -33.91 -34.22
C GLY E 171 4.67 -32.91 -33.62
N LEU E 172 4.77 -31.66 -34.07
CA LEU E 172 3.88 -30.59 -33.66
C LEU E 172 3.51 -29.82 -34.92
N THR E 173 2.27 -29.94 -35.37
CA THR E 173 1.80 -29.16 -36.52
C THR E 173 0.53 -28.42 -36.16
N ASN E 174 0.47 -27.16 -36.58
CA ASN E 174 -0.63 -26.25 -36.27
C ASN E 174 -0.95 -25.46 -37.53
N VAL E 175 -2.18 -25.52 -38.01
CA VAL E 175 -2.55 -24.87 -39.27
C VAL E 175 -3.82 -24.06 -39.06
N THR E 176 -3.80 -22.78 -39.46
CA THR E 176 -4.96 -21.91 -39.36
C THR E 176 -5.23 -21.26 -40.72
N VAL E 177 -6.49 -21.26 -41.14
CA VAL E 177 -6.97 -20.46 -42.27
C VAL E 177 -7.99 -19.48 -41.75
N GLY E 178 -7.91 -18.24 -42.22
CA GLY E 178 -8.88 -17.23 -41.84
C GLY E 178 -9.37 -16.50 -43.08
N TYR E 179 -10.64 -16.09 -43.01
CA TYR E 179 -11.31 -15.35 -44.07
C TYR E 179 -11.98 -14.12 -43.48
N HIS E 180 -11.70 -12.95 -44.06
CA HIS E 180 -12.27 -11.67 -43.62
C HIS E 180 -13.23 -11.14 -44.70
N SER E 182 -15.12 -8.69 -44.26
CA SER E 182 -15.07 -7.25 -44.05
C SER E 182 -14.02 -6.92 -43.00
N PRO E 183 -13.73 -5.65 -42.75
CA PRO E 183 -12.85 -5.33 -41.61
C PRO E 183 -13.45 -5.72 -40.27
N GLU E 184 -14.77 -5.93 -40.19
CA GLU E 184 -15.38 -6.24 -38.90
C GLU E 184 -15.55 -7.74 -38.65
N GLU E 186 -14.38 -11.93 -39.19
CA GLU E 186 -13.48 -12.99 -39.62
C GLU E 186 -14.06 -14.33 -39.19
N VAL E 187 -13.95 -15.32 -40.07
CA VAL E 187 -14.14 -16.72 -39.72
C VAL E 187 -12.78 -17.37 -39.88
N TYR E 188 -12.53 -18.42 -39.09
CA TYR E 188 -11.23 -19.07 -39.10
C TYR E 188 -11.42 -20.53 -38.73
N GLY E 189 -10.55 -21.36 -39.29
CA GLY E 189 -10.51 -22.77 -38.96
C GLY E 189 -9.09 -23.15 -38.62
N ASN E 190 -8.98 -24.11 -37.70
CA ASN E 190 -7.69 -24.45 -37.14
C ASN E 190 -7.62 -25.93 -36.83
N VAL E 191 -6.52 -26.58 -37.25
CA VAL E 191 -6.23 -27.97 -36.95
C VAL E 191 -4.89 -28.04 -36.26
N LYS E 192 -4.84 -28.72 -35.11
CA LYS E 192 -3.60 -28.91 -34.37
C LYS E 192 -3.39 -30.38 -34.03
N SER E 194 -0.44 -32.89 -32.24
CA SER E 194 0.82 -33.02 -31.55
C SER E 194 0.92 -34.40 -30.91
N LYS E 195 2.14 -34.91 -30.85
CA LYS E 195 2.48 -36.17 -30.23
C LYS E 195 3.66 -35.95 -29.31
N VAL E 196 3.62 -36.53 -28.10
CA VAL E 196 4.69 -36.39 -27.12
C VAL E 196 4.97 -37.75 -26.50
N GLU E 197 6.25 -38.15 -26.49
CA GLU E 197 6.71 -39.37 -25.83
C GLU E 197 7.57 -38.98 -24.65
N ALA E 198 7.37 -39.63 -23.51
CA ALA E 198 8.24 -39.38 -22.37
C ALA E 198 8.64 -40.69 -21.72
N ASP E 199 9.74 -40.64 -20.99
CA ASP E 199 10.22 -41.73 -20.16
C ASP E 199 10.41 -41.20 -18.75
N LEU E 200 9.71 -41.81 -17.80
CA LEU E 200 9.79 -41.45 -16.40
C LEU E 200 10.53 -42.54 -15.63
N ASN E 201 11.84 -42.63 -15.84
CA ASN E 201 12.67 -43.61 -15.16
C ASN E 201 12.24 -45.03 -15.55
N GLY E 202 12.41 -45.34 -16.82
CA GLY E 202 11.93 -46.63 -17.30
C GLY E 202 10.50 -46.66 -17.82
N THR E 203 9.53 -46.21 -17.03
CA THR E 203 8.15 -46.25 -17.50
C THR E 203 7.97 -45.34 -18.70
N PRO E 204 7.36 -45.81 -19.79
CA PRO E 204 7.14 -44.92 -20.94
C PRO E 204 5.73 -44.37 -20.95
N ILE E 205 5.58 -43.14 -21.46
CA ILE E 205 4.31 -42.45 -21.55
C ILE E 205 4.20 -41.87 -22.95
N GLU E 206 2.97 -41.78 -23.45
CA GLU E 206 2.72 -41.29 -24.80
C GLU E 206 1.39 -40.55 -24.79
N VAL E 207 1.40 -39.29 -25.22
CA VAL E 207 0.20 -38.48 -25.31
C VAL E 207 0.10 -37.91 -26.71
N GLU E 208 -1.01 -38.18 -27.38
CA GLU E 208 -1.27 -37.66 -28.72
C GLU E 208 -2.59 -36.87 -28.71
N THR E 209 -2.55 -35.65 -29.24
CA THR E 209 -3.69 -34.74 -29.17
C THR E 209 -4.00 -34.16 -30.54
N THR E 210 -5.26 -34.27 -30.95
CA THR E 210 -5.71 -33.61 -32.18
C THR E 210 -6.92 -32.74 -31.87
N SER E 211 -6.90 -31.51 -32.38
CA SER E 211 -8.00 -30.60 -32.14
C SER E 211 -8.39 -29.86 -33.41
N TYR E 212 -9.70 -29.70 -33.57
CA TYR E 212 -10.32 -28.97 -34.66
C TYR E 212 -11.11 -27.81 -34.07
N LYS E 213 -10.95 -26.62 -34.64
CA LYS E 213 -11.58 -25.41 -34.14
C LYS E 213 -12.14 -24.64 -35.31
N VAL E 214 -13.40 -24.24 -35.20
CA VAL E 214 -14.01 -23.31 -36.15
C VAL E 214 -14.59 -22.15 -35.37
N GLY E 215 -14.29 -20.92 -35.79
CA GLY E 215 -14.75 -19.78 -35.02
C GLY E 215 -14.95 -18.52 -35.85
N VAL E 217 -14.95 -14.04 -35.12
CA VAL E 217 -14.75 -12.91 -34.24
C VAL E 217 -15.18 -11.66 -34.99
N ASN E 218 -16.00 -10.83 -34.36
CA ASN E 218 -16.48 -9.60 -34.95
C ASN E 218 -16.03 -8.43 -34.10
N THR E 219 -15.73 -7.33 -34.76
CA THR E 219 -15.48 -6.06 -34.11
C THR E 219 -16.47 -5.01 -34.63
N LEU E 220 -16.76 -4.02 -33.81
CA LEU E 220 -17.60 -2.91 -34.26
C LEU E 220 -16.89 -2.10 -35.34
N ALA E 221 -17.67 -1.28 -36.05
CA ALA E 221 -17.12 -0.31 -36.97
C ALA E 221 -16.03 0.52 -36.28
N LYS E 222 -14.80 0.44 -36.81
CA LYS E 222 -13.63 1.02 -36.14
C LYS E 222 -13.88 2.45 -35.69
N SER E 223 -13.71 2.68 -34.39
CA SER E 223 -13.76 4.02 -33.82
C SER E 223 -12.40 4.34 -33.22
N GLU E 224 -12.11 5.64 -33.07
CA GLU E 224 -10.86 6.05 -32.44
C GLU E 224 -10.86 5.78 -30.94
N GLU E 225 -11.96 5.28 -30.39
CA GLU E 225 -12.11 5.18 -28.95
C GLU E 225 -12.18 3.74 -28.45
N GLY E 226 -13.31 3.07 -28.67
CA GLY E 226 -13.57 1.80 -28.00
C GLY E 226 -13.76 0.59 -28.88
N ASN E 227 -12.68 -0.18 -29.11
CA ASN E 227 -12.76 -1.46 -29.85
C ASN E 227 -13.48 -2.51 -29.02
N PHE E 228 -14.78 -2.71 -29.26
CA PHE E 228 -15.53 -3.82 -28.68
C PHE E 228 -15.49 -5.01 -29.64
N PHE E 229 -15.55 -6.22 -29.07
CA PHE E 229 -15.44 -7.45 -29.87
C PHE E 229 -16.14 -8.59 -29.15
N TYR E 230 -16.59 -9.58 -29.94
CA TYR E 230 -17.17 -10.82 -29.45
C TYR E 230 -16.85 -11.92 -30.45
N GLY E 231 -16.77 -13.16 -29.96
CA GLY E 231 -16.47 -14.31 -30.81
C GLY E 231 -17.14 -15.57 -30.33
N VAL E 232 -17.31 -16.51 -31.26
CA VAL E 232 -17.80 -17.85 -30.97
C VAL E 232 -16.84 -18.84 -31.61
N GLU E 233 -16.43 -19.84 -30.83
CA GLU E 233 -15.56 -20.89 -31.34
C GLU E 233 -16.09 -22.24 -30.88
N VAL E 234 -16.14 -23.21 -31.79
CA VAL E 234 -16.41 -24.59 -31.44
C VAL E 234 -15.12 -25.39 -31.60
N ALA E 235 -14.79 -26.20 -30.58
CA ALA E 235 -13.48 -26.84 -30.46
C ALA E 235 -13.64 -28.30 -30.02
N SER E 236 -13.28 -29.21 -30.91
CA SER E 236 -13.21 -30.64 -30.60
C SER E 236 -11.77 -31.00 -30.31
N THR E 237 -11.52 -31.60 -29.16
CA THR E 237 -10.20 -32.08 -28.81
C THR E 237 -10.26 -33.57 -28.46
N LYS E 238 -9.32 -34.34 -29.01
CA LYS E 238 -9.23 -35.78 -28.82
C LYS E 238 -7.81 -36.09 -28.35
N VAL E 239 -7.69 -36.56 -27.12
CA VAL E 239 -6.46 -37.14 -26.61
C VAL E 239 -6.61 -38.64 -26.69
N LYS E 240 -5.78 -39.28 -27.51
CA LYS E 240 -5.93 -40.68 -27.88
C LYS E 240 -6.08 -41.59 -26.67
N ASP E 241 -7.08 -42.48 -26.71
CA ASP E 241 -7.32 -43.45 -25.64
C ASP E 241 -7.31 -42.76 -24.27
N ASP E 242 -7.74 -41.51 -24.22
CA ASP E 242 -7.69 -40.73 -23.00
C ASP E 242 -8.97 -39.92 -22.77
N SER E 243 -9.30 -39.00 -23.69
CA SER E 243 -10.46 -38.16 -23.43
C SER E 243 -10.85 -37.41 -24.69
N GLU E 244 -12.07 -36.92 -24.69
CA GLU E 244 -12.58 -36.10 -25.79
C GLU E 244 -13.41 -34.97 -25.21
N SER E 245 -13.12 -33.74 -25.63
CA SER E 245 -13.93 -32.59 -25.21
C SER E 245 -14.51 -31.89 -26.43
N LEU E 246 -15.73 -31.40 -26.28
CA LEU E 246 -16.38 -30.60 -27.31
C LEU E 246 -16.88 -29.32 -26.64
N LEU E 247 -16.21 -28.20 -26.89
CA LEU E 247 -16.47 -26.95 -26.19
C LEU E 247 -16.89 -25.85 -27.14
N LEU E 248 -17.77 -24.97 -26.67
CA LEU E 248 -18.25 -23.82 -27.45
C LEU E 248 -18.00 -22.53 -26.66
N PRO E 249 -16.73 -22.09 -26.57
CA PRO E 249 -16.44 -20.82 -25.90
C PRO E 249 -17.04 -19.63 -26.62
N VAL E 250 -17.67 -18.75 -25.85
CA VAL E 250 -18.24 -17.49 -26.33
C VAL E 250 -17.60 -16.37 -25.52
N TYR E 251 -17.14 -15.33 -26.20
CA TYR E 251 -16.44 -14.28 -25.48
C TYR E 251 -16.74 -12.91 -26.07
N GLY E 253 -15.21 -8.56 -25.30
CA GLY E 253 -14.31 -7.74 -24.53
C GLY E 253 -14.25 -6.37 -25.15
N VAL E 254 -13.41 -5.54 -24.56
CA VAL E 254 -13.28 -4.16 -25.02
C VAL E 254 -11.87 -3.69 -24.75
N GLU E 255 -11.31 -2.93 -25.70
CA GLU E 255 -10.12 -2.14 -25.49
C GLU E 255 -10.54 -0.68 -25.64
N HIS E 256 -10.47 0.08 -24.56
CA HIS E 256 -10.91 1.47 -24.56
C HIS E 256 -9.77 2.43 -24.23
N ASN E 257 -9.60 3.43 -25.08
CA ASN E 257 -8.78 4.59 -24.78
C ASN E 257 -9.54 5.46 -23.80
N ALA E 258 -9.42 5.12 -22.51
CA ALA E 258 -10.16 5.83 -21.47
C ALA E 258 -9.59 7.22 -21.16
N ALA E 259 -8.30 7.44 -21.37
CA ALA E 259 -7.67 8.73 -21.07
C ALA E 259 -6.38 8.82 -21.87
N SER E 260 -5.84 10.02 -21.97
CA SER E 260 -4.58 10.18 -22.69
C SER E 260 -3.46 9.34 -22.06
N TRP E 261 -3.59 8.97 -20.79
CA TRP E 261 -2.62 8.10 -20.15
C TRP E 261 -3.15 6.69 -19.89
N LEU E 262 -4.37 6.34 -20.33
CA LEU E 262 -5.01 5.15 -19.81
C LEU E 262 -5.74 4.38 -20.89
N VAL E 263 -5.31 3.14 -21.11
CA VAL E 263 -6.05 2.12 -21.87
C VAL E 263 -6.63 1.14 -20.87
N LEU E 264 -7.91 0.80 -21.02
CA LEU E 264 -8.54 -0.22 -20.18
C LEU E 264 -8.93 -1.39 -21.05
N ARG E 265 -8.72 -2.60 -20.53
CA ARG E 265 -9.00 -3.82 -21.29
C ARG E 265 -9.74 -4.80 -20.39
N ALA E 266 -10.78 -5.42 -20.92
CA ALA E 266 -11.58 -6.36 -20.16
C ALA E 266 -12.26 -7.34 -21.11
N SER E 267 -12.47 -8.55 -20.63
CA SER E 267 -13.20 -9.50 -21.46
C SER E 267 -13.77 -10.58 -20.56
N VAL E 268 -14.79 -11.24 -21.06
CA VAL E 268 -15.47 -12.31 -20.35
C VAL E 268 -15.80 -13.43 -21.34
N ALA E 269 -15.75 -14.65 -20.86
CA ALA E 269 -16.00 -15.82 -21.68
C ALA E 269 -16.72 -16.88 -20.87
N GLN E 270 -17.44 -17.73 -21.60
CA GLN E 270 -18.05 -18.92 -21.03
C GLN E 270 -18.27 -19.92 -22.15
N ASN E 271 -18.19 -21.21 -21.80
CA ASN E 271 -18.59 -22.28 -22.70
C ASN E 271 -20.11 -22.41 -22.67
N VAL E 272 -20.74 -22.11 -23.81
CA VAL E 272 -22.23 -22.11 -23.87
C VAL E 272 -22.74 -23.37 -24.58
N ILE E 273 -23.69 -24.08 -23.98
CA ILE E 273 -24.30 -25.32 -24.56
C ILE E 273 -23.28 -26.46 -24.55
N LEU E 274 -22.16 -26.27 -25.21
CA LEU E 274 -21.17 -27.37 -25.31
C LEU E 274 -20.06 -27.15 -24.30
N ASN E 275 -19.96 -28.04 -23.30
CA ASN E 275 -18.92 -27.92 -22.28
C ASN E 275 -18.40 -29.27 -21.80
N GLU E 276 -18.63 -30.35 -22.55
CA GLU E 276 -18.39 -31.70 -22.04
C GLU E 276 -17.00 -32.23 -22.40
N THR E 277 -16.29 -32.71 -21.37
CA THR E 277 -15.17 -33.61 -21.52
C THR E 277 -15.62 -35.01 -21.12
N LYS E 278 -15.55 -35.96 -22.05
CA LYS E 278 -15.85 -37.37 -21.81
C LYS E 278 -14.55 -38.16 -21.66
N ASP E 279 -14.47 -38.95 -20.59
CA ASP E 279 -13.35 -39.86 -20.42
C ASP E 279 -13.51 -41.08 -21.34
N ASP E 280 -12.41 -41.49 -21.95
CA ASP E 280 -12.48 -42.50 -23.00
C ASP E 280 -12.94 -43.85 -22.45
N ALA E 281 -12.21 -44.37 -21.47
CA ALA E 281 -12.51 -45.67 -20.85
C ALA E 281 -13.95 -45.74 -20.34
N THR E 282 -14.26 -44.94 -19.31
CA THR E 282 -15.53 -45.03 -18.61
C THR E 282 -16.70 -44.42 -19.39
N GLY E 283 -16.45 -43.40 -20.21
CA GLY E 283 -17.55 -42.63 -20.78
C GLY E 283 -18.18 -41.64 -19.82
N ASN E 284 -17.62 -41.50 -18.62
CA ASN E 284 -18.04 -40.47 -17.69
C ASN E 284 -17.79 -39.08 -18.28
N LYS E 285 -18.73 -38.18 -18.03
CA LYS E 285 -18.67 -36.82 -18.56
C LYS E 285 -18.33 -35.85 -17.42
N THR E 286 -17.45 -34.89 -17.73
CA THR E 286 -17.20 -33.74 -16.86
C THR E 286 -17.79 -32.50 -17.51
N ASP E 287 -18.63 -31.80 -16.77
CA ASP E 287 -19.34 -30.63 -17.30
C ASP E 287 -19.43 -29.58 -16.18
N GLU E 288 -18.38 -28.78 -16.05
CA GLU E 288 -18.27 -27.89 -14.91
C GLU E 288 -18.14 -26.42 -15.33
N ASP E 289 -18.32 -25.52 -14.37
CA ASP E 289 -18.29 -24.06 -14.63
C ASP E 289 -17.11 -23.64 -15.50
N SER E 290 -17.35 -22.74 -16.46
CA SER E 290 -16.32 -22.27 -17.40
C SER E 290 -16.24 -20.74 -17.40
N THR E 291 -17.13 -20.07 -16.70
CA THR E 291 -17.03 -18.62 -16.72
C THR E 291 -15.63 -18.16 -16.34
N ARG E 292 -15.12 -17.16 -17.07
CA ARG E 292 -13.82 -16.60 -16.75
C ARG E 292 -13.81 -15.16 -17.26
N ALA E 294 -11.11 -11.34 -17.58
CA ALA E 294 -9.75 -10.83 -17.67
C ALA E 294 -9.81 -9.32 -17.63
N ALA E 295 -8.85 -8.70 -16.95
CA ALA E 295 -8.79 -7.24 -16.85
C ALA E 295 -7.34 -6.79 -16.88
N GLY E 296 -7.06 -5.77 -17.68
CA GLY E 296 -5.74 -5.21 -17.71
C GLY E 296 -5.75 -3.72 -18.00
N ALA E 297 -4.63 -3.02 -18.00
CA ALA E 297 -4.51 -1.62 -18.34
C ALA E 297 -3.25 -1.41 -19.14
N GLY E 298 -3.24 -0.30 -19.89
CA GLY E 298 -2.02 0.29 -20.40
C GLY E 298 -1.87 1.68 -19.81
N ILE E 299 -0.70 2.00 -19.27
CA ILE E 299 -0.35 3.37 -18.85
C ILE E 299 0.48 3.99 -19.96
N LYS E 300 0.05 5.15 -20.48
CA LYS E 300 0.57 5.71 -21.72
C LYS E 300 1.35 7.00 -21.45
N PHE E 301 2.61 7.01 -21.85
CA PHE E 301 3.43 8.22 -21.91
C PHE E 301 4.00 8.33 -23.33
N GLY E 302 3.12 8.67 -24.27
CA GLY E 302 3.53 8.83 -25.64
C GLY E 302 4.18 7.58 -26.16
N LYS E 303 5.47 7.67 -26.48
CA LYS E 303 6.14 6.55 -27.09
C LYS E 303 6.37 5.38 -26.12
N SER E 304 6.26 5.61 -24.80
CA SER E 304 6.40 4.57 -23.78
C SER E 304 5.02 4.10 -23.32
N VAL E 305 4.80 2.79 -23.27
CA VAL E 305 3.59 2.25 -22.70
C VAL E 305 3.94 1.14 -21.72
N ILE E 306 3.35 1.18 -20.52
CA ILE E 306 3.53 0.16 -19.51
C ILE E 306 2.25 -0.65 -19.43
N ASP E 307 2.30 -1.91 -19.85
CA ASP E 307 1.13 -2.76 -19.87
C ASP E 307 1.07 -3.66 -18.63
N ALA E 308 -0.14 -3.96 -18.18
CA ALA E 308 -0.23 -4.81 -17.00
C ALA E 308 -1.59 -5.48 -16.94
N SER E 309 -1.66 -6.50 -16.10
CA SER E 309 -2.92 -7.10 -15.69
C SER E 309 -3.33 -6.54 -14.33
N PHE E 310 -4.63 -6.46 -14.11
CA PHE E 310 -5.10 -6.11 -12.79
C PHE E 310 -4.95 -7.34 -11.90
N ALA E 311 -3.96 -7.30 -11.01
CA ALA E 311 -3.60 -8.51 -10.27
C ALA E 311 -4.78 -9.03 -9.44
N GLY E 312 -5.68 -8.14 -9.02
CA GLY E 312 -6.83 -8.53 -8.22
C GLY E 312 -8.04 -8.96 -9.02
N SER E 313 -7.90 -9.16 -10.32
CA SER E 313 -9.07 -9.44 -11.16
C SER E 313 -9.81 -10.70 -10.72
N THR E 314 -9.09 -11.77 -10.32
CA THR E 314 -9.76 -13.02 -9.94
C THR E 314 -10.43 -12.95 -8.56
N THR E 315 -10.10 -11.97 -7.73
CA THR E 315 -10.76 -11.81 -6.44
C THR E 315 -11.58 -10.53 -6.35
N GLY E 316 -11.72 -9.78 -7.45
CA GLY E 316 -12.59 -8.60 -7.43
C GLY E 316 -12.05 -7.37 -6.74
N VAL E 317 -10.73 -7.26 -6.50
CA VAL E 317 -10.19 -6.19 -5.67
C VAL E 317 -9.22 -5.34 -6.48
N ILE E 318 -9.11 -4.06 -6.08
CA ILE E 318 -8.04 -3.18 -6.50
C ILE E 318 -7.50 -2.51 -5.24
N ASN E 319 -6.22 -2.73 -4.94
CA ASN E 319 -5.65 -2.23 -3.71
C ASN E 319 -4.12 -2.24 -3.82
N ALA E 320 -3.45 -1.77 -2.78
CA ALA E 320 -2.01 -1.56 -2.81
C ALA E 320 -1.23 -2.85 -3.05
N ASN E 321 -1.73 -3.97 -2.58
CA ASN E 321 -1.06 -5.24 -2.85
C ASN E 321 -1.51 -5.92 -4.15
N ASN E 322 -2.62 -5.45 -4.71
CA ASN E 322 -3.17 -6.09 -5.92
C ASN E 322 -3.47 -5.01 -6.97
N LEU E 323 -2.43 -4.41 -7.54
CA LEU E 323 -2.63 -3.41 -8.62
C LEU E 323 -2.19 -4.01 -9.94
N PHE E 324 -0.88 -4.02 -10.20
CA PHE E 324 -0.39 -4.45 -11.53
C PHE E 324 0.50 -5.68 -11.47
N SER E 325 0.20 -6.69 -12.29
CA SER E 325 1.03 -7.88 -12.43
C SER E 325 1.18 -8.14 -13.92
N GLN E 326 2.06 -9.09 -14.23
CA GLN E 326 2.39 -9.39 -15.62
C GLN E 326 2.79 -8.12 -16.37
N VAL E 327 3.62 -7.28 -15.73
CA VAL E 327 3.97 -6.01 -16.33
C VAL E 327 4.89 -6.20 -17.51
N ALA E 328 4.70 -5.36 -18.53
CA ALA E 328 5.58 -5.29 -19.69
C ALA E 328 5.77 -3.82 -20.04
N TYR E 329 6.83 -3.53 -20.80
CA TYR E 329 7.19 -2.18 -21.21
C TYR E 329 7.38 -2.18 -22.72
N THR E 330 6.85 -1.17 -23.40
CA THR E 330 7.03 -1.10 -24.85
C THR E 330 7.37 0.33 -25.28
N TYR E 331 8.42 0.47 -26.08
CA TYR E 331 8.80 1.76 -26.63
C TYR E 331 8.53 1.74 -28.12
N THR E 332 7.57 2.57 -28.58
CA THR E 332 7.25 2.68 -30.00
C THR E 332 7.98 3.87 -30.62
N PHE E 333 8.95 3.61 -31.49
CA PHE E 333 9.81 4.64 -32.04
C PHE E 333 9.08 5.73 -32.81
#